data_6H4T
#
_entry.id   6H4T
#
_cell.length_a   57.860
_cell.length_b   101.812
_cell.length_c   142.680
_cell.angle_alpha   90.00
_cell.angle_beta   99.20
_cell.angle_gamma   90.00
#
_symmetry.space_group_name_H-M   'P 1 21 1'
#
loop_
_entity.id
_entity.type
_entity.pdbx_description
1 polymer 'Lysine-specific demethylase 4A'
2 non-polymer 'ZINC ION'
3 non-polymer "8-[4-(2-spiro[1,2-dihydroindene-3,4'-piperidine]-1'-ylethyl)pyrazol-1-yl]-3~{H}-pyrido[3,4-d]pyrimidin-4-one"
4 non-polymer 'CHLORIDE ION'
5 non-polymer GLYCEROL
6 non-polymer 'DIMETHYL SULFOXIDE'
7 water water
#
_entity_poly.entity_id   1
_entity_poly.type   'polypeptide(L)'
_entity_poly.pdbx_seq_one_letter_code
;SMASESETLNPSARIMTFYPTMEEFRNFSRYIAYIESQGAHRAGLAKVVPPKEWKPRASYDDIDDLVIPAPIQQLVTGQS
GLFTQYNIQKKAMTVREFRKIANSDKYCTPRYSEFEELERKYWKNLTFNPPIYGADVNGTLYEKHVDEWNIGRLRTILDL
VEKESGITIEGVNTPYLYFGMWKTSFAWHTEDMDLYSINYLHFGEPKSWYSVPPEHGKRLERLAKGFFPGSAQSCEAFLR
HKMTLISPLMLKKYGIPFDKVTQEAGEFMITFPYGYHAGFNHGFNCAESTNFATRRWIEYGKQAVLCSCRKDMVKISMDV
FVRKFQPERYKLWKAGKDNTVIDHTLPTPEAAEFLKESEL
;
_entity_poly.pdbx_strand_id   A,B,C,D
#
loop_
_chem_comp.id
_chem_comp.type
_chem_comp.name
_chem_comp.formula
CL non-polymer 'CHLORIDE ION' 'Cl -1'
DMS non-polymer 'DIMETHYL SULFOXIDE' 'C2 H6 O S'
FOW non-polymer 8-[4-(2-spiro[1,2-dihydroindene-3,4'-piperidine]-1'-ylethyl)pyrazol-1-yl]-3~{H}-pyrido[3,4-d]pyrimidin-4-one 'C25 H26 N6 O'
GOL non-polymer GLYCEROL 'C3 H8 O3'
ZN non-polymer 'ZINC ION' 'Zn 2'
#
# COMPACT_ATOMS: atom_id res chain seq x y z
N THR A 8 -43.11 18.26 11.93
CA THR A 8 -44.44 17.79 11.51
C THR A 8 -44.36 16.61 10.52
N LEU A 9 -43.31 16.58 9.66
CA LEU A 9 -43.05 15.51 8.68
C LEU A 9 -42.20 14.42 9.38
N ASN A 10 -42.67 13.14 9.32
CA ASN A 10 -42.08 11.96 9.98
C ASN A 10 -41.87 12.26 11.49
N PRO A 11 -42.92 12.65 12.24
CA PRO A 11 -42.71 12.98 13.67
C PRO A 11 -42.24 11.79 14.52
N SER A 12 -42.52 10.58 14.01
CA SER A 12 -42.18 9.29 14.59
C SER A 12 -40.69 8.96 14.45
N ALA A 13 -39.99 9.63 13.50
CA ALA A 13 -38.57 9.46 13.18
C ALA A 13 -38.25 7.99 12.84
N ARG A 14 -39.19 7.32 12.14
CA ARG A 14 -39.07 5.92 11.71
C ARG A 14 -38.40 5.84 10.34
N ILE A 15 -37.63 4.76 10.08
CA ILE A 15 -36.93 4.55 8.80
C ILE A 15 -37.95 4.46 7.66
N MET A 16 -37.76 5.32 6.65
CA MET A 16 -38.60 5.39 5.47
C MET A 16 -37.98 4.72 4.27
N THR A 17 -38.82 4.10 3.41
CA THR A 17 -38.42 3.41 2.18
C THR A 17 -39.02 4.12 0.98
N PHE A 18 -38.20 4.35 -0.05
CA PHE A 18 -38.56 5.06 -1.27
C PHE A 18 -38.39 4.18 -2.49
N TYR A 19 -39.33 4.31 -3.44
CA TYR A 19 -39.38 3.58 -4.70
C TYR A 19 -39.40 4.56 -5.88
N PRO A 20 -38.27 5.26 -6.19
CA PRO A 20 -38.28 6.22 -7.30
C PRO A 20 -38.47 5.59 -8.67
N THR A 21 -39.11 6.33 -9.57
CA THR A 21 -39.30 5.94 -10.96
C THR A 21 -37.94 6.19 -11.62
N MET A 22 -37.73 5.72 -12.86
CA MET A 22 -36.47 5.96 -13.55
C MET A 22 -36.16 7.47 -13.70
N GLU A 23 -37.22 8.30 -13.90
CA GLU A 23 -37.15 9.76 -14.04
C GLU A 23 -36.67 10.44 -12.76
N GLU A 24 -37.29 10.07 -11.60
CA GLU A 24 -36.95 10.59 -10.26
C GLU A 24 -35.52 10.21 -9.85
N PHE A 25 -35.14 8.95 -10.13
CA PHE A 25 -33.86 8.34 -9.81
C PHE A 25 -32.65 8.98 -10.53
N ARG A 26 -32.83 9.52 -11.74
CA ARG A 26 -31.73 10.11 -12.52
C ARG A 26 -30.95 11.26 -11.84
N ASN A 27 -31.61 12.16 -11.06
CA ASN A 27 -30.90 13.25 -10.36
C ASN A 27 -30.76 12.89 -8.87
N PHE A 28 -29.56 12.40 -8.49
CA PHE A 28 -29.20 11.95 -7.14
C PHE A 28 -29.47 12.98 -6.07
N SER A 29 -28.78 14.13 -6.13
CA SER A 29 -28.87 15.25 -5.19
C SER A 29 -30.28 15.78 -5.02
N ARG A 30 -31.05 15.84 -6.12
CA ARG A 30 -32.46 16.27 -6.13
C ARG A 30 -33.28 15.25 -5.36
N TYR A 31 -33.00 13.95 -5.57
CA TYR A 31 -33.75 12.90 -4.88
C TYR A 31 -33.48 12.88 -3.38
N ILE A 32 -32.27 13.26 -2.97
CA ILE A 32 -31.89 13.36 -1.56
C ILE A 32 -32.72 14.50 -0.96
N ALA A 33 -32.78 15.65 -1.66
CA ALA A 33 -33.58 16.81 -1.27
C ALA A 33 -35.05 16.43 -1.15
N TYR A 34 -35.55 15.64 -2.09
CA TYR A 34 -36.92 15.16 -2.03
C TYR A 34 -37.19 14.28 -0.82
N ILE A 35 -36.31 13.36 -0.49
CA ILE A 35 -36.55 12.51 0.68
C ILE A 35 -36.44 13.27 1.98
N GLU A 36 -35.65 14.32 2.02
CA GLU A 36 -35.57 15.15 3.20
C GLU A 36 -36.90 15.91 3.32
N SER A 37 -37.43 16.43 2.22
CA SER A 37 -38.75 17.13 2.27
C SER A 37 -39.83 16.25 2.93
N GLN A 38 -39.68 14.90 2.79
CA GLN A 38 -40.55 13.82 3.29
C GLN A 38 -40.27 13.40 4.74
N GLY A 39 -39.20 13.94 5.33
CA GLY A 39 -38.82 13.65 6.71
C GLY A 39 -37.88 12.49 6.88
N ALA A 40 -37.39 11.88 5.79
CA ALA A 40 -36.51 10.70 5.81
C ALA A 40 -35.33 10.86 6.75
N HIS A 41 -34.76 12.07 6.76
CA HIS A 41 -33.57 12.44 7.54
C HIS A 41 -33.76 12.37 9.06
N ARG A 42 -35.01 12.45 9.54
CA ARG A 42 -35.35 12.40 10.96
C ARG A 42 -35.00 11.09 11.63
N ALA A 43 -35.10 9.97 10.90
CA ALA A 43 -34.74 8.65 11.38
C ALA A 43 -33.23 8.46 11.39
N GLY A 44 -32.54 9.22 10.53
CA GLY A 44 -31.10 9.15 10.35
C GLY A 44 -30.64 8.13 9.33
N LEU A 45 -31.59 7.32 8.85
CA LEU A 45 -31.35 6.25 7.91
C LEU A 45 -32.58 6.09 7.05
N ALA A 46 -32.38 5.94 5.72
CA ALA A 46 -33.46 5.72 4.76
C ALA A 46 -33.03 4.66 3.75
N LYS A 47 -34.02 3.92 3.23
CA LYS A 47 -33.82 2.92 2.19
C LYS A 47 -34.39 3.44 0.86
N VAL A 48 -33.63 3.23 -0.22
CA VAL A 48 -34.07 3.61 -1.57
C VAL A 48 -33.94 2.38 -2.43
N VAL A 49 -35.07 1.88 -2.90
CA VAL A 49 -35.13 0.72 -3.78
C VAL A 49 -35.13 1.29 -5.23
N PRO A 50 -34.10 0.99 -6.05
CA PRO A 50 -34.06 1.56 -7.40
C PRO A 50 -35.05 0.91 -8.36
N PRO A 51 -35.50 1.61 -9.46
CA PRO A 51 -36.40 0.93 -10.42
C PRO A 51 -35.74 -0.33 -11.00
N LYS A 52 -36.52 -1.42 -11.14
CA LYS A 52 -36.08 -2.73 -11.62
C LYS A 52 -35.12 -2.69 -12.82
N GLU A 53 -35.39 -1.77 -13.77
CA GLU A 53 -34.63 -1.60 -14.99
C GLU A 53 -33.16 -1.18 -14.72
N TRP A 54 -32.90 -0.50 -13.57
CA TRP A 54 -31.56 -0.06 -13.19
C TRP A 54 -30.67 -1.19 -12.63
N LYS A 55 -29.42 -1.27 -13.15
CA LYS A 55 -28.38 -2.20 -12.75
C LYS A 55 -27.01 -1.49 -12.84
N PRO A 56 -26.15 -1.52 -11.80
CA PRO A 56 -24.86 -0.82 -11.90
C PRO A 56 -23.75 -1.59 -12.63
N ARG A 57 -23.96 -2.89 -12.85
CA ARG A 57 -23.02 -3.81 -13.47
C ARG A 57 -23.81 -4.98 -14.01
N ALA A 58 -23.48 -5.43 -15.21
CA ALA A 58 -24.15 -6.52 -15.86
C ALA A 58 -24.01 -7.84 -15.13
N SER A 59 -22.81 -8.13 -14.66
CA SER A 59 -22.56 -9.35 -13.93
C SER A 59 -21.42 -9.21 -12.93
N TYR A 60 -21.43 -10.06 -11.93
CA TYR A 60 -20.42 -10.06 -10.89
C TYR A 60 -19.57 -11.31 -10.95
N ASP A 61 -19.53 -11.98 -12.09
CA ASP A 61 -18.77 -13.22 -12.20
C ASP A 61 -17.30 -13.09 -12.58
N ASP A 62 -16.83 -11.87 -12.75
CA ASP A 62 -15.44 -11.62 -13.08
C ASP A 62 -14.59 -11.06 -11.94
N ILE A 63 -15.08 -11.11 -10.71
CA ILE A 63 -14.35 -10.54 -9.58
C ILE A 63 -13.59 -11.47 -8.63
N ASP A 64 -13.53 -12.75 -8.95
CA ASP A 64 -12.86 -13.77 -8.10
C ASP A 64 -11.42 -13.48 -7.73
N ASP A 65 -10.68 -12.82 -8.65
CA ASP A 65 -9.29 -12.43 -8.48
C ASP A 65 -9.11 -11.01 -7.97
N LEU A 66 -10.21 -10.37 -7.56
CA LEU A 66 -10.14 -9.05 -6.94
C LEU A 66 -9.49 -9.27 -5.57
N VAL A 67 -8.45 -8.47 -5.28
CA VAL A 67 -7.73 -8.54 -4.03
C VAL A 67 -8.40 -7.66 -2.97
N ILE A 68 -8.60 -8.26 -1.79
CA ILE A 68 -9.03 -7.63 -0.54
C ILE A 68 -7.67 -7.43 0.19
N PRO A 69 -7.09 -6.20 0.13
CA PRO A 69 -5.73 -6.00 0.68
C PRO A 69 -5.55 -6.20 2.17
N ALA A 70 -6.57 -5.87 2.97
CA ALA A 70 -6.45 -5.94 4.43
C ALA A 70 -7.69 -6.55 5.08
N PRO A 71 -7.94 -7.87 4.97
CA PRO A 71 -9.11 -8.44 5.66
C PRO A 71 -8.92 -8.30 7.17
N ILE A 72 -10.01 -8.12 7.90
CA ILE A 72 -9.93 -7.99 9.36
C ILE A 72 -10.69 -9.11 10.06
N GLN A 73 -10.03 -9.82 10.96
CA GLN A 73 -10.73 -10.78 11.80
C GLN A 73 -11.32 -9.94 12.98
N GLN A 74 -12.63 -10.07 13.21
CA GLN A 74 -13.32 -9.25 14.21
C GLN A 74 -13.52 -10.02 15.50
N LEU A 75 -12.70 -9.69 16.50
CA LEU A 75 -12.74 -10.25 17.85
C LEU A 75 -13.65 -9.34 18.66
N VAL A 76 -14.64 -9.90 19.34
CA VAL A 76 -15.62 -9.16 20.14
C VAL A 76 -15.55 -9.66 21.58
N THR A 77 -15.48 -8.70 22.51
CA THR A 77 -15.45 -8.94 23.93
C THR A 77 -16.58 -8.20 24.60
N GLY A 78 -17.26 -8.88 25.51
CA GLY A 78 -18.36 -8.28 26.25
C GLY A 78 -19.39 -9.26 26.75
N GLN A 79 -20.46 -8.70 27.30
CA GLN A 79 -21.59 -9.41 27.88
C GLN A 79 -22.71 -8.40 28.11
N SER A 80 -23.92 -8.91 28.42
CA SER A 80 -25.11 -8.14 28.76
C SER A 80 -25.41 -6.96 27.79
N GLY A 81 -25.28 -7.22 26.51
CA GLY A 81 -25.57 -6.24 25.46
C GLY A 81 -24.53 -5.20 25.16
N LEU A 82 -23.40 -5.21 25.87
CA LEU A 82 -22.31 -4.24 25.67
C LEU A 82 -21.08 -4.98 25.25
N PHE A 83 -20.53 -4.58 24.11
CA PHE A 83 -19.34 -5.24 23.53
C PHE A 83 -18.35 -4.27 22.92
N THR A 84 -17.10 -4.70 22.84
CA THR A 84 -15.99 -3.99 22.19
C THR A 84 -15.42 -4.90 21.12
N GLN A 85 -15.34 -4.37 19.90
CA GLN A 85 -14.80 -5.07 18.77
C GLN A 85 -13.37 -4.65 18.48
N TYR A 86 -12.48 -5.63 18.38
CA TYR A 86 -11.05 -5.50 18.08
C TYR A 86 -10.78 -6.10 16.74
N ASN A 87 -10.12 -5.32 15.87
CA ASN A 87 -9.80 -5.74 14.51
C ASN A 87 -8.39 -6.28 14.44
N ILE A 88 -8.25 -7.46 13.81
CA ILE A 88 -6.95 -8.10 13.61
C ILE A 88 -6.74 -8.13 12.11
N GLN A 89 -5.78 -7.33 11.60
CA GLN A 89 -5.49 -7.31 10.16
C GLN A 89 -4.80 -8.60 9.78
N LYS A 90 -5.34 -9.23 8.73
CA LYS A 90 -4.84 -10.47 8.20
C LYS A 90 -4.22 -10.12 6.86
N LYS A 91 -3.41 -11.02 6.27
CA LYS A 91 -2.81 -10.79 4.95
C LYS A 91 -3.87 -10.82 3.82
N ALA A 92 -3.52 -10.24 2.68
CA ALA A 92 -4.43 -10.11 1.55
C ALA A 92 -4.98 -11.40 0.99
N MET A 93 -6.26 -11.36 0.68
CA MET A 93 -6.93 -12.50 0.09
C MET A 93 -7.82 -12.09 -1.05
N THR A 94 -8.08 -13.00 -1.94
CA THR A 94 -8.94 -12.73 -3.07
C THR A 94 -10.39 -12.95 -2.69
N VAL A 95 -11.31 -12.45 -3.52
CA VAL A 95 -12.74 -12.61 -3.31
C VAL A 95 -13.09 -14.12 -3.31
N ARG A 96 -12.37 -14.90 -4.10
CA ARG A 96 -12.53 -16.35 -4.21
C ARG A 96 -12.22 -17.06 -2.89
N GLU A 97 -11.07 -16.73 -2.25
CA GLU A 97 -10.58 -17.28 -0.98
C GLU A 97 -11.52 -16.86 0.14
N PHE A 98 -12.02 -15.62 0.07
CA PHE A 98 -12.94 -15.04 1.00
C PHE A 98 -14.31 -15.74 0.96
N ARG A 99 -14.90 -15.87 -0.26
CA ARG A 99 -16.19 -16.51 -0.47
C ARG A 99 -16.17 -17.97 0.00
N LYS A 100 -15.02 -18.63 -0.14
CA LYS A 100 -14.84 -20.02 0.28
C LYS A 100 -14.95 -20.13 1.81
N ILE A 101 -14.23 -19.26 2.55
CA ILE A 101 -14.26 -19.17 4.02
C ILE A 101 -15.67 -18.76 4.48
N ALA A 102 -16.28 -17.75 3.85
CA ALA A 102 -17.63 -17.27 4.16
C ALA A 102 -18.69 -18.36 4.11
N ASN A 103 -18.61 -19.25 3.11
CA ASN A 103 -19.61 -20.28 2.86
C ASN A 103 -19.31 -21.63 3.49
N SER A 104 -18.14 -21.76 4.15
CA SER A 104 -17.71 -23.01 4.77
C SER A 104 -18.56 -23.31 5.99
N ASP A 105 -18.50 -24.57 6.47
CA ASP A 105 -19.25 -25.02 7.64
C ASP A 105 -18.97 -24.21 8.90
N LYS A 106 -17.70 -23.78 9.06
CA LYS A 106 -17.21 -23.00 10.20
C LYS A 106 -17.85 -21.64 10.26
N TYR A 107 -17.99 -20.94 9.10
CA TYR A 107 -18.46 -19.57 9.06
C TYR A 107 -19.80 -19.29 8.43
N CYS A 108 -20.43 -20.28 7.76
CA CYS A 108 -21.74 -20.05 7.12
C CYS A 108 -22.85 -19.62 8.10
N THR A 109 -23.86 -18.93 7.56
CA THR A 109 -25.06 -18.50 8.27
C THR A 109 -25.78 -19.72 8.88
N PRO A 110 -26.26 -19.59 10.15
CA PRO A 110 -27.04 -20.70 10.73
C PRO A 110 -28.43 -20.82 10.09
N ARG A 111 -29.12 -21.94 10.34
CA ARG A 111 -30.47 -22.12 9.79
C ARG A 111 -31.43 -21.24 10.57
N TYR A 112 -32.39 -20.60 9.88
CA TYR A 112 -33.35 -19.68 10.53
C TYR A 112 -34.65 -19.54 9.76
N SER A 113 -35.74 -19.28 10.51
CA SER A 113 -37.09 -19.08 10.01
C SER A 113 -37.30 -17.56 9.75
N GLU A 114 -37.58 -16.78 10.80
CA GLU A 114 -37.79 -15.32 10.73
C GLU A 114 -36.49 -14.55 11.03
N PHE A 115 -36.44 -13.24 10.72
CA PHE A 115 -35.25 -12.39 10.97
C PHE A 115 -34.94 -12.34 12.47
N GLU A 116 -36.00 -12.23 13.31
CA GLU A 116 -35.91 -12.16 14.76
C GLU A 116 -35.04 -13.29 15.32
N GLU A 117 -35.15 -14.49 14.72
CA GLU A 117 -34.34 -15.66 15.07
C GLU A 117 -32.86 -15.41 14.75
N LEU A 118 -32.54 -14.88 13.54
CA LEU A 118 -31.16 -14.60 13.10
C LEU A 118 -30.50 -13.53 13.94
N GLU A 119 -31.26 -12.50 14.30
CA GLU A 119 -30.87 -11.41 15.17
C GLU A 119 -30.59 -11.93 16.61
N ARG A 120 -31.44 -12.83 17.13
CA ARG A 120 -31.18 -13.40 18.44
C ARG A 120 -29.86 -14.20 18.42
N LYS A 121 -29.60 -14.98 17.33
CA LYS A 121 -28.39 -15.78 17.17
C LYS A 121 -27.16 -14.87 17.05
N TYR A 122 -27.31 -13.74 16.34
CA TYR A 122 -26.24 -12.77 16.20
C TYR A 122 -25.81 -12.23 17.60
N TRP A 123 -26.76 -11.71 18.40
CA TRP A 123 -26.47 -11.14 19.71
C TRP A 123 -26.03 -12.19 20.74
N LYS A 124 -26.39 -13.46 20.51
CA LYS A 124 -26.00 -14.55 21.40
C LYS A 124 -24.60 -15.06 21.03
N ASN A 125 -24.21 -15.00 19.75
CA ASN A 125 -22.93 -15.59 19.35
C ASN A 125 -21.86 -14.64 18.84
N LEU A 126 -22.06 -13.31 18.89
CA LEU A 126 -21.09 -12.39 18.30
C LEU A 126 -19.68 -12.46 18.88
N THR A 127 -19.55 -12.94 20.14
CA THR A 127 -18.22 -13.08 20.77
C THR A 127 -17.51 -14.39 20.40
N PHE A 128 -18.24 -15.35 19.79
CA PHE A 128 -17.68 -16.65 19.42
C PHE A 128 -17.30 -16.71 17.95
N ASN A 129 -16.40 -17.63 17.61
CA ASN A 129 -15.91 -17.90 16.26
C ASN A 129 -15.70 -16.59 15.45
N PRO A 130 -14.71 -15.74 15.83
CA PRO A 130 -14.52 -14.46 15.13
C PRO A 130 -14.52 -14.54 13.60
N PRO A 131 -15.44 -13.82 12.91
CA PRO A 131 -15.47 -13.88 11.45
C PRO A 131 -14.43 -12.94 10.82
N ILE A 132 -14.24 -13.06 9.50
CA ILE A 132 -13.35 -12.19 8.71
C ILE A 132 -14.19 -11.23 7.86
N TYR A 133 -13.92 -9.93 7.97
CA TYR A 133 -14.58 -8.90 7.20
C TYR A 133 -13.59 -8.36 6.14
N GLY A 134 -13.96 -8.46 4.86
CA GLY A 134 -13.19 -7.90 3.75
C GLY A 134 -13.59 -6.46 3.56
N ALA A 135 -13.31 -5.64 4.57
CA ALA A 135 -13.71 -4.24 4.68
C ALA A 135 -12.72 -3.22 4.10
N ASP A 136 -13.25 -2.03 3.74
CA ASP A 136 -12.51 -0.84 3.27
C ASP A 136 -11.58 -1.10 2.08
N VAL A 137 -12.08 -1.85 1.11
CA VAL A 137 -11.32 -2.13 -0.11
C VAL A 137 -11.57 -0.97 -1.04
N ASN A 138 -10.53 -0.19 -1.36
CA ASN A 138 -10.67 0.92 -2.31
C ASN A 138 -11.05 0.34 -3.64
N GLY A 139 -12.17 0.78 -4.18
CA GLY A 139 -12.65 0.30 -5.48
C GLY A 139 -14.13 0.44 -5.68
N THR A 140 -14.58 0.17 -6.90
CA THR A 140 -15.97 0.22 -7.29
C THR A 140 -16.29 -1.01 -8.09
N LEU A 141 -17.58 -1.42 -8.08
CA LEU A 141 -18.08 -2.49 -8.93
C LEU A 141 -19.01 -1.90 -10.02
N TYR A 142 -19.15 -0.53 -10.05
CA TYR A 142 -19.94 0.20 -11.05
C TYR A 142 -19.22 0.27 -12.40
N GLU A 143 -19.98 -0.02 -13.48
CA GLU A 143 -19.45 0.07 -14.84
C GLU A 143 -19.29 1.55 -15.19
N LYS A 144 -18.31 1.89 -16.04
CA LYS A 144 -17.97 3.25 -16.44
C LYS A 144 -19.15 4.13 -16.90
N HIS A 145 -20.03 3.60 -17.76
CA HIS A 145 -21.16 4.30 -18.35
C HIS A 145 -22.33 4.65 -17.41
N VAL A 146 -22.44 3.98 -16.23
CA VAL A 146 -23.54 4.21 -15.28
C VAL A 146 -23.45 5.62 -14.67
N ASP A 147 -24.38 6.48 -15.09
CA ASP A 147 -24.48 7.87 -14.68
C ASP A 147 -25.37 8.08 -13.48
N GLU A 148 -26.32 7.13 -13.21
CA GLU A 148 -27.30 7.21 -12.12
C GLU A 148 -26.81 6.55 -10.81
N TRP A 149 -26.69 7.38 -9.74
CA TRP A 149 -26.30 6.97 -8.39
C TRP A 149 -24.94 6.25 -8.38
N ASN A 150 -23.99 6.73 -9.15
CA ASN A 150 -22.69 6.10 -9.22
C ASN A 150 -21.93 6.55 -8.00
N ILE A 151 -21.58 5.61 -7.14
CA ILE A 151 -20.87 5.89 -5.90
C ILE A 151 -19.49 6.49 -6.15
N GLY A 152 -18.82 6.04 -7.20
CA GLY A 152 -17.54 6.58 -7.60
C GLY A 152 -17.62 8.05 -8.00
N ARG A 153 -18.69 8.46 -8.66
CA ARG A 153 -18.85 9.86 -9.07
C ARG A 153 -20.21 10.47 -8.76
N LEU A 154 -20.50 10.70 -7.48
CA LEU A 154 -21.75 11.31 -7.02
C LEU A 154 -21.97 12.78 -7.39
N ARG A 155 -20.89 13.54 -7.48
CA ARG A 155 -20.90 14.97 -7.81
C ARG A 155 -21.68 15.91 -6.90
N THR A 156 -21.50 15.75 -5.61
CA THR A 156 -22.15 16.59 -4.58
C THR A 156 -21.21 17.75 -4.25
N ILE A 157 -21.61 18.63 -3.32
CA ILE A 157 -20.76 19.75 -2.90
C ILE A 157 -19.49 19.26 -2.15
N LEU A 158 -19.44 17.96 -1.75
CA LEU A 158 -18.28 17.37 -1.08
C LEU A 158 -17.05 17.39 -2.01
N ASP A 159 -17.30 17.38 -3.35
CA ASP A 159 -16.28 17.45 -4.39
C ASP A 159 -15.40 18.69 -4.29
N LEU A 160 -15.89 19.75 -3.59
CA LEU A 160 -15.19 21.00 -3.36
C LEU A 160 -13.91 20.82 -2.52
N VAL A 161 -13.84 19.75 -1.71
CA VAL A 161 -12.68 19.40 -0.88
C VAL A 161 -11.46 19.16 -1.81
N GLU A 162 -11.65 18.36 -2.89
CA GLU A 162 -10.61 18.03 -3.87
C GLU A 162 -10.17 19.23 -4.73
N GLY A 171 -9.67 9.96 2.55
CA GLY A 171 -10.52 9.25 1.61
C GLY A 171 -12.00 9.34 1.93
N VAL A 172 -12.63 10.47 1.59
CA VAL A 172 -14.05 10.69 1.85
C VAL A 172 -14.89 10.70 0.55
N ASN A 173 -14.26 11.08 -0.58
CA ASN A 173 -14.90 11.16 -1.89
C ASN A 173 -14.75 9.86 -2.71
N THR A 174 -13.88 8.93 -2.25
CA THR A 174 -13.59 7.68 -2.95
C THR A 174 -14.50 6.48 -2.50
N PRO A 175 -14.82 5.54 -3.43
CA PRO A 175 -15.65 4.40 -3.03
C PRO A 175 -14.86 3.28 -2.37
N TYR A 176 -15.49 2.63 -1.39
CA TYR A 176 -14.95 1.48 -0.65
C TYR A 176 -15.90 0.32 -0.85
N LEU A 177 -15.35 -0.92 -0.93
CA LEU A 177 -16.06 -2.19 -1.05
C LEU A 177 -15.96 -2.98 0.26
N TYR A 178 -17.01 -3.69 0.64
CA TYR A 178 -17.06 -4.45 1.87
C TYR A 178 -17.65 -5.80 1.51
N PHE A 179 -16.84 -6.84 1.63
CA PHE A 179 -17.15 -8.23 1.42
C PHE A 179 -17.42 -8.82 2.81
N GLY A 180 -18.70 -9.10 3.06
CA GLY A 180 -19.11 -9.60 4.35
C GLY A 180 -19.32 -11.09 4.39
N MET A 181 -19.43 -11.62 5.60
CA MET A 181 -19.79 -13.00 5.90
C MET A 181 -20.68 -12.93 7.12
N TRP A 182 -21.28 -14.04 7.51
CA TRP A 182 -22.19 -14.06 8.64
C TRP A 182 -21.53 -13.50 9.90
N LYS A 183 -22.25 -12.65 10.65
CA LYS A 183 -21.79 -12.13 11.95
C LYS A 183 -20.72 -11.03 11.87
N THR A 184 -20.30 -10.60 10.66
CA THR A 184 -19.38 -9.47 10.54
C THR A 184 -20.20 -8.25 10.89
N SER A 185 -19.61 -7.29 11.58
CA SER A 185 -20.34 -6.12 12.05
C SER A 185 -19.72 -4.76 11.87
N PHE A 186 -20.58 -3.75 11.91
CA PHE A 186 -20.15 -2.38 11.94
C PHE A 186 -20.71 -1.85 13.25
N ALA A 187 -19.84 -1.27 14.05
CA ALA A 187 -20.15 -0.73 15.36
C ALA A 187 -20.88 0.60 15.32
N TRP A 188 -21.41 1.04 16.45
CA TRP A 188 -22.14 2.32 16.52
C TRP A 188 -21.28 3.50 16.14
N HIS A 189 -21.75 4.33 15.19
CA HIS A 189 -20.99 5.50 14.74
C HIS A 189 -21.81 6.40 13.87
N THR A 190 -21.35 7.64 13.70
CA THR A 190 -21.85 8.58 12.72
C THR A 190 -20.72 8.62 11.69
N GLU A 191 -20.96 9.18 10.51
CA GLU A 191 -19.90 9.29 9.51
C GLU A 191 -18.83 10.28 9.94
N ASP A 192 -17.64 10.15 9.37
CA ASP A 192 -16.57 11.09 9.66
C ASP A 192 -17.04 12.48 9.18
N MET A 193 -16.78 13.53 10.01
CA MET A 193 -17.20 14.92 9.78
C MET A 193 -18.72 15.08 9.81
N ASP A 194 -19.42 14.05 10.35
CA ASP A 194 -20.89 13.92 10.41
C ASP A 194 -21.53 14.14 9.04
N LEU A 195 -20.95 13.52 8.01
CA LEU A 195 -21.39 13.58 6.62
C LEU A 195 -22.51 12.58 6.40
N TYR A 196 -23.05 12.54 5.18
CA TYR A 196 -24.03 11.55 4.77
C TYR A 196 -23.20 10.36 4.25
N SER A 197 -23.85 9.23 4.04
CA SER A 197 -23.26 8.11 3.35
C SER A 197 -24.29 7.41 2.50
N ILE A 198 -23.81 6.73 1.48
CA ILE A 198 -24.62 5.93 0.57
C ILE A 198 -23.98 4.54 0.63
N ASN A 199 -24.82 3.53 0.75
CA ASN A 199 -24.42 2.14 0.77
C ASN A 199 -25.31 1.35 -0.18
N TYR A 200 -24.72 0.72 -1.19
CA TYR A 200 -25.43 -0.14 -2.14
C TYR A 200 -25.01 -1.59 -1.91
N LEU A 201 -25.97 -2.52 -1.82
CA LEU A 201 -25.68 -3.94 -1.65
C LEU A 201 -25.65 -4.52 -3.06
N HIS A 202 -24.45 -4.71 -3.62
CA HIS A 202 -24.28 -5.25 -4.97
C HIS A 202 -24.90 -6.61 -5.13
N PHE A 203 -24.57 -7.53 -4.20
CA PHE A 203 -25.06 -8.90 -4.23
C PHE A 203 -24.96 -9.57 -2.89
N GLY A 204 -25.60 -10.72 -2.80
CA GLY A 204 -25.47 -11.62 -1.68
C GLY A 204 -26.51 -11.54 -0.61
N GLU A 205 -26.14 -12.04 0.58
CA GLU A 205 -27.00 -12.13 1.73
C GLU A 205 -27.27 -10.75 2.34
N PRO A 206 -28.42 -10.56 3.04
CA PRO A 206 -28.74 -9.22 3.54
C PRO A 206 -27.76 -8.62 4.56
N LYS A 207 -27.96 -7.31 4.81
CA LYS A 207 -27.23 -6.52 5.77
C LYS A 207 -28.30 -5.86 6.64
N SER A 208 -28.29 -6.12 7.96
CA SER A 208 -29.23 -5.53 8.92
C SER A 208 -28.60 -4.32 9.61
N TRP A 209 -29.42 -3.30 9.81
CA TRP A 209 -29.05 -2.00 10.34
C TRP A 209 -29.90 -1.62 11.51
N TYR A 210 -29.31 -0.87 12.43
CA TYR A 210 -29.93 -0.21 13.57
C TYR A 210 -29.59 1.25 13.41
N SER A 211 -30.56 2.12 13.72
CA SER A 211 -30.31 3.57 13.70
C SER A 211 -30.97 4.27 14.84
N VAL A 212 -30.30 5.36 15.30
CA VAL A 212 -30.78 6.25 16.35
C VAL A 212 -31.04 7.61 15.66
N PRO A 213 -32.25 8.20 15.78
CA PRO A 213 -32.51 9.50 15.15
C PRO A 213 -31.47 10.56 15.53
N PRO A 214 -30.96 11.39 14.58
CA PRO A 214 -30.02 12.48 14.96
C PRO A 214 -30.47 13.32 16.15
N GLU A 215 -31.79 13.57 16.30
CA GLU A 215 -32.34 14.33 17.42
C GLU A 215 -32.11 13.65 18.80
N HIS A 216 -31.74 12.35 18.81
CA HIS A 216 -31.50 11.57 20.02
C HIS A 216 -30.07 11.07 20.14
N GLY A 217 -29.21 11.44 19.17
CA GLY A 217 -27.82 11.07 19.09
C GLY A 217 -26.97 11.37 20.32
N LYS A 218 -27.26 12.49 21.05
CA LYS A 218 -26.56 12.91 22.27
C LYS A 218 -26.89 12.02 23.47
N ARG A 219 -28.09 11.42 23.44
CA ARG A 219 -28.57 10.47 24.45
C ARG A 219 -27.79 9.17 24.29
N LEU A 220 -27.49 8.75 23.05
CA LEU A 220 -26.70 7.55 22.81
C LEU A 220 -25.28 7.77 23.31
N GLU A 221 -24.65 8.90 22.92
CA GLU A 221 -23.30 9.27 23.36
C GLU A 221 -23.16 9.27 24.90
N ARG A 222 -24.15 9.87 25.61
CA ARG A 222 -24.17 9.93 27.07
C ARG A 222 -24.25 8.52 27.66
N LEU A 223 -25.07 7.65 27.08
CA LEU A 223 -25.16 6.26 27.52
C LEU A 223 -23.83 5.52 27.37
N ALA A 224 -23.20 5.62 26.17
CA ALA A 224 -21.92 4.99 25.83
C ALA A 224 -20.79 5.45 26.73
N LYS A 225 -20.76 6.76 27.07
CA LYS A 225 -19.81 7.41 27.96
C LYS A 225 -19.98 6.83 29.38
N GLY A 226 -21.22 6.61 29.82
CA GLY A 226 -21.51 6.01 31.11
C GLY A 226 -21.02 4.59 31.24
N PHE A 227 -21.04 3.81 30.13
CA PHE A 227 -20.63 2.41 30.06
C PHE A 227 -19.15 2.19 29.80
N PHE A 228 -18.53 3.11 29.07
CA PHE A 228 -17.11 3.04 28.71
C PHE A 228 -16.43 4.33 29.19
N PRO A 229 -16.32 4.53 30.53
CA PRO A 229 -15.70 5.79 31.04
C PRO A 229 -14.20 5.90 30.78
N GLY A 230 -13.52 4.75 30.67
CA GLY A 230 -12.08 4.67 30.37
C GLY A 230 -11.83 5.13 28.95
N SER A 231 -12.67 4.62 28.02
CA SER A 231 -12.69 4.97 26.59
C SER A 231 -13.05 6.46 26.39
N ALA A 232 -14.01 6.97 27.19
CA ALA A 232 -14.49 8.36 27.15
C ALA A 232 -13.42 9.40 27.56
N GLN A 233 -12.68 9.15 28.68
CA GLN A 233 -11.64 10.03 29.23
C GLN A 233 -10.46 10.15 28.26
N SER A 234 -10.12 9.02 27.57
CA SER A 234 -9.02 8.94 26.59
C SER A 234 -9.31 9.72 25.31
N CYS A 235 -10.57 9.69 24.85
CA CYS A 235 -11.04 10.37 23.63
C CYS A 235 -12.52 10.72 23.80
N GLU A 236 -12.86 12.03 23.68
CA GLU A 236 -14.24 12.53 23.73
C GLU A 236 -15.13 11.81 22.69
N ALA A 237 -14.66 11.72 21.41
CA ALA A 237 -15.37 11.07 20.33
C ALA A 237 -14.89 9.62 20.14
N PHE A 238 -14.94 8.82 21.23
CA PHE A 238 -14.49 7.42 21.22
C PHE A 238 -15.35 6.48 20.34
N LEU A 239 -16.61 6.86 20.01
CA LEU A 239 -17.46 6.04 19.15
C LEU A 239 -16.96 6.09 17.69
N ARG A 240 -16.14 7.12 17.34
CA ARG A 240 -15.55 7.32 15.99
C ARG A 240 -14.52 6.22 15.68
N HIS A 241 -14.05 5.50 16.73
CA HIS A 241 -13.13 4.36 16.62
C HIS A 241 -13.86 3.18 16.02
N LYS A 242 -15.21 3.21 16.05
CA LYS A 242 -16.11 2.18 15.47
C LYS A 242 -15.82 0.80 16.07
N MET A 243 -15.77 0.75 17.42
CA MET A 243 -15.46 -0.46 18.18
C MET A 243 -16.57 -0.84 19.17
N THR A 244 -17.53 0.05 19.38
CA THR A 244 -18.57 -0.14 20.40
C THR A 244 -19.84 -0.71 19.81
N LEU A 245 -20.21 -1.91 20.30
CA LEU A 245 -21.42 -2.60 19.91
C LEU A 245 -22.38 -2.56 21.10
N ILE A 246 -23.64 -2.12 20.86
CA ILE A 246 -24.68 -2.01 21.90
C ILE A 246 -25.93 -2.66 21.36
N SER A 247 -26.43 -3.72 22.05
CA SER A 247 -27.61 -4.46 21.60
C SER A 247 -28.91 -3.65 21.65
N PRO A 248 -29.91 -3.93 20.76
CA PRO A 248 -31.19 -3.17 20.82
C PRO A 248 -31.88 -3.23 22.19
N LEU A 249 -31.71 -4.34 22.93
CA LEU A 249 -32.23 -4.54 24.28
C LEU A 249 -31.61 -3.56 25.28
N MET A 250 -30.29 -3.25 25.16
CA MET A 250 -29.65 -2.24 26.03
C MET A 250 -30.23 -0.85 25.71
N LEU A 251 -30.46 -0.57 24.41
CA LEU A 251 -31.05 0.68 23.93
C LEU A 251 -32.45 0.85 24.49
N LYS A 252 -33.26 -0.23 24.46
CA LYS A 252 -34.62 -0.26 24.99
C LYS A 252 -34.61 -0.06 26.52
N LYS A 253 -33.70 -0.77 27.21
CA LYS A 253 -33.52 -0.69 28.67
C LYS A 253 -33.25 0.73 29.16
N TYR A 254 -32.44 1.50 28.43
CA TYR A 254 -32.08 2.86 28.81
C TYR A 254 -32.81 3.95 28.04
N GLY A 255 -33.95 3.59 27.46
CA GLY A 255 -34.82 4.51 26.75
C GLY A 255 -34.25 5.22 25.55
N ILE A 256 -33.27 4.64 24.88
CA ILE A 256 -32.71 5.23 23.66
C ILE A 256 -33.64 4.87 22.49
N PRO A 257 -34.27 5.86 21.84
CA PRO A 257 -35.14 5.54 20.70
C PRO A 257 -34.31 5.10 19.50
N PHE A 258 -34.75 4.03 18.82
CA PHE A 258 -34.05 3.48 17.66
C PHE A 258 -35.01 2.79 16.75
N ASP A 259 -34.56 2.47 15.54
CA ASP A 259 -35.30 1.69 14.57
C ASP A 259 -34.36 0.68 13.89
N LYS A 260 -34.93 -0.37 13.31
CA LYS A 260 -34.16 -1.37 12.60
C LYS A 260 -34.74 -1.60 11.21
N VAL A 261 -33.85 -2.00 10.28
CA VAL A 261 -34.18 -2.28 8.89
C VAL A 261 -33.18 -3.29 8.34
N THR A 262 -33.63 -4.15 7.42
CA THR A 262 -32.81 -5.11 6.70
C THR A 262 -32.70 -4.64 5.25
N GLN A 263 -31.48 -4.47 4.78
CA GLN A 263 -31.16 -4.08 3.42
C GLN A 263 -30.91 -5.37 2.62
N GLU A 264 -31.54 -5.49 1.46
CA GLU A 264 -31.35 -6.67 0.62
C GLU A 264 -30.59 -6.31 -0.64
N ALA A 265 -30.05 -7.30 -1.36
CA ALA A 265 -29.25 -7.08 -2.56
C ALA A 265 -29.99 -6.21 -3.54
N GLY A 266 -29.31 -5.21 -4.05
CA GLY A 266 -29.85 -4.26 -5.03
C GLY A 266 -30.59 -3.07 -4.43
N GLU A 267 -30.47 -2.87 -3.12
CA GLU A 267 -31.09 -1.73 -2.43
C GLU A 267 -29.98 -0.82 -1.90
N PHE A 268 -30.32 0.47 -1.77
CA PHE A 268 -29.46 1.53 -1.23
C PHE A 268 -29.91 1.90 0.17
N MET A 269 -28.96 2.30 1.01
CA MET A 269 -29.20 2.85 2.34
C MET A 269 -28.50 4.19 2.37
N ILE A 270 -29.20 5.22 2.88
CA ILE A 270 -28.67 6.58 3.06
C ILE A 270 -28.64 6.83 4.55
N THR A 271 -27.50 7.30 5.04
CA THR A 271 -27.31 7.71 6.44
C THR A 271 -27.21 9.21 6.34
N PHE A 272 -27.80 9.90 7.30
CA PHE A 272 -27.89 11.35 7.31
C PHE A 272 -26.96 11.94 8.33
N PRO A 273 -26.56 13.25 8.21
CA PRO A 273 -25.63 13.83 9.19
C PRO A 273 -26.06 13.60 10.64
N TYR A 274 -25.10 13.10 11.45
CA TYR A 274 -25.24 12.82 12.87
C TYR A 274 -26.24 11.67 13.14
N GLY A 275 -26.48 10.83 12.14
CA GLY A 275 -27.32 9.65 12.26
C GLY A 275 -26.47 8.47 12.70
N TYR A 276 -26.58 8.08 13.99
CA TYR A 276 -25.82 6.92 14.52
C TYR A 276 -26.41 5.66 13.97
N HIS A 277 -25.55 4.75 13.45
CA HIS A 277 -25.97 3.46 12.92
C HIS A 277 -24.97 2.38 13.28
N ALA A 278 -25.42 1.14 13.27
CA ALA A 278 -24.66 -0.08 13.55
C ALA A 278 -25.38 -1.21 12.86
N GLY A 279 -24.76 -2.37 12.77
CA GLY A 279 -25.40 -3.51 12.13
C GLY A 279 -24.50 -4.68 11.85
N PHE A 280 -25.03 -5.67 11.13
CA PHE A 280 -24.35 -6.91 10.81
C PHE A 280 -24.79 -7.48 9.46
N ASN A 281 -23.94 -8.34 8.89
CA ASN A 281 -24.14 -9.10 7.64
C ASN A 281 -24.65 -10.47 7.94
N HIS A 282 -25.67 -10.90 7.19
CA HIS A 282 -26.32 -12.21 7.33
C HIS A 282 -25.49 -13.32 6.72
N GLY A 283 -24.66 -13.01 5.74
CA GLY A 283 -23.86 -14.04 5.10
C GLY A 283 -22.94 -13.38 4.09
N PHE A 284 -22.45 -14.16 3.10
CA PHE A 284 -21.59 -13.66 2.05
C PHE A 284 -22.30 -12.60 1.19
N ASN A 285 -21.70 -11.40 1.16
CA ASN A 285 -22.27 -10.29 0.42
C ASN A 285 -21.20 -9.31 -0.04
N CYS A 286 -21.61 -8.30 -0.83
CA CYS A 286 -20.72 -7.22 -1.21
C CYS A 286 -21.50 -5.93 -1.30
N ALA A 287 -21.05 -4.90 -0.55
CA ALA A 287 -21.61 -3.53 -0.50
C ALA A 287 -20.59 -2.50 -0.94
N GLU A 288 -21.06 -1.44 -1.60
CA GLU A 288 -20.21 -0.33 -2.00
C GLU A 288 -20.66 0.91 -1.24
N SER A 289 -19.71 1.69 -0.75
CA SER A 289 -20.05 2.86 0.06
C SER A 289 -19.13 4.06 -0.20
N THR A 290 -19.64 5.26 0.11
CA THR A 290 -18.95 6.55 0.07
C THR A 290 -19.70 7.60 0.88
N ASN A 291 -19.05 8.73 1.10
CA ASN A 291 -19.63 9.86 1.80
C ASN A 291 -20.03 10.88 0.76
N PHE A 292 -21.01 11.71 1.11
CA PHE A 292 -21.47 12.81 0.28
C PHE A 292 -22.03 13.88 1.18
N ALA A 293 -22.32 15.06 0.61
CA ALA A 293 -22.85 16.20 1.33
C ALA A 293 -23.95 16.92 0.56
N THR A 294 -24.74 17.71 1.29
CA THR A 294 -25.77 18.62 0.79
C THR A 294 -25.42 19.91 1.51
N ARG A 295 -26.14 21.00 1.20
CA ARG A 295 -25.89 22.29 1.85
C ARG A 295 -26.18 22.24 3.38
N ARG A 296 -27.14 21.39 3.80
CA ARG A 296 -27.52 21.18 5.20
C ARG A 296 -26.34 20.66 6.04
N TRP A 297 -25.47 19.83 5.44
CA TRP A 297 -24.30 19.24 6.08
C TRP A 297 -23.27 20.26 6.61
N ILE A 298 -23.07 21.39 5.90
CA ILE A 298 -22.04 22.38 6.27
C ILE A 298 -22.04 22.67 7.79
N GLU A 299 -23.20 22.98 8.39
CA GLU A 299 -23.33 23.23 9.84
C GLU A 299 -22.87 22.06 10.70
N TYR A 300 -23.19 20.82 10.28
CA TYR A 300 -22.77 19.58 10.94
C TYR A 300 -21.25 19.42 10.89
N GLY A 301 -20.64 19.74 9.75
CA GLY A 301 -19.19 19.66 9.56
C GLY A 301 -18.45 20.64 10.44
N LYS A 302 -19.01 21.87 10.55
CA LYS A 302 -18.51 22.97 11.37
C LYS A 302 -18.52 22.59 12.87
N GLN A 303 -19.57 21.89 13.31
CA GLN A 303 -19.81 21.52 14.72
C GLN A 303 -19.43 20.09 15.13
N ALA A 304 -18.96 19.24 14.19
CA ALA A 304 -18.60 17.84 14.46
C ALA A 304 -17.51 17.67 15.50
N VAL A 305 -17.79 16.90 16.57
CA VAL A 305 -16.81 16.60 17.63
C VAL A 305 -15.95 15.44 17.10
N LEU A 306 -14.69 15.74 16.81
CA LEU A 306 -13.77 14.78 16.22
C LEU A 306 -12.86 14.00 17.16
N CYS A 307 -12.30 12.92 16.65
CA CYS A 307 -11.40 12.07 17.42
C CYS A 307 -9.99 12.62 17.39
N SER A 308 -9.48 12.96 18.57
CA SER A 308 -8.13 13.46 18.74
C SER A 308 -6.98 12.47 18.49
N CYS A 309 -7.15 11.25 18.98
CA CYS A 309 -6.09 10.24 18.93
C CYS A 309 -5.84 9.27 17.77
N ARG A 310 -6.85 8.57 17.31
CA ARG A 310 -6.67 7.53 16.30
C ARG A 310 -6.23 7.91 14.91
N LYS A 311 -5.42 7.03 14.33
CA LYS A 311 -4.93 7.18 12.96
C LYS A 311 -6.05 6.84 12.00
N ASP A 312 -5.94 7.35 10.79
CA ASP A 312 -6.94 7.16 9.73
C ASP A 312 -8.31 7.67 10.15
N MET A 313 -8.30 8.84 10.81
CA MET A 313 -9.49 9.54 11.26
C MET A 313 -9.57 10.76 10.35
N VAL A 314 -10.68 10.87 9.63
CA VAL A 314 -10.89 11.96 8.68
C VAL A 314 -11.19 13.33 9.24
N LYS A 315 -10.46 14.32 8.73
CA LYS A 315 -10.70 15.72 9.08
C LYS A 315 -10.73 16.53 7.79
N ILE A 316 -11.73 17.43 7.67
CA ILE A 316 -11.94 18.28 6.49
C ILE A 316 -11.88 19.74 6.94
N SER A 317 -11.14 20.60 6.20
CA SER A 317 -11.12 22.04 6.49
C SER A 317 -12.47 22.59 6.03
N MET A 318 -13.24 23.19 6.95
CA MET A 318 -14.59 23.67 6.64
C MET A 318 -14.61 25.02 5.93
N ASP A 319 -13.47 25.74 5.96
CA ASP A 319 -13.23 27.06 5.38
C ASP A 319 -13.84 27.28 3.99
N VAL A 320 -13.52 26.40 3.02
CA VAL A 320 -14.01 26.46 1.64
C VAL A 320 -15.56 26.47 1.57
N PHE A 321 -16.24 25.66 2.41
CA PHE A 321 -17.71 25.55 2.45
C PHE A 321 -18.37 26.78 3.02
N VAL A 322 -17.82 27.34 4.13
CA VAL A 322 -18.33 28.55 4.78
C VAL A 322 -18.14 29.73 3.83
N ARG A 323 -16.97 29.85 3.15
CA ARG A 323 -16.72 30.94 2.20
C ARG A 323 -17.77 30.94 1.06
N LYS A 324 -18.03 29.77 0.46
CA LYS A 324 -18.94 29.63 -0.67
C LYS A 324 -20.42 29.70 -0.31
N PHE A 325 -20.87 28.96 0.73
CA PHE A 325 -22.30 28.85 1.07
C PHE A 325 -22.78 29.68 2.25
N GLN A 326 -21.86 30.18 3.08
CA GLN A 326 -22.19 31.05 4.20
C GLN A 326 -21.23 32.26 4.22
N PRO A 327 -21.08 33.07 3.12
CA PRO A 327 -20.10 34.18 3.17
C PRO A 327 -20.36 35.19 4.26
N GLU A 328 -21.66 35.44 4.56
CA GLU A 328 -22.15 36.37 5.59
C GLU A 328 -21.68 35.95 6.99
N ARG A 329 -21.53 34.64 7.18
CA ARG A 329 -21.14 33.99 8.42
C ARG A 329 -19.63 33.73 8.55
N TYR A 330 -18.87 33.75 7.42
CA TYR A 330 -17.43 33.44 7.39
C TYR A 330 -16.61 34.20 8.45
N LYS A 331 -16.66 35.55 8.48
CA LYS A 331 -15.90 36.34 9.45
C LYS A 331 -16.37 36.08 10.87
N LEU A 332 -17.71 35.99 11.08
CA LEU A 332 -18.31 35.71 12.38
C LEU A 332 -17.89 34.33 12.94
N TRP A 333 -17.87 33.29 12.07
CA TRP A 333 -17.49 31.91 12.38
C TRP A 333 -15.98 31.77 12.67
N LYS A 334 -15.13 32.29 11.77
CA LYS A 334 -13.68 32.24 11.91
C LYS A 334 -13.23 32.93 13.22
N ALA A 335 -13.99 33.98 13.66
CA ALA A 335 -13.79 34.73 14.90
C ALA A 335 -14.14 33.89 16.14
N GLY A 336 -15.09 32.96 15.98
CA GLY A 336 -15.56 32.09 17.06
C GLY A 336 -16.90 32.48 17.62
N LYS A 337 -17.53 33.52 17.04
CA LYS A 337 -18.82 34.07 17.45
C LYS A 337 -20.05 33.37 16.82
N ASP A 338 -19.82 32.35 15.96
CA ASP A 338 -20.91 31.61 15.31
C ASP A 338 -21.55 30.62 16.29
N ASN A 339 -22.66 31.05 16.90
CA ASN A 339 -23.40 30.29 17.91
C ASN A 339 -24.60 29.48 17.34
N THR A 340 -24.65 29.27 15.99
CA THR A 340 -25.72 28.52 15.30
C THR A 340 -26.05 27.19 15.99
N VAL A 341 -27.33 26.98 16.31
CA VAL A 341 -27.81 25.75 16.95
C VAL A 341 -28.53 24.92 15.88
N ILE A 342 -28.08 23.67 15.68
CA ILE A 342 -28.64 22.77 14.70
C ILE A 342 -30.03 22.23 15.09
N ASP A 343 -31.00 22.38 14.18
CA ASP A 343 -32.34 21.81 14.26
C ASP A 343 -32.29 20.59 13.33
N HIS A 344 -32.25 19.38 13.91
CA HIS A 344 -32.15 18.12 13.18
C HIS A 344 -33.41 17.77 12.37
N THR A 345 -34.54 18.43 12.65
CA THR A 345 -35.80 18.17 11.96
C THR A 345 -35.94 18.93 10.62
N LEU A 346 -35.16 20.00 10.44
CA LEU A 346 -35.18 20.81 9.24
C LEU A 346 -34.57 20.13 8.02
N PRO A 347 -35.31 20.12 6.86
CA PRO A 347 -34.74 19.53 5.63
C PRO A 347 -33.72 20.46 4.99
N THR A 348 -32.92 19.93 4.06
CA THR A 348 -31.88 20.66 3.35
C THR A 348 -32.50 21.86 2.56
N PRO A 349 -31.83 23.02 2.39
CA PRO A 349 -32.45 24.12 1.63
C PRO A 349 -32.92 23.77 0.21
N GLU A 350 -32.27 22.75 -0.43
CA GLU A 350 -32.55 22.22 -1.79
C GLU A 350 -33.94 21.55 -1.89
N ALA A 351 -34.52 21.16 -0.73
CA ALA A 351 -35.84 20.54 -0.61
C ALA A 351 -37.00 21.57 -0.81
N ALA A 352 -36.66 22.87 -1.02
CA ALA A 352 -37.61 23.97 -1.20
C ALA A 352 -38.63 23.74 -2.32
N GLU A 353 -38.17 23.21 -3.49
CA GLU A 353 -39.03 22.94 -4.66
C GLU A 353 -40.13 21.88 -4.39
N PHE A 354 -39.98 21.11 -3.28
CA PHE A 354 -40.93 20.05 -2.86
C PHE A 354 -41.79 20.47 -1.63
N LEU A 355 -41.59 21.71 -1.15
CA LEU A 355 -42.28 22.25 0.03
C LEU A 355 -43.02 23.55 -0.26
CA THR B 8 21.33 10.31 -16.57
C THR B 8 22.32 10.20 -15.40
N LEU B 9 21.91 9.47 -14.31
CA LEU B 9 22.74 9.21 -13.12
C LEU B 9 23.55 7.92 -13.36
N ASN B 10 24.90 7.99 -13.17
CA ASN B 10 25.89 6.93 -13.43
C ASN B 10 25.71 6.40 -14.86
N PRO B 11 25.77 7.28 -15.91
CA PRO B 11 25.56 6.78 -17.30
C PRO B 11 26.61 5.78 -17.78
N SER B 12 27.77 5.80 -17.10
CA SER B 12 28.93 4.94 -17.34
C SER B 12 28.70 3.53 -16.80
N ALA B 13 27.75 3.36 -15.87
CA ALA B 13 27.42 2.10 -15.20
C ALA B 13 28.66 1.47 -14.49
N ARG B 14 29.51 2.35 -13.90
CA ARG B 14 30.75 1.95 -13.21
C ARG B 14 30.44 1.68 -11.75
N ILE B 15 31.17 0.73 -11.12
CA ILE B 15 31.00 0.39 -9.69
C ILE B 15 31.27 1.63 -8.83
N MET B 16 30.30 1.98 -7.98
CA MET B 16 30.39 3.14 -7.06
C MET B 16 30.66 2.70 -5.63
N THR B 17 31.41 3.54 -4.88
CA THR B 17 31.79 3.30 -3.49
C THR B 17 31.17 4.37 -2.60
N PHE B 18 30.56 3.95 -1.50
CA PHE B 18 29.87 4.82 -0.56
C PHE B 18 30.50 4.75 0.84
N TYR B 19 30.59 5.90 1.49
CA TYR B 19 31.14 6.09 2.83
C TYR B 19 30.08 6.73 3.76
N PRO B 20 29.02 5.96 4.17
CA PRO B 20 28.01 6.55 5.07
C PRO B 20 28.54 6.88 6.46
N THR B 21 27.97 7.95 7.07
CA THR B 21 28.25 8.34 8.43
C THR B 21 27.48 7.33 9.30
N MET B 22 27.69 7.34 10.62
CA MET B 22 26.96 6.43 11.52
C MET B 22 25.42 6.68 11.43
N GLU B 23 24.99 7.94 11.24
CA GLU B 23 23.59 8.34 11.10
C GLU B 23 22.95 7.76 9.84
N GLU B 24 23.61 7.94 8.67
CA GLU B 24 23.16 7.42 7.37
C GLU B 24 23.13 5.86 7.38
N PHE B 25 24.15 5.27 8.02
CA PHE B 25 24.35 3.83 8.12
C PHE B 25 23.24 3.09 8.86
N ARG B 26 22.65 3.71 9.89
CA ARG B 26 21.65 3.08 10.77
C ARG B 26 20.39 2.47 10.07
N ASN B 27 19.86 3.12 9.02
CA ASN B 27 18.68 2.62 8.30
C ASN B 27 19.14 1.97 6.98
N PHE B 28 19.24 0.62 6.98
CA PHE B 28 19.68 -0.20 5.85
C PHE B 28 18.91 0.06 4.58
N SER B 29 17.60 -0.22 4.60
CA SER B 29 16.68 -0.08 3.47
C SER B 29 16.68 1.34 2.86
N ARG B 30 16.76 2.37 3.73
CA ARG B 30 16.83 3.77 3.33
C ARG B 30 18.14 4.01 2.60
N TYR B 31 19.23 3.48 3.13
CA TYR B 31 20.53 3.64 2.50
C TYR B 31 20.60 2.97 1.13
N ILE B 32 19.93 1.83 0.98
CA ILE B 32 19.88 1.16 -0.30
C ILE B 32 19.16 2.04 -1.30
N ALA B 33 18.07 2.67 -0.88
CA ALA B 33 17.31 3.58 -1.71
C ALA B 33 18.17 4.78 -2.08
N TYR B 34 18.93 5.29 -1.12
CA TYR B 34 19.85 6.40 -1.38
C TYR B 34 20.89 6.07 -2.44
N ILE B 35 21.59 4.91 -2.32
CA ILE B 35 22.62 4.52 -3.30
C ILE B 35 22.00 4.28 -4.70
N GLU B 36 20.75 3.81 -4.76
CA GLU B 36 20.01 3.64 -6.00
C GLU B 36 19.68 5.00 -6.62
N SER B 37 19.38 6.04 -5.79
CA SER B 37 19.10 7.40 -6.27
C SER B 37 20.35 8.05 -6.90
N GLN B 38 21.54 7.50 -6.58
CA GLN B 38 22.86 7.96 -7.03
C GLN B 38 23.31 7.20 -8.30
N GLY B 39 22.53 6.20 -8.70
CA GLY B 39 22.80 5.35 -9.86
C GLY B 39 23.67 4.15 -9.58
N ALA B 40 23.85 3.76 -8.31
CA ALA B 40 24.69 2.61 -7.92
C ALA B 40 24.30 1.29 -8.58
N HIS B 41 22.99 1.09 -8.78
CA HIS B 41 22.40 -0.14 -9.31
C HIS B 41 22.76 -0.40 -10.75
N ARG B 42 23.10 0.66 -11.48
CA ARG B 42 23.41 0.58 -12.91
C ARG B 42 24.60 -0.33 -13.21
N ALA B 43 25.58 -0.37 -12.32
CA ALA B 43 26.76 -1.19 -12.44
C ALA B 43 26.45 -2.64 -12.06
N GLY B 44 25.44 -2.85 -11.19
CA GLY B 44 24.97 -4.14 -10.71
C GLY B 44 25.67 -4.56 -9.45
N LEU B 45 26.67 -3.78 -9.06
CA LEU B 45 27.50 -4.02 -7.90
C LEU B 45 27.96 -2.70 -7.35
N ALA B 46 27.85 -2.52 -6.01
CA ALA B 46 28.30 -1.33 -5.30
C ALA B 46 29.06 -1.74 -4.04
N LYS B 47 30.01 -0.89 -3.62
CA LYS B 47 30.76 -1.08 -2.39
C LYS B 47 30.26 -0.06 -1.34
N VAL B 48 30.09 -0.52 -0.11
CA VAL B 48 29.71 0.35 1.00
C VAL B 48 30.75 0.13 2.09
N VAL B 49 31.52 1.20 2.38
CA VAL B 49 32.52 1.18 3.42
C VAL B 49 31.80 1.72 4.70
N PRO B 50 31.59 0.87 5.74
CA PRO B 50 30.89 1.37 6.92
C PRO B 50 31.73 2.36 7.74
N PRO B 51 31.13 3.26 8.59
CA PRO B 51 31.97 4.13 9.43
C PRO B 51 32.90 3.33 10.38
N LYS B 52 34.15 3.83 10.58
CA LYS B 52 35.25 3.25 11.40
C LYS B 52 34.79 2.70 12.75
N GLU B 53 33.98 3.48 13.49
CA GLU B 53 33.42 3.13 14.79
C GLU B 53 32.61 1.83 14.79
N TRP B 54 31.92 1.51 13.66
CA TRP B 54 31.09 0.30 13.52
C TRP B 54 31.94 -0.96 13.39
N LYS B 55 31.52 -2.02 14.08
CA LYS B 55 32.11 -3.36 14.08
C LYS B 55 30.97 -4.37 14.36
N PRO B 56 30.79 -5.44 13.56
CA PRO B 56 29.69 -6.38 13.81
C PRO B 56 29.97 -7.41 14.92
N ARG B 57 31.25 -7.54 15.31
CA ARG B 57 31.75 -8.51 16.30
C ARG B 57 33.05 -7.94 16.87
N ALA B 58 33.25 -8.07 18.19
CA ALA B 58 34.43 -7.57 18.90
C ALA B 58 35.73 -8.23 18.53
N SER B 59 35.70 -9.56 18.25
CA SER B 59 36.89 -10.34 17.91
C SER B 59 36.50 -11.58 17.11
N TYR B 60 37.42 -12.09 16.30
CA TYR B 60 37.22 -13.34 15.53
C TYR B 60 38.15 -14.49 16.02
N ASP B 61 38.58 -14.42 17.29
CA ASP B 61 39.48 -15.38 17.95
C ASP B 61 38.74 -16.55 18.64
N ASP B 62 37.42 -16.60 18.50
CA ASP B 62 36.56 -17.58 19.17
C ASP B 62 35.84 -18.52 18.21
N ILE B 63 36.16 -18.46 16.90
CA ILE B 63 35.44 -19.26 15.89
C ILE B 63 36.20 -20.50 15.35
N ASP B 64 37.36 -20.84 15.91
CA ASP B 64 38.20 -21.98 15.49
C ASP B 64 37.49 -23.33 15.50
N ASP B 65 36.51 -23.51 16.40
CA ASP B 65 35.75 -24.75 16.56
C ASP B 65 34.45 -24.77 15.74
N LEU B 66 34.17 -23.68 15.00
CA LEU B 66 33.03 -23.58 14.09
C LEU B 66 33.21 -24.62 12.99
N VAL B 67 32.14 -25.42 12.77
CA VAL B 67 32.13 -26.48 11.79
C VAL B 67 31.65 -25.95 10.44
N ILE B 68 32.42 -26.30 9.40
CA ILE B 68 32.14 -26.11 7.99
C ILE B 68 31.62 -27.52 7.59
N PRO B 69 30.28 -27.71 7.54
CA PRO B 69 29.73 -29.07 7.30
C PRO B 69 30.02 -29.69 5.94
N ALA B 70 30.08 -28.90 4.88
CA ALA B 70 30.28 -29.41 3.53
C ALA B 70 31.30 -28.61 2.73
N PRO B 71 32.64 -28.73 3.03
CA PRO B 71 33.64 -28.01 2.21
C PRO B 71 33.64 -28.56 0.80
N ILE B 72 33.89 -27.71 -0.17
CA ILE B 72 33.89 -28.13 -1.58
C ILE B 72 35.27 -27.95 -2.21
N GLN B 73 35.79 -29.02 -2.83
CA GLN B 73 37.02 -28.89 -3.59
C GLN B 73 36.55 -28.42 -4.98
N GLN B 74 37.14 -27.31 -5.46
CA GLN B 74 36.73 -26.70 -6.72
C GLN B 74 37.62 -27.10 -7.85
N LEU B 75 37.09 -28.00 -8.72
CA LEU B 75 37.80 -28.50 -9.87
C LEU B 75 37.41 -27.75 -11.11
N VAL B 76 38.37 -27.12 -11.77
CA VAL B 76 38.12 -26.28 -12.92
C VAL B 76 38.72 -26.90 -14.18
N THR B 77 37.92 -26.89 -15.23
CA THR B 77 38.28 -27.42 -16.53
C THR B 77 38.06 -26.34 -17.58
N GLY B 78 39.03 -26.19 -18.47
CA GLY B 78 38.94 -25.22 -19.55
C GLY B 78 40.27 -24.71 -20.04
N GLN B 79 40.19 -23.69 -20.90
CA GLN B 79 41.32 -23.01 -21.53
C GLN B 79 40.77 -21.77 -22.20
N SER B 80 41.67 -20.88 -22.71
CA SER B 80 41.33 -19.67 -23.51
C SER B 80 40.26 -18.76 -22.84
N GLY B 81 40.33 -18.61 -21.53
CA GLY B 81 39.40 -17.78 -20.78
C GLY B 81 38.03 -18.35 -20.51
N LEU B 82 37.74 -19.60 -20.96
CA LEU B 82 36.45 -20.26 -20.75
C LEU B 82 36.61 -21.52 -19.92
N PHE B 83 35.96 -21.55 -18.75
CA PHE B 83 36.09 -22.65 -17.80
C PHE B 83 34.78 -23.10 -17.22
N THR B 84 34.76 -24.35 -16.74
CA THR B 84 33.64 -24.95 -16.03
C THR B 84 34.17 -25.44 -14.68
N GLN B 85 33.50 -25.03 -13.61
CA GLN B 85 33.83 -25.42 -12.26
C GLN B 85 32.92 -26.53 -11.75
N TYR B 86 33.54 -27.60 -11.25
CA TYR B 86 32.89 -28.77 -10.67
C TYR B 86 33.19 -28.83 -9.19
N ASN B 87 32.16 -28.98 -8.37
CA ASN B 87 32.30 -29.00 -6.92
C ASN B 87 32.32 -30.43 -6.41
N ILE B 88 33.31 -30.75 -5.58
CA ILE B 88 33.46 -32.07 -4.98
C ILE B 88 33.28 -31.88 -3.48
N GLN B 89 32.19 -32.41 -2.89
CA GLN B 89 31.98 -32.28 -1.46
C GLN B 89 32.99 -33.14 -0.69
N LYS B 90 33.68 -32.49 0.25
CA LYS B 90 34.67 -33.13 1.12
C LYS B 90 34.04 -33.27 2.51
N LYS B 91 34.65 -34.02 3.42
CA LYS B 91 34.10 -34.22 4.76
C LYS B 91 34.17 -32.95 5.61
N ALA B 92 33.29 -32.83 6.63
CA ALA B 92 33.22 -31.69 7.53
C ALA B 92 34.56 -31.38 8.19
N MET B 93 34.84 -30.11 8.42
CA MET B 93 36.08 -29.67 9.03
C MET B 93 35.84 -28.38 9.80
N THR B 94 36.68 -28.13 10.84
CA THR B 94 36.57 -26.93 11.65
C THR B 94 37.26 -25.78 10.92
N VAL B 95 37.00 -24.53 11.36
CA VAL B 95 37.65 -23.36 10.80
C VAL B 95 39.15 -23.41 11.07
N ARG B 96 39.54 -24.06 12.17
CA ARG B 96 40.94 -24.27 12.57
C ARG B 96 41.63 -25.16 11.55
N GLU B 97 40.99 -26.30 11.16
CA GLU B 97 41.53 -27.24 10.19
C GLU B 97 41.60 -26.60 8.81
N PHE B 98 40.59 -25.77 8.49
CA PHE B 98 40.47 -25.07 7.22
C PHE B 98 41.57 -24.04 7.07
N ARG B 99 41.74 -23.15 8.09
CA ARG B 99 42.76 -22.12 8.11
C ARG B 99 44.16 -22.73 7.96
N LYS B 100 44.41 -23.90 8.60
CA LYS B 100 45.69 -24.60 8.55
C LYS B 100 46.04 -24.99 7.11
N ILE B 101 45.08 -25.60 6.42
CA ILE B 101 45.11 -26.01 5.00
C ILE B 101 45.28 -24.76 4.14
N ALA B 102 44.38 -23.76 4.31
CA ALA B 102 44.40 -22.51 3.56
C ALA B 102 45.80 -21.85 3.54
N ASN B 103 46.50 -21.84 4.67
CA ASN B 103 47.79 -21.16 4.84
C ASN B 103 49.00 -22.04 4.59
N SER B 104 48.79 -23.34 4.27
CA SER B 104 49.89 -24.28 4.00
C SER B 104 50.61 -23.91 2.73
N ASP B 105 51.81 -24.43 2.55
CA ASP B 105 52.64 -24.20 1.36
C ASP B 105 51.91 -24.60 0.06
N LYS B 106 51.13 -25.69 0.12
CA LYS B 106 50.36 -26.23 -0.99
C LYS B 106 49.30 -25.24 -1.49
N TYR B 107 48.57 -24.59 -0.57
CA TYR B 107 47.44 -23.74 -0.90
C TYR B 107 47.58 -22.24 -0.65
N CYS B 108 48.63 -21.77 0.03
CA CYS B 108 48.78 -20.34 0.31
C CYS B 108 48.86 -19.45 -0.97
N THR B 109 48.54 -18.15 -0.79
CA THR B 109 48.62 -17.12 -1.82
C THR B 109 50.06 -16.99 -2.34
N PRO B 110 50.27 -16.86 -3.66
CA PRO B 110 51.63 -16.61 -4.16
C PRO B 110 52.09 -15.17 -3.86
N ARG B 111 53.39 -14.91 -3.97
CA ARG B 111 53.93 -13.57 -3.72
C ARG B 111 53.54 -12.69 -4.89
N TYR B 112 53.16 -11.43 -4.62
CA TYR B 112 52.72 -10.48 -5.64
C TYR B 112 52.90 -9.03 -5.20
N SER B 113 53.16 -8.15 -6.18
CA SER B 113 53.32 -6.70 -5.99
C SER B 113 51.96 -6.02 -6.19
N GLU B 114 51.49 -5.90 -7.45
CA GLU B 114 50.22 -5.26 -7.82
C GLU B 114 49.10 -6.30 -7.97
N PHE B 115 47.82 -5.85 -7.93
CA PHE B 115 46.66 -6.74 -8.10
C PHE B 115 46.66 -7.44 -9.44
N GLU B 116 47.03 -6.69 -10.49
CA GLU B 116 47.11 -7.15 -11.89
C GLU B 116 47.93 -8.44 -12.00
N GLU B 117 49.02 -8.54 -11.21
CA GLU B 117 49.91 -9.71 -11.15
C GLU B 117 49.19 -10.95 -10.55
N LEU B 118 48.47 -10.76 -9.44
CA LEU B 118 47.72 -11.81 -8.76
C LEU B 118 46.57 -12.32 -9.62
N GLU B 119 45.85 -11.38 -10.28
CA GLU B 119 44.76 -11.64 -11.22
C GLU B 119 45.32 -12.46 -12.41
N ARG B 120 46.52 -12.12 -12.92
CA ARG B 120 47.14 -12.93 -13.97
C ARG B 120 47.46 -14.36 -13.48
N LYS B 121 47.92 -14.49 -12.22
CA LYS B 121 48.28 -15.78 -11.66
C LYS B 121 47.03 -16.61 -11.42
N TYR B 122 45.92 -15.95 -11.09
CA TYR B 122 44.65 -16.61 -10.88
C TYR B 122 44.15 -17.23 -12.19
N TRP B 123 44.06 -16.42 -13.28
CA TRP B 123 43.56 -16.86 -14.57
C TRP B 123 44.50 -17.87 -15.24
N LYS B 124 45.79 -17.86 -14.87
CA LYS B 124 46.75 -18.80 -15.43
C LYS B 124 46.70 -20.13 -14.65
N ASN B 125 46.36 -20.11 -13.35
CA ASN B 125 46.46 -21.32 -12.55
C ASN B 125 45.18 -21.88 -11.98
N LEU B 126 44.00 -21.31 -12.34
CA LEU B 126 42.74 -21.75 -11.71
C LEU B 126 42.42 -23.22 -11.92
N THR B 127 42.94 -23.86 -12.99
CA THR B 127 42.71 -25.27 -13.30
C THR B 127 43.68 -26.22 -12.55
N PHE B 128 44.74 -25.65 -11.92
CA PHE B 128 45.72 -26.45 -11.19
C PHE B 128 45.47 -26.43 -9.70
N ASN B 129 45.94 -27.47 -9.00
CA ASN B 129 45.88 -27.61 -7.57
C ASN B 129 44.52 -27.17 -6.99
N PRO B 130 43.41 -27.91 -7.33
CA PRO B 130 42.09 -27.48 -6.86
C PRO B 130 41.98 -27.10 -5.37
N PRO B 131 41.55 -25.84 -5.06
CA PRO B 131 41.49 -25.44 -3.66
C PRO B 131 40.21 -25.92 -2.99
N ILE B 132 40.13 -25.77 -1.65
CA ILE B 132 38.91 -26.10 -0.90
C ILE B 132 38.19 -24.79 -0.47
N TYR B 133 36.90 -24.69 -0.78
CA TYR B 133 36.05 -23.56 -0.41
C TYR B 133 35.09 -24.00 0.70
N GLY B 134 35.16 -23.35 1.85
CA GLY B 134 34.25 -23.58 2.98
C GLY B 134 33.00 -22.73 2.76
N ALA B 135 32.26 -23.04 1.69
CA ALA B 135 31.08 -22.31 1.22
C ALA B 135 29.72 -22.75 1.79
N ASP B 136 28.76 -21.82 1.79
CA ASP B 136 27.34 -22.00 2.18
C ASP B 136 27.14 -22.57 3.57
N VAL B 137 27.92 -22.08 4.54
CA VAL B 137 27.80 -22.53 5.93
C VAL B 137 26.70 -21.69 6.53
N ASN B 138 25.57 -22.30 6.91
CA ASN B 138 24.49 -21.58 7.58
C ASN B 138 25.03 -21.03 8.90
N GLY B 139 24.95 -19.72 9.05
CA GLY B 139 25.38 -19.05 10.27
C GLY B 139 25.68 -17.59 10.07
N THR B 140 25.96 -16.91 11.17
CA THR B 140 26.33 -15.49 11.22
C THR B 140 27.51 -15.32 12.13
N LEU B 141 28.31 -14.28 11.90
CA LEU B 141 29.40 -13.89 12.81
C LEU B 141 29.05 -12.58 13.53
N TYR B 142 27.84 -12.04 13.32
CA TYR B 142 27.35 -10.82 13.98
C TYR B 142 26.99 -11.18 15.36
N GLU B 143 27.24 -10.25 16.29
CA GLU B 143 26.83 -10.40 17.67
C GLU B 143 25.32 -10.04 17.72
N LYS B 144 24.58 -10.64 18.65
CA LYS B 144 23.12 -10.46 18.80
C LYS B 144 22.63 -9.01 18.82
N HIS B 145 23.31 -8.14 19.57
CA HIS B 145 22.93 -6.72 19.76
C HIS B 145 23.13 -5.81 18.55
N VAL B 146 23.89 -6.27 17.53
CA VAL B 146 24.18 -5.46 16.34
C VAL B 146 22.91 -5.24 15.52
N ASP B 147 22.42 -4.00 15.52
CA ASP B 147 21.18 -3.60 14.85
C ASP B 147 21.40 -3.05 13.48
N GLU B 148 22.61 -2.57 13.19
CA GLU B 148 22.92 -1.97 11.89
C GLU B 148 23.45 -3.01 10.91
N TRP B 149 22.86 -3.06 9.72
CA TRP B 149 23.23 -3.92 8.59
C TRP B 149 23.43 -5.36 9.02
N ASN B 150 22.54 -5.87 9.89
CA ASN B 150 22.63 -7.22 10.38
C ASN B 150 22.12 -8.18 9.35
N ILE B 151 23.05 -8.88 8.70
CA ILE B 151 22.77 -9.78 7.61
C ILE B 151 21.81 -10.86 8.07
N GLY B 152 21.92 -11.26 9.32
CA GLY B 152 21.02 -12.23 9.88
C GLY B 152 19.58 -11.79 9.90
N ARG B 153 19.34 -10.50 10.16
CA ARG B 153 18.00 -9.94 10.19
C ARG B 153 17.81 -8.54 9.55
N LEU B 154 17.89 -8.44 8.24
CA LEU B 154 17.72 -7.17 7.52
C LEU B 154 16.36 -6.48 7.55
N ARG B 155 15.32 -7.30 7.66
CA ARG B 155 13.90 -6.94 7.71
C ARG B 155 13.44 -6.17 6.46
N THR B 156 13.65 -6.77 5.28
CA THR B 156 13.19 -6.20 4.01
C THR B 156 11.85 -6.87 3.66
N ILE B 157 11.24 -6.47 2.52
CA ILE B 157 10.00 -7.07 2.06
C ILE B 157 10.19 -8.57 1.69
N LEU B 158 11.44 -9.06 1.56
CA LEU B 158 11.71 -10.47 1.29
C LEU B 158 11.18 -11.36 2.44
N ASP B 159 11.10 -10.80 3.67
CA ASP B 159 10.57 -11.47 4.86
C ASP B 159 9.13 -11.93 4.70
N LEU B 160 8.40 -11.37 3.71
CA LEU B 160 7.03 -11.74 3.40
C LEU B 160 6.88 -13.18 2.93
N VAL B 161 7.96 -13.76 2.36
CA VAL B 161 8.01 -15.16 1.89
C VAL B 161 7.83 -16.09 3.10
N GLU B 170 12.13 -21.35 2.92
CA GLU B 170 13.28 -21.69 2.08
C GLU B 170 14.58 -21.00 2.59
N GLY B 171 15.75 -21.39 2.04
CA GLY B 171 17.04 -20.82 2.43
C GLY B 171 17.46 -19.56 1.67
N VAL B 172 16.64 -18.49 1.75
CA VAL B 172 16.88 -17.22 1.02
C VAL B 172 16.99 -15.98 1.93
N ASN B 173 16.38 -16.07 3.07
CA ASN B 173 16.35 -15.04 4.05
C ASN B 173 17.43 -15.26 5.10
N THR B 174 18.11 -16.43 5.08
CA THR B 174 19.08 -16.83 6.10
C THR B 174 20.55 -16.47 5.75
N PRO B 175 21.43 -16.26 6.77
CA PRO B 175 22.83 -15.94 6.45
C PRO B 175 23.69 -17.16 6.19
N TYR B 176 24.66 -16.97 5.31
CA TYR B 176 25.65 -17.97 4.90
C TYR B 176 27.04 -17.40 5.07
N LEU B 177 27.94 -18.25 5.54
CA LEU B 177 29.35 -17.95 5.73
C LEU B 177 30.18 -18.63 4.67
N TYR B 178 31.22 -17.94 4.20
CA TYR B 178 32.14 -18.42 3.14
C TYR B 178 33.57 -18.24 3.60
N PHE B 179 34.23 -19.35 3.89
CA PHE B 179 35.61 -19.39 4.32
C PHE B 179 36.40 -19.68 3.06
N GLY B 180 37.14 -18.68 2.62
CA GLY B 180 37.91 -18.81 1.39
C GLY B 180 39.36 -19.09 1.61
N MET B 181 40.02 -19.48 0.53
CA MET B 181 41.44 -19.64 0.45
C MET B 181 41.81 -19.15 -0.94
N TRP B 182 43.09 -19.03 -1.23
CA TRP B 182 43.56 -18.53 -2.50
C TRP B 182 42.96 -19.32 -3.65
N LYS B 183 42.49 -18.62 -4.70
CA LYS B 183 42.01 -19.25 -5.94
C LYS B 183 40.62 -19.90 -5.85
N THR B 184 39.93 -19.80 -4.68
CA THR B 184 38.55 -20.26 -4.57
C THR B 184 37.73 -19.24 -5.33
N SER B 185 36.74 -19.69 -6.10
CA SER B 185 35.97 -18.80 -6.94
C SER B 185 34.48 -18.93 -6.92
N PHE B 186 33.83 -17.86 -7.38
CA PHE B 186 32.41 -17.87 -7.62
C PHE B 186 32.24 -17.57 -9.09
N ALA B 187 31.48 -18.41 -9.75
CA ALA B 187 31.19 -18.34 -11.17
C ALA B 187 30.20 -17.26 -11.55
N TRP B 188 30.12 -16.95 -12.84
CA TRP B 188 29.16 -15.93 -13.32
C TRP B 188 27.72 -16.29 -13.02
N HIS B 189 27.00 -15.35 -12.37
CA HIS B 189 25.59 -15.58 -12.04
C HIS B 189 24.92 -14.31 -11.58
N THR B 190 23.59 -14.33 -11.56
CA THR B 190 22.74 -13.33 -10.93
C THR B 190 22.22 -14.10 -9.69
N GLU B 191 21.63 -13.41 -8.72
CA GLU B 191 21.09 -14.07 -7.55
C GLU B 191 19.86 -14.89 -7.91
N ASP B 192 19.51 -15.87 -7.06
CA ASP B 192 18.33 -16.67 -7.28
C ASP B 192 17.12 -15.71 -7.22
N MET B 193 16.17 -15.86 -8.16
CA MET B 193 14.97 -15.02 -8.30
C MET B 193 15.33 -13.58 -8.69
N ASP B 194 16.57 -13.36 -9.17
CA ASP B 194 17.17 -12.07 -9.52
C ASP B 194 17.03 -11.06 -8.39
N LEU B 195 17.30 -11.51 -7.14
CA LEU B 195 17.21 -10.70 -5.90
C LEU B 195 18.51 -9.91 -5.75
N TYR B 196 18.57 -9.09 -4.70
CA TYR B 196 19.77 -8.36 -4.32
C TYR B 196 20.53 -9.29 -3.41
N SER B 197 21.80 -8.96 -3.14
CA SER B 197 22.56 -9.65 -2.14
C SER B 197 23.45 -8.64 -1.42
N ILE B 198 23.82 -9.00 -0.20
CA ILE B 198 24.73 -8.25 0.64
C ILE B 198 25.83 -9.23 1.00
N ASN B 199 27.07 -8.75 0.92
CA ASN B 199 28.26 -9.54 1.24
C ASN B 199 29.18 -8.69 2.09
N TYR B 200 29.45 -9.13 3.30
CA TYR B 200 30.37 -8.47 4.21
C TYR B 200 31.63 -9.31 4.37
N LEU B 201 32.81 -8.67 4.24
CA LEU B 201 34.08 -9.34 4.41
C LEU B 201 34.49 -9.19 5.88
N HIS B 202 34.19 -10.21 6.69
CA HIS B 202 34.47 -10.16 8.11
C HIS B 202 35.93 -9.96 8.38
N PHE B 203 36.78 -10.79 7.73
CA PHE B 203 38.20 -10.71 7.95
C PHE B 203 38.95 -11.40 6.86
N GLY B 204 40.27 -11.22 6.89
CA GLY B 204 41.18 -11.93 6.03
C GLY B 204 41.58 -11.23 4.77
N GLU B 205 42.07 -12.04 3.85
CA GLU B 205 42.59 -11.60 2.57
C GLU B 205 41.46 -11.14 1.65
N PRO B 206 41.74 -10.23 0.68
CA PRO B 206 40.64 -9.67 -0.13
C PRO B 206 39.86 -10.66 -0.99
N LYS B 207 38.73 -10.17 -1.52
CA LYS B 207 37.87 -10.89 -2.46
C LYS B 207 37.70 -9.96 -3.67
N SER B 208 38.09 -10.42 -4.87
CA SER B 208 37.97 -9.66 -6.13
C SER B 208 36.72 -10.06 -6.88
N TRP B 209 36.03 -9.05 -7.45
CA TRP B 209 34.75 -9.17 -8.13
C TRP B 209 34.84 -8.59 -9.50
N TYR B 210 34.06 -9.17 -10.40
CA TYR B 210 33.79 -8.73 -11.78
C TYR B 210 32.29 -8.62 -11.85
N SER B 211 31.80 -7.66 -12.60
CA SER B 211 30.38 -7.46 -12.75
C SER B 211 30.09 -6.93 -14.13
N VAL B 212 28.90 -7.25 -14.61
CA VAL B 212 28.37 -6.81 -15.86
C VAL B 212 27.07 -6.02 -15.52
N PRO B 213 26.95 -4.74 -16.01
CA PRO B 213 25.70 -3.98 -15.74
C PRO B 213 24.42 -4.72 -16.09
N PRO B 214 23.34 -4.68 -15.26
CA PRO B 214 22.07 -5.33 -15.62
C PRO B 214 21.58 -5.00 -17.04
N GLU B 215 21.81 -3.76 -17.53
CA GLU B 215 21.42 -3.35 -18.88
C GLU B 215 22.17 -4.10 -20.00
N HIS B 216 23.28 -4.81 -19.65
CA HIS B 216 24.09 -5.58 -20.61
C HIS B 216 24.11 -7.08 -20.29
N GLY B 217 23.29 -7.50 -19.33
CA GLY B 217 23.21 -8.88 -18.87
C GLY B 217 22.87 -9.91 -19.93
N LYS B 218 22.01 -9.51 -20.87
CA LYS B 218 21.56 -10.35 -21.98
C LYS B 218 22.67 -10.59 -23.01
N ARG B 219 23.63 -9.68 -23.10
CA ARG B 219 24.80 -9.78 -23.95
C ARG B 219 25.76 -10.82 -23.35
N LEU B 220 25.88 -10.87 -22.01
CA LEU B 220 26.68 -11.90 -21.38
C LEU B 220 26.06 -13.28 -21.62
N GLU B 221 24.73 -13.41 -21.36
CA GLU B 221 23.97 -14.67 -21.56
C GLU B 221 24.14 -15.19 -23.00
N ARG B 222 24.05 -14.29 -23.99
CA ARG B 222 24.21 -14.65 -25.41
C ARG B 222 25.61 -15.17 -25.69
N LEU B 223 26.62 -14.51 -25.13
CA LEU B 223 27.99 -14.97 -25.30
C LEU B 223 28.18 -16.40 -24.69
N ALA B 224 27.70 -16.62 -23.44
CA ALA B 224 27.80 -17.89 -22.71
C ALA B 224 27.10 -19.01 -23.43
N LYS B 225 25.91 -18.72 -24.02
CA LYS B 225 25.10 -19.64 -24.81
C LYS B 225 25.88 -20.08 -26.07
N GLY B 226 26.57 -19.12 -26.71
CA GLY B 226 27.40 -19.40 -27.87
C GLY B 226 28.58 -20.31 -27.57
N PHE B 227 29.16 -20.21 -26.35
CA PHE B 227 30.30 -21.01 -25.88
C PHE B 227 29.93 -22.35 -25.30
N PHE B 228 28.76 -22.46 -24.66
CA PHE B 228 28.28 -23.67 -23.99
C PHE B 228 26.91 -24.02 -24.58
N PRO B 229 26.84 -24.43 -25.88
CA PRO B 229 25.53 -24.72 -26.50
C PRO B 229 24.82 -25.97 -25.95
N GLY B 230 25.61 -26.95 -25.47
CA GLY B 230 25.11 -28.19 -24.89
C GLY B 230 24.38 -27.93 -23.58
N SER B 231 25.00 -27.08 -22.71
CA SER B 231 24.47 -26.64 -21.42
C SER B 231 23.19 -25.80 -21.62
N ALA B 232 23.19 -24.92 -22.64
CA ALA B 232 22.07 -24.05 -22.99
C ALA B 232 20.83 -24.82 -23.46
N GLN B 233 21.02 -25.87 -24.30
CA GLN B 233 19.92 -26.72 -24.79
C GLN B 233 19.31 -27.53 -23.62
N SER B 234 20.17 -27.99 -22.66
CA SER B 234 19.78 -28.77 -21.48
C SER B 234 19.00 -27.94 -20.47
N CYS B 235 19.40 -26.66 -20.27
CA CYS B 235 18.81 -25.72 -19.33
C CYS B 235 18.96 -24.31 -19.88
N GLU B 236 17.84 -23.59 -20.01
CA GLU B 236 17.83 -22.20 -20.50
C GLU B 236 18.71 -21.30 -19.60
N ALA B 237 18.48 -21.42 -18.29
CA ALA B 237 19.13 -20.68 -17.21
C ALA B 237 20.36 -21.43 -16.63
N PHE B 238 21.24 -22.00 -17.47
CA PHE B 238 22.40 -22.80 -17.06
C PHE B 238 23.42 -22.00 -16.24
N LEU B 239 23.45 -20.66 -16.37
CA LEU B 239 24.36 -19.84 -15.57
C LEU B 239 23.99 -19.89 -14.09
N ARG B 240 22.72 -20.23 -13.78
CA ARG B 240 22.18 -20.39 -12.41
C ARG B 240 22.81 -21.58 -11.69
N HIS B 241 23.46 -22.52 -12.44
CA HIS B 241 24.19 -23.64 -11.88
C HIS B 241 25.47 -23.13 -11.22
N LYS B 242 25.91 -21.88 -11.56
CA LYS B 242 27.07 -21.20 -10.99
C LYS B 242 28.37 -22.02 -11.20
N MET B 243 28.54 -22.47 -12.45
CA MET B 243 29.69 -23.30 -12.84
C MET B 243 30.54 -22.66 -13.93
N THR B 244 30.04 -21.62 -14.56
CA THR B 244 30.68 -21.01 -15.72
C THR B 244 31.58 -19.85 -15.32
N LEU B 245 32.88 -20.00 -15.62
CA LEU B 245 33.88 -18.95 -15.37
C LEU B 245 34.33 -18.42 -16.72
N ILE B 246 34.32 -17.07 -16.85
CA ILE B 246 34.72 -16.38 -18.09
C ILE B 246 35.69 -15.30 -17.70
N SER B 247 36.88 -15.31 -18.28
CA SER B 247 37.93 -14.33 -17.96
C SER B 247 37.61 -12.92 -18.46
N PRO B 248 38.10 -11.85 -17.78
CA PRO B 248 37.86 -10.48 -18.27
C PRO B 248 38.38 -10.24 -19.68
N LEU B 249 39.47 -10.92 -20.06
CA LEU B 249 40.08 -10.83 -21.39
C LEU B 249 39.15 -11.38 -22.47
N MET B 250 38.32 -12.45 -22.15
CA MET B 250 37.31 -13.02 -23.05
C MET B 250 36.20 -11.99 -23.23
N LEU B 251 35.83 -11.33 -22.12
CA LEU B 251 34.80 -10.29 -22.12
C LEU B 251 35.22 -9.09 -22.96
N LYS B 252 36.46 -8.67 -22.83
CA LYS B 252 37.05 -7.59 -23.61
C LYS B 252 37.14 -8.00 -25.09
N LYS B 253 37.53 -9.25 -25.38
CA LYS B 253 37.61 -9.80 -26.75
C LYS B 253 36.27 -9.71 -27.52
N TYR B 254 35.16 -9.98 -26.82
CA TYR B 254 33.82 -9.97 -27.38
C TYR B 254 33.06 -8.70 -27.06
N GLY B 255 33.79 -7.68 -26.57
CA GLY B 255 33.25 -6.36 -26.27
C GLY B 255 32.11 -6.26 -25.26
N ILE B 256 32.01 -7.22 -24.32
CA ILE B 256 30.97 -7.21 -23.28
C ILE B 256 31.43 -6.21 -22.19
N PRO B 257 30.61 -5.18 -21.86
CA PRO B 257 31.04 -4.22 -20.82
C PRO B 257 31.03 -4.84 -19.41
N PHE B 258 32.08 -4.57 -18.65
CA PHE B 258 32.23 -5.06 -17.29
C PHE B 258 33.10 -4.12 -16.50
N ASP B 259 33.09 -4.30 -15.18
CA ASP B 259 33.91 -3.55 -14.28
C ASP B 259 34.50 -4.51 -13.24
N LYS B 260 35.59 -4.08 -12.59
CA LYS B 260 36.16 -4.89 -11.55
C LYS B 260 36.37 -4.07 -10.30
N VAL B 261 36.38 -4.76 -9.16
CA VAL B 261 36.57 -4.16 -7.84
C VAL B 261 37.11 -5.21 -6.89
N THR B 262 37.98 -4.80 -5.97
CA THR B 262 38.51 -5.63 -4.89
C THR B 262 37.86 -5.17 -3.57
N GLN B 263 37.25 -6.12 -2.88
CA GLN B 263 36.63 -5.93 -1.60
C GLN B 263 37.66 -6.32 -0.52
N GLU B 264 37.86 -5.44 0.46
CA GLU B 264 38.81 -5.70 1.53
C GLU B 264 38.05 -5.93 2.83
N ALA B 265 38.73 -6.55 3.86
CA ALA B 265 38.10 -6.88 5.13
C ALA B 265 37.49 -5.64 5.78
N GLY B 266 36.24 -5.78 6.18
CA GLY B 266 35.41 -4.76 6.81
C GLY B 266 34.59 -3.97 5.82
N GLU B 267 34.46 -4.45 4.58
CA GLU B 267 33.66 -3.75 3.56
C GLU B 267 32.49 -4.59 3.11
N PHE B 268 31.43 -3.92 2.67
CA PHE B 268 30.22 -4.53 2.11
C PHE B 268 30.21 -4.42 0.61
N MET B 269 29.63 -5.40 -0.07
CA MET B 269 29.34 -5.40 -1.51
C MET B 269 27.87 -5.68 -1.62
N ILE B 270 27.20 -4.90 -2.48
CA ILE B 270 25.78 -5.05 -2.78
C ILE B 270 25.70 -5.42 -4.25
N THR B 271 24.93 -6.46 -4.57
CA THR B 271 24.63 -6.90 -5.92
C THR B 271 23.17 -6.55 -6.08
N PHE B 272 22.82 -6.06 -7.25
CA PHE B 272 21.50 -5.57 -7.55
C PHE B 272 20.76 -6.56 -8.45
N PRO B 273 19.40 -6.49 -8.51
CA PRO B 273 18.66 -7.43 -9.37
C PRO B 273 19.18 -7.51 -10.79
N TYR B 274 19.42 -8.73 -11.26
CA TYR B 274 19.91 -9.04 -12.62
C TYR B 274 21.36 -8.52 -12.88
N GLY B 275 22.12 -8.27 -11.80
CA GLY B 275 23.52 -7.87 -11.87
C GLY B 275 24.41 -9.11 -11.88
N TYR B 276 24.96 -9.49 -13.05
CA TYR B 276 25.86 -10.66 -13.16
C TYR B 276 27.18 -10.35 -12.52
N HIS B 277 27.68 -11.28 -11.66
CA HIS B 277 28.96 -11.12 -10.98
C HIS B 277 29.67 -12.46 -10.89
N ALA B 278 30.99 -12.40 -10.75
CA ALA B 278 31.92 -13.52 -10.58
C ALA B 278 33.14 -13.01 -9.85
N GLY B 279 34.00 -13.90 -9.40
CA GLY B 279 35.19 -13.45 -8.68
C GLY B 279 35.95 -14.54 -8.00
N PHE B 280 36.97 -14.13 -7.20
CA PHE B 280 37.86 -15.05 -6.49
C PHE B 280 38.37 -14.44 -5.20
N ASN B 281 38.85 -15.31 -4.29
CA ASN B 281 39.47 -15.00 -3.00
C ASN B 281 40.95 -15.01 -3.14
N HIS B 282 41.60 -13.99 -2.56
CA HIS B 282 43.06 -13.83 -2.58
C HIS B 282 43.73 -14.75 -1.57
N GLY B 283 42.98 -15.24 -0.59
CA GLY B 283 43.53 -16.09 0.44
C GLY B 283 42.55 -16.32 1.56
N PHE B 284 43.07 -16.77 2.72
CA PHE B 284 42.22 -17.09 3.85
C PHE B 284 41.40 -15.90 4.31
N ASN B 285 40.10 -16.08 4.34
CA ASN B 285 39.17 -15.02 4.72
C ASN B 285 37.84 -15.61 5.08
N CYS B 286 36.91 -14.73 5.47
CA CYS B 286 35.57 -15.14 5.75
C CYS B 286 34.64 -14.00 5.37
N ALA B 287 33.57 -14.32 4.61
CA ALA B 287 32.51 -13.42 4.18
C ALA B 287 31.16 -13.93 4.62
N GLU B 288 30.24 -12.99 4.92
CA GLU B 288 28.86 -13.33 5.29
C GLU B 288 27.96 -12.77 4.24
N SER B 289 26.97 -13.56 3.83
CA SER B 289 26.06 -13.15 2.78
C SER B 289 24.61 -13.58 2.99
N THR B 290 23.69 -12.89 2.28
CA THR B 290 22.24 -13.13 2.25
C THR B 290 21.60 -12.37 1.10
N ASN B 291 20.34 -12.73 0.81
CA ASN B 291 19.56 -12.08 -0.21
C ASN B 291 18.59 -11.14 0.47
N PHE B 292 18.18 -10.09 -0.22
CA PHE B 292 17.21 -9.14 0.27
C PHE B 292 16.50 -8.56 -0.92
N ALA B 293 15.41 -7.82 -0.66
CA ALA B 293 14.59 -7.22 -1.70
C ALA B 293 14.19 -5.81 -1.36
N THR B 294 13.79 -5.05 -2.39
CA THR B 294 13.19 -3.72 -2.32
C THR B 294 11.94 -3.87 -3.19
N ARG B 295 11.11 -2.84 -3.25
CA ARG B 295 9.89 -2.87 -4.08
C ARG B 295 10.22 -3.01 -5.59
N ARG B 296 11.36 -2.47 -6.04
CA ARG B 296 11.86 -2.55 -7.43
C ARG B 296 12.08 -4.02 -7.85
N TRP B 297 12.53 -4.90 -6.91
CA TRP B 297 12.76 -6.31 -7.15
C TRP B 297 11.53 -7.11 -7.60
N ILE B 298 10.31 -6.80 -7.11
CA ILE B 298 9.10 -7.57 -7.44
C ILE B 298 9.02 -7.89 -8.94
N GLU B 299 9.15 -6.86 -9.82
CA GLU B 299 9.14 -7.07 -11.28
C GLU B 299 10.19 -8.05 -11.77
N TYR B 300 11.43 -7.99 -11.21
CA TYR B 300 12.53 -8.90 -11.52
C TYR B 300 12.19 -10.32 -11.11
N GLY B 301 11.55 -10.50 -9.94
CA GLY B 301 11.14 -11.81 -9.45
C GLY B 301 10.10 -12.45 -10.34
N LYS B 302 9.14 -11.62 -10.79
CA LYS B 302 8.03 -12.00 -11.67
C LYS B 302 8.54 -12.46 -13.04
N GLN B 303 9.61 -11.82 -13.56
CA GLN B 303 10.21 -12.05 -14.88
C GLN B 303 11.48 -12.92 -14.92
N ALA B 304 12.00 -13.36 -13.76
CA ALA B 304 13.24 -14.15 -13.66
C ALA B 304 13.15 -15.47 -14.41
N VAL B 305 14.11 -15.72 -15.34
CA VAL B 305 14.18 -16.98 -16.07
C VAL B 305 14.89 -17.98 -15.14
N LEU B 306 14.17 -19.00 -14.70
CA LEU B 306 14.66 -19.98 -13.75
C LEU B 306 15.28 -21.26 -14.30
N CYS B 307 15.98 -21.97 -13.43
CA CYS B 307 16.61 -23.22 -13.80
C CYS B 307 15.57 -24.32 -13.78
N SER B 308 15.38 -24.91 -14.94
CA SER B 308 14.45 -26.00 -15.14
C SER B 308 14.81 -27.33 -14.46
N CYS B 309 16.10 -27.67 -14.47
CA CYS B 309 16.58 -28.96 -13.99
C CYS B 309 17.22 -29.19 -12.60
N ARG B 310 18.32 -28.49 -12.34
CA ARG B 310 19.18 -28.67 -11.16
C ARG B 310 18.64 -28.46 -9.74
N LYS B 311 19.12 -29.30 -8.82
CA LYS B 311 18.77 -29.28 -7.41
C LYS B 311 19.42 -28.11 -6.66
N ASP B 312 18.86 -27.80 -5.50
CA ASP B 312 19.26 -26.68 -4.61
C ASP B 312 19.13 -25.34 -5.32
N MET B 313 18.09 -25.21 -6.12
CA MET B 313 17.78 -24.01 -6.85
C MET B 313 16.54 -23.39 -6.22
N VAL B 314 16.68 -22.16 -5.79
CA VAL B 314 15.60 -21.46 -5.13
C VAL B 314 14.56 -20.81 -6.03
N LYS B 315 13.31 -21.15 -5.76
CA LYS B 315 12.12 -20.61 -6.43
C LYS B 315 11.21 -20.04 -5.33
N ILE B 316 10.68 -18.84 -5.56
CA ILE B 316 9.81 -18.13 -4.64
C ILE B 316 8.49 -17.86 -5.38
N SER B 317 7.33 -18.17 -4.74
CA SER B 317 6.03 -17.86 -5.33
C SER B 317 5.87 -16.33 -5.23
N MET B 318 5.66 -15.69 -6.38
CA MET B 318 5.56 -14.24 -6.49
C MET B 318 4.20 -13.69 -6.08
N ASP B 319 3.18 -14.55 -6.00
CA ASP B 319 1.79 -14.25 -5.67
C ASP B 319 1.59 -13.28 -4.50
N VAL B 320 2.25 -13.55 -3.33
CA VAL B 320 2.16 -12.75 -2.13
C VAL B 320 2.61 -11.29 -2.38
N PHE B 321 3.68 -11.09 -3.21
CA PHE B 321 4.21 -9.76 -3.54
C PHE B 321 3.28 -8.98 -4.46
N VAL B 322 2.60 -9.70 -5.36
CA VAL B 322 1.67 -9.17 -6.37
C VAL B 322 0.36 -8.79 -5.72
N ARG B 323 -0.06 -9.54 -4.75
CA ARG B 323 -1.24 -9.20 -4.00
C ARG B 323 -1.03 -7.92 -3.17
N LYS B 324 0.11 -7.82 -2.44
CA LYS B 324 0.42 -6.71 -1.56
C LYS B 324 0.83 -5.42 -2.26
N PHE B 325 1.78 -5.50 -3.24
CA PHE B 325 2.32 -4.28 -3.86
C PHE B 325 1.75 -3.93 -5.22
N GLN B 326 1.09 -4.88 -5.90
CA GLN B 326 0.50 -4.64 -7.21
C GLN B 326 -0.92 -5.24 -7.23
N PRO B 327 -1.87 -4.90 -6.30
CA PRO B 327 -3.20 -5.54 -6.33
C PRO B 327 -3.98 -5.29 -7.63
N GLU B 328 -3.78 -4.11 -8.24
CA GLU B 328 -4.41 -3.69 -9.50
C GLU B 328 -3.99 -4.60 -10.69
N ARG B 329 -2.77 -5.19 -10.63
CA ARG B 329 -2.19 -6.04 -11.67
C ARG B 329 -2.45 -7.53 -11.44
N TYR B 330 -2.91 -7.91 -10.22
CA TYR B 330 -3.07 -9.33 -9.82
C TYR B 330 -3.85 -10.19 -10.82
N LYS B 331 -4.98 -9.70 -11.34
CA LYS B 331 -5.80 -10.45 -12.32
C LYS B 331 -5.03 -10.61 -13.64
N LEU B 332 -4.49 -9.50 -14.16
CA LEU B 332 -3.70 -9.43 -15.39
C LEU B 332 -2.50 -10.36 -15.35
N TRP B 333 -1.79 -10.39 -14.21
CA TRP B 333 -0.58 -11.19 -13.97
C TRP B 333 -0.86 -12.69 -13.89
N LYS B 334 -1.90 -13.06 -13.13
CA LYS B 334 -2.32 -14.46 -12.97
C LYS B 334 -2.75 -15.04 -14.34
N ALA B 335 -3.40 -14.20 -15.19
CA ALA B 335 -3.86 -14.54 -16.54
C ALA B 335 -2.69 -14.71 -17.53
N GLY B 336 -1.59 -13.99 -17.28
CA GLY B 336 -0.39 -14.02 -18.11
C GLY B 336 -0.27 -12.82 -19.03
N LYS B 337 -1.19 -11.84 -18.88
CA LYS B 337 -1.26 -10.62 -19.67
C LYS B 337 -0.40 -9.47 -19.14
N ASP B 338 0.40 -9.70 -18.06
CA ASP B 338 1.28 -8.67 -17.52
C ASP B 338 2.55 -8.54 -18.37
N ASN B 339 2.50 -7.57 -19.31
CA ASN B 339 3.54 -7.29 -20.29
C ASN B 339 4.57 -6.21 -19.84
N THR B 340 4.60 -5.83 -18.54
CA THR B 340 5.52 -4.82 -17.98
C THR B 340 6.97 -5.05 -18.45
N VAL B 341 7.63 -4.01 -18.97
CA VAL B 341 9.01 -4.06 -19.46
C VAL B 341 9.93 -3.41 -18.44
N ILE B 342 10.94 -4.13 -17.97
CA ILE B 342 11.89 -3.61 -16.99
C ILE B 342 12.91 -2.61 -17.59
N ASP B 343 12.98 -1.42 -16.97
CA ASP B 343 13.96 -0.39 -17.25
C ASP B 343 14.97 -0.52 -16.11
N HIS B 344 16.17 -1.08 -16.41
CA HIS B 344 17.24 -1.34 -15.43
C HIS B 344 17.89 -0.06 -14.86
N THR B 345 17.65 1.10 -15.51
CA THR B 345 18.23 2.38 -15.08
C THR B 345 17.40 3.08 -13.99
N LEU B 346 16.12 2.69 -13.85
CA LEU B 346 15.21 3.28 -12.87
C LEU B 346 15.52 2.87 -11.44
N PRO B 347 15.59 3.86 -10.50
CA PRO B 347 15.83 3.50 -9.09
C PRO B 347 14.54 2.99 -8.43
N THR B 348 14.68 2.36 -7.27
CA THR B 348 13.56 1.80 -6.49
C THR B 348 12.57 2.91 -6.09
N PRO B 349 11.24 2.68 -6.00
CA PRO B 349 10.32 3.77 -5.61
C PRO B 349 10.65 4.46 -4.26
N GLU B 350 11.34 3.74 -3.34
CA GLU B 350 11.77 4.20 -2.01
C GLU B 350 12.82 5.33 -2.08
N ALA B 351 13.52 5.45 -3.23
CA ALA B 351 14.53 6.48 -3.54
C ALA B 351 13.90 7.87 -3.82
N ALA B 352 12.55 7.98 -3.78
CA ALA B 352 11.79 9.21 -4.05
C ALA B 352 12.19 10.40 -3.18
N GLU B 353 12.40 10.17 -1.86
CA GLU B 353 12.80 11.21 -0.90
C GLU B 353 14.18 11.87 -1.21
N PHE B 354 14.99 11.22 -2.07
CA PHE B 354 16.33 11.68 -2.48
C PHE B 354 16.34 12.24 -3.92
N LEU B 355 15.16 12.24 -4.60
CA LEU B 355 15.00 12.71 -5.98
C LEU B 355 13.94 13.80 -6.12
N PRO C 11 6.60 -39.70 41.80
CA PRO C 11 5.96 -40.65 42.73
C PRO C 11 4.43 -40.60 42.55
N SER C 12 3.80 -39.46 42.87
N SER C 12 3.83 -39.45 42.88
CA SER C 12 2.37 -39.23 42.64
CA SER C 12 2.41 -39.12 42.76
C SER C 12 2.27 -38.10 41.58
C SER C 12 2.29 -38.06 41.64
N ALA C 13 3.46 -37.73 41.02
CA ALA C 13 3.68 -36.73 39.97
C ALA C 13 3.14 -35.32 40.34
N ARG C 14 3.25 -34.97 41.66
CA ARG C 14 2.85 -33.71 42.27
C ARG C 14 4.03 -32.72 42.22
N ILE C 15 3.73 -31.41 42.07
CA ILE C 15 4.75 -30.34 42.00
C ILE C 15 5.52 -30.28 43.32
N MET C 16 6.86 -30.36 43.23
CA MET C 16 7.77 -30.32 44.38
C MET C 16 8.47 -28.97 44.51
N THR C 17 8.75 -28.55 45.76
CA THR C 17 9.43 -27.30 46.12
C THR C 17 10.77 -27.61 46.77
N PHE C 18 11.84 -26.89 46.33
CA PHE C 18 13.21 -27.06 46.79
C PHE C 18 13.78 -25.80 47.40
N TYR C 19 14.54 -25.97 48.49
CA TYR C 19 15.16 -24.88 49.25
C TYR C 19 16.68 -25.09 49.32
N PRO C 20 17.44 -24.84 48.20
CA PRO C 20 18.90 -25.02 48.24
C PRO C 20 19.62 -24.04 49.14
N THR C 21 20.75 -24.49 49.71
CA THR C 21 21.64 -23.67 50.52
C THR C 21 22.50 -22.85 49.54
N MET C 22 23.17 -21.78 50.00
CA MET C 22 24.03 -20.98 49.11
C MET C 22 25.07 -21.85 48.36
N GLU C 23 25.62 -22.89 49.02
CA GLU C 23 26.62 -23.81 48.46
C GLU C 23 25.98 -24.66 47.35
N GLU C 24 24.77 -25.20 47.64
CA GLU C 24 23.96 -26.02 46.73
C GLU C 24 23.59 -25.23 45.47
N PHE C 25 23.08 -24.00 45.69
CA PHE C 25 22.63 -23.06 44.68
C PHE C 25 23.65 -22.72 43.61
N ARG C 26 24.95 -22.64 43.98
CA ARG C 26 26.04 -22.25 43.09
C ARG C 26 26.17 -23.14 41.83
N ASN C 27 25.95 -24.47 41.93
CA ASN C 27 25.98 -25.29 40.71
C ASN C 27 24.54 -25.56 40.24
N PHE C 28 24.19 -24.93 39.10
CA PHE C 28 22.87 -24.98 38.46
C PHE C 28 22.55 -26.37 37.94
N SER C 29 23.31 -26.87 36.92
CA SER C 29 23.10 -28.19 36.31
C SER C 29 23.18 -29.33 37.33
N ARG C 30 23.97 -29.14 38.40
CA ARG C 30 24.08 -30.13 39.46
C ARG C 30 22.78 -30.12 40.26
N TYR C 31 22.21 -28.91 40.49
CA TYR C 31 20.96 -28.81 41.23
C TYR C 31 19.78 -29.32 40.42
N ILE C 32 19.82 -29.15 39.08
CA ILE C 32 18.78 -29.69 38.20
C ILE C 32 18.83 -31.23 38.30
N ALA C 33 20.04 -31.80 38.27
CA ALA C 33 20.31 -33.24 38.41
C ALA C 33 19.84 -33.75 39.78
N TYR C 34 20.09 -32.98 40.87
CA TYR C 34 19.62 -33.34 42.21
C TYR C 34 18.09 -33.38 42.31
N ILE C 35 17.38 -32.33 41.81
CA ILE C 35 15.92 -32.31 41.88
C ILE C 35 15.31 -33.45 41.01
N GLU C 36 16.00 -33.87 39.94
CA GLU C 36 15.56 -34.98 39.09
C GLU C 36 15.71 -36.28 39.86
N SER C 37 16.77 -36.39 40.67
CA SER C 37 17.01 -37.59 41.49
C SER C 37 15.95 -37.75 42.58
N GLN C 38 15.21 -36.67 42.87
CA GLN C 38 14.13 -36.59 43.86
C GLN C 38 12.75 -36.83 43.22
N GLY C 39 12.71 -36.95 41.89
CA GLY C 39 11.48 -37.16 41.12
C GLY C 39 10.76 -35.89 40.71
N ALA C 40 11.42 -34.73 40.78
CA ALA C 40 10.82 -33.43 40.45
C ALA C 40 10.23 -33.32 39.04
N HIS C 41 10.89 -33.97 38.07
CA HIS C 41 10.53 -33.95 36.66
C HIS C 41 9.22 -34.64 36.35
N ARG C 42 8.79 -35.58 37.22
CA ARG C 42 7.58 -36.35 37.03
C ARG C 42 6.32 -35.48 36.93
N ALA C 43 6.28 -34.39 37.69
CA ALA C 43 5.18 -33.43 37.69
C ALA C 43 5.24 -32.53 36.41
N GLY C 44 6.43 -32.35 35.83
CA GLY C 44 6.63 -31.52 34.66
C GLY C 44 7.00 -30.10 35.00
N LEU C 45 6.81 -29.73 36.30
CA LEU C 45 7.04 -28.41 36.90
C LEU C 45 7.52 -28.55 38.34
N ALA C 46 8.55 -27.76 38.73
CA ALA C 46 9.09 -27.71 40.07
C ALA C 46 9.36 -26.25 40.46
N LYS C 47 9.27 -25.95 41.77
CA LYS C 47 9.59 -24.65 42.35
C LYS C 47 10.93 -24.71 43.08
N VAL C 48 11.76 -23.72 42.90
CA VAL C 48 13.04 -23.62 43.59
C VAL C 48 13.08 -22.25 44.28
N VAL C 49 13.10 -22.28 45.60
CA VAL C 49 13.16 -21.08 46.42
C VAL C 49 14.67 -20.83 46.67
N PRO C 50 15.26 -19.74 46.15
CA PRO C 50 16.69 -19.52 46.35
C PRO C 50 17.06 -19.15 47.79
N PRO C 51 18.36 -19.25 48.20
CA PRO C 51 18.71 -18.89 49.58
C PRO C 51 18.53 -17.38 49.81
N LYS C 52 17.98 -16.98 50.99
CA LYS C 52 17.61 -15.62 51.41
C LYS C 52 18.63 -14.52 51.07
N GLU C 53 19.93 -14.81 51.27
CA GLU C 53 21.03 -13.89 51.00
C GLU C 53 21.15 -13.51 49.51
N TRP C 54 20.62 -14.34 48.61
CA TRP C 54 20.66 -14.13 47.17
C TRP C 54 19.61 -13.17 46.66
N LYS C 55 20.06 -12.23 45.80
CA LYS C 55 19.29 -11.19 45.10
C LYS C 55 19.94 -11.00 43.71
N PRO C 56 19.18 -11.04 42.58
CA PRO C 56 19.83 -10.88 41.27
C PRO C 56 20.09 -9.43 40.85
N ARG C 57 19.49 -8.47 41.56
CA ARG C 57 19.55 -7.04 41.28
C ARG C 57 19.24 -6.31 42.59
N ALA C 58 19.96 -5.20 42.87
CA ALA C 58 19.79 -4.42 44.10
C ALA C 58 18.41 -3.77 44.24
N SER C 59 17.90 -3.19 43.15
CA SER C 59 16.60 -2.50 43.14
C SER C 59 15.97 -2.53 41.75
N TYR C 60 14.64 -2.41 41.71
CA TYR C 60 13.89 -2.38 40.45
C TYR C 60 13.21 -1.01 40.22
N ASP C 61 13.74 0.06 40.83
CA ASP C 61 13.22 1.42 40.72
C ASP C 61 13.88 2.27 39.61
N ASP C 62 14.69 1.62 38.78
CA ASP C 62 15.41 2.26 37.69
C ASP C 62 14.94 1.77 36.28
N ILE C 63 13.87 0.97 36.22
CA ILE C 63 13.44 0.36 34.94
C ILE C 63 12.16 0.99 34.33
N ASP C 64 11.67 2.13 34.88
CA ASP C 64 10.45 2.82 34.39
C ASP C 64 10.50 3.22 32.91
N ASP C 65 11.70 3.53 32.42
CA ASP C 65 11.92 3.96 31.04
C ASP C 65 12.25 2.83 30.09
N LEU C 66 12.32 1.59 30.62
CA LEU C 66 12.56 0.39 29.82
C LEU C 66 11.39 0.22 28.85
N VAL C 67 11.74 0.05 27.57
CA VAL C 67 10.77 -0.10 26.51
C VAL C 67 10.36 -1.57 26.34
N ILE C 68 9.03 -1.75 26.25
CA ILE C 68 8.35 -2.99 25.93
C ILE C 68 8.04 -2.75 24.44
N PRO C 69 8.86 -3.30 23.51
CA PRO C 69 8.68 -3.00 22.07
C PRO C 69 7.37 -3.44 21.43
N ALA C 70 6.84 -4.60 21.83
CA ALA C 70 5.63 -5.18 21.27
C ALA C 70 4.62 -5.66 22.32
N PRO C 71 3.89 -4.75 23.05
CA PRO C 71 2.88 -5.23 24.01
C PRO C 71 1.76 -6.00 23.31
N ILE C 72 1.20 -7.03 23.95
CA ILE C 72 0.13 -7.76 23.27
C ILE C 72 -1.18 -7.65 24.05
N GLN C 73 -2.26 -7.15 23.40
CA GLN C 73 -3.56 -7.17 24.03
C GLN C 73 -4.08 -8.59 23.81
N GLN C 74 -4.41 -9.29 24.90
CA GLN C 74 -4.79 -10.68 24.77
C GLN C 74 -6.28 -10.80 24.75
N LEU C 75 -6.83 -11.13 23.58
CA LEU C 75 -8.26 -11.30 23.39
C LEU C 75 -8.61 -12.74 23.45
N VAL C 76 -9.54 -13.10 24.30
CA VAL C 76 -9.92 -14.48 24.52
C VAL C 76 -11.36 -14.69 24.11
N THR C 77 -11.58 -15.75 23.35
CA THR C 77 -12.87 -16.16 22.85
C THR C 77 -13.14 -17.60 23.26
N GLY C 78 -14.36 -17.86 23.71
CA GLY C 78 -14.76 -19.18 24.13
C GLY C 78 -15.83 -19.19 25.21
N GLN C 79 -16.09 -20.40 25.70
CA GLN C 79 -17.08 -20.71 26.72
C GLN C 79 -16.82 -22.15 27.17
N SER C 80 -17.51 -22.57 28.25
CA SER C 80 -17.47 -23.94 28.81
C SER C 80 -16.06 -24.48 29.06
N GLY C 81 -15.17 -23.61 29.55
CA GLY C 81 -13.80 -23.96 29.90
C GLY C 81 -12.83 -24.11 28.75
N LEU C 82 -13.29 -23.86 27.50
CA LEU C 82 -12.46 -23.97 26.29
C LEU C 82 -12.39 -22.64 25.57
N PHE C 83 -11.17 -22.10 25.46
CA PHE C 83 -10.95 -20.78 24.92
C PHE C 83 -9.79 -20.73 23.95
N THR C 84 -9.80 -19.71 23.06
CA THR C 84 -8.74 -19.39 22.12
C THR C 84 -8.31 -17.96 22.39
N GLN C 85 -7.01 -17.78 22.59
CA GLN C 85 -6.39 -16.50 22.82
C GLN C 85 -5.76 -15.94 21.53
N TYR C 86 -6.13 -14.72 21.21
CA TYR C 86 -5.64 -13.97 20.06
C TYR C 86 -4.81 -12.80 20.57
N ASN C 87 -3.60 -12.69 20.06
CA ASN C 87 -2.69 -11.62 20.46
C ASN C 87 -2.76 -10.47 19.48
N ILE C 88 -2.98 -9.26 19.98
CA ILE C 88 -3.07 -8.04 19.17
C ILE C 88 -1.88 -7.21 19.57
N GLN C 89 -0.93 -7.02 18.65
CA GLN C 89 0.25 -6.21 18.94
C GLN C 89 -0.14 -4.76 19.01
N LYS C 90 0.22 -4.13 20.14
CA LYS C 90 -0.02 -2.72 20.40
C LYS C 90 1.30 -1.98 20.18
N LYS C 91 1.28 -0.63 20.11
CA LYS C 91 2.51 0.17 19.92
C LYS C 91 3.40 0.08 21.18
N ALA C 92 4.75 0.28 21.00
CA ALA C 92 5.73 0.24 22.08
C ALA C 92 5.36 1.16 23.24
N MET C 93 5.62 0.70 24.44
CA MET C 93 5.32 1.46 25.64
C MET C 93 6.37 1.20 26.70
N THR C 94 6.53 2.14 27.63
CA THR C 94 7.48 2.00 28.71
C THR C 94 6.86 1.17 29.85
N VAL C 95 7.71 0.68 30.77
CA VAL C 95 7.30 -0.05 31.96
C VAL C 95 6.39 0.87 32.83
N ARG C 96 6.65 2.20 32.79
CA ARG C 96 5.89 3.21 33.49
C ARG C 96 4.47 3.28 32.98
N GLU C 97 4.28 3.33 31.62
CA GLU C 97 2.97 3.41 30.94
C GLU C 97 2.21 2.12 31.16
N PHE C 98 2.95 0.99 31.16
CA PHE C 98 2.42 -0.33 31.39
C PHE C 98 1.86 -0.48 32.84
N ARG C 99 2.63 -0.04 33.86
CA ARG C 99 2.21 -0.12 35.26
C ARG C 99 0.97 0.76 35.58
N LYS C 100 0.83 1.95 34.91
CA LYS C 100 -0.32 2.85 35.08
C LYS C 100 -1.56 2.12 34.61
N ILE C 101 -1.46 1.46 33.44
CA ILE C 101 -2.54 0.66 32.90
C ILE C 101 -2.78 -0.57 33.81
N ALA C 102 -1.72 -1.28 34.23
CA ALA C 102 -1.81 -2.46 35.11
C ALA C 102 -2.57 -2.20 36.42
N ASN C 103 -2.24 -1.08 37.10
CA ASN C 103 -2.79 -0.70 38.40
C ASN C 103 -4.08 0.15 38.35
N SER C 104 -4.46 0.71 37.18
CA SER C 104 -5.70 1.48 37.01
C SER C 104 -6.95 0.69 37.46
N ASP C 105 -8.07 1.39 37.72
CA ASP C 105 -9.36 0.78 38.11
C ASP C 105 -9.85 -0.21 37.06
N LYS C 106 -9.63 0.08 35.76
CA LYS C 106 -10.04 -0.77 34.64
C LYS C 106 -9.34 -2.13 34.66
N TYR C 107 -8.02 -2.17 34.94
CA TYR C 107 -7.24 -3.41 34.86
C TYR C 107 -6.70 -4.02 36.16
N CYS C 108 -6.86 -3.34 37.32
N CYS C 108 -6.81 -3.34 37.32
CA CYS C 108 -6.35 -3.84 38.61
CA CYS C 108 -6.27 -3.87 38.58
C CYS C 108 -6.98 -5.18 39.03
C CYS C 108 -6.95 -5.18 39.02
N THR C 109 -6.25 -5.93 39.89
CA THR C 109 -6.69 -7.20 40.46
C THR C 109 -7.97 -6.98 41.29
N PRO C 110 -8.98 -7.87 41.17
CA PRO C 110 -10.17 -7.74 42.02
C PRO C 110 -9.85 -8.14 43.49
N ARG C 111 -10.77 -7.79 44.42
CA ARG C 111 -10.60 -8.13 45.83
C ARG C 111 -10.79 -9.64 45.99
N TYR C 112 -9.96 -10.28 46.83
CA TYR C 112 -10.03 -11.72 47.09
C TYR C 112 -9.43 -12.13 48.43
N SER C 113 -10.00 -13.22 49.01
CA SER C 113 -9.58 -13.81 50.26
C SER C 113 -8.51 -14.90 49.97
N GLU C 114 -8.97 -16.08 49.51
CA GLU C 114 -8.13 -17.24 49.17
C GLU C 114 -7.82 -17.26 47.68
N PHE C 115 -6.81 -18.06 47.25
CA PHE C 115 -6.43 -18.19 45.84
C PHE C 115 -7.59 -18.70 44.98
N GLU C 116 -8.34 -19.70 45.52
CA GLU C 116 -9.47 -20.32 44.87
C GLU C 116 -10.45 -19.28 44.32
N GLU C 117 -10.63 -18.14 45.02
CA GLU C 117 -11.49 -17.03 44.62
C GLU C 117 -10.96 -16.36 43.36
N LEU C 118 -9.68 -15.93 43.40
CA LEU C 118 -9.03 -15.26 42.28
C LEU C 118 -9.03 -16.19 41.08
N GLU C 119 -8.70 -17.48 41.28
CA GLU C 119 -8.75 -18.49 40.25
C GLU C 119 -10.16 -18.55 39.62
N ARG C 120 -11.26 -18.57 40.45
CA ARG C 120 -12.65 -18.53 39.96
C ARG C 120 -12.95 -17.28 39.15
N LYS C 121 -12.53 -16.09 39.64
CA LYS C 121 -12.73 -14.81 38.93
C LYS C 121 -11.99 -14.84 37.61
N TYR C 122 -10.79 -15.43 37.59
CA TYR C 122 -9.99 -15.52 36.36
C TYR C 122 -10.74 -16.28 35.29
N TRP C 123 -11.18 -17.51 35.59
CA TRP C 123 -11.88 -18.38 34.64
C TRP C 123 -13.29 -17.86 34.28
N LYS C 124 -13.87 -17.01 35.13
CA LYS C 124 -15.18 -16.41 34.89
C LYS C 124 -15.02 -15.16 34.01
N ASN C 125 -13.89 -14.43 34.15
CA ASN C 125 -13.74 -13.18 33.44
C ASN C 125 -12.67 -13.10 32.36
N LEU C 126 -11.97 -14.20 32.02
CA LEU C 126 -10.84 -14.12 31.06
C LEU C 126 -11.20 -13.59 29.68
N THR C 127 -12.48 -13.73 29.27
CA THR C 127 -12.94 -13.23 27.96
C THR C 127 -13.34 -11.75 27.98
N PHE C 128 -13.45 -11.15 29.20
CA PHE C 128 -13.83 -9.75 29.34
C PHE C 128 -12.65 -8.88 29.59
N ASN C 129 -12.80 -7.60 29.21
CA ASN C 129 -11.80 -6.56 29.42
C ASN C 129 -10.36 -7.04 29.09
N PRO C 130 -10.08 -7.35 27.80
CA PRO C 130 -8.75 -7.89 27.44
C PRO C 130 -7.55 -7.13 28.03
N PRO C 131 -6.68 -7.82 28.79
CA PRO C 131 -5.53 -7.14 29.37
C PRO C 131 -4.38 -7.00 28.37
N ILE C 132 -3.36 -6.18 28.73
CA ILE C 132 -2.12 -6.03 27.93
C ILE C 132 -0.98 -6.78 28.61
N TYR C 133 -0.30 -7.64 27.83
CA TYR C 133 0.85 -8.42 28.31
C TYR C 133 2.12 -7.88 27.67
N GLY C 134 3.05 -7.39 28.50
CA GLY C 134 4.35 -6.91 28.05
C GLY C 134 5.30 -8.09 27.95
N ALA C 135 4.97 -9.02 27.04
CA ALA C 135 5.63 -10.29 26.81
C ALA C 135 6.78 -10.28 25.81
N ASP C 136 7.69 -11.28 25.97
CA ASP C 136 8.84 -11.57 25.11
C ASP C 136 9.76 -10.38 24.84
N VAL C 137 10.04 -9.59 25.86
CA VAL C 137 10.93 -8.44 25.76
C VAL C 137 12.33 -9.01 25.90
N ASN C 138 13.15 -8.91 24.86
CA ASN C 138 14.52 -9.42 24.94
C ASN C 138 15.23 -8.57 25.98
N GLY C 139 15.78 -9.23 26.98
CA GLY C 139 16.53 -8.54 28.02
C GLY C 139 16.60 -9.30 29.32
N THR C 140 17.34 -8.75 30.26
CA THR C 140 17.57 -9.31 31.58
C THR C 140 17.49 -8.21 32.61
N LEU C 141 17.13 -8.56 33.84
CA LEU C 141 17.13 -7.62 34.95
C LEU C 141 18.25 -8.01 35.93
N TYR C 142 19.00 -9.07 35.61
CA TYR C 142 20.15 -9.52 36.40
C TYR C 142 21.27 -8.51 36.28
N GLU C 143 22.05 -8.35 37.34
CA GLU C 143 23.27 -7.53 37.32
C GLU C 143 24.40 -8.43 36.78
N LYS C 144 25.37 -7.84 36.09
CA LYS C 144 26.47 -8.55 35.44
C LYS C 144 27.23 -9.55 36.32
N HIS C 145 27.58 -9.14 37.55
CA HIS C 145 28.36 -9.92 38.52
C HIS C 145 27.63 -11.14 39.13
N VAL C 146 26.30 -11.21 39.00
CA VAL C 146 25.46 -12.30 39.56
C VAL C 146 25.78 -13.62 38.84
N ASP C 147 26.50 -14.54 39.53
CA ASP C 147 26.97 -15.84 39.01
C ASP C 147 26.04 -17.01 39.24
N GLU C 148 25.15 -16.90 40.21
CA GLU C 148 24.24 -18.01 40.54
C GLU C 148 22.89 -17.84 39.88
N TRP C 149 22.51 -18.88 39.10
CA TRP C 149 21.26 -19.04 38.37
C TRP C 149 20.98 -17.88 37.44
N ASN C 150 22.03 -17.42 36.74
CA ASN C 150 21.92 -16.32 35.81
C ASN C 150 21.27 -16.80 34.51
N ILE C 151 20.02 -16.40 34.33
CA ILE C 151 19.21 -16.82 33.21
C ILE C 151 19.86 -16.47 31.89
N GLY C 152 20.54 -15.35 31.84
CA GLY C 152 21.24 -14.99 30.62
C GLY C 152 22.34 -15.96 30.26
N ARG C 153 23.06 -16.44 31.27
CA ARG C 153 24.17 -17.37 31.05
C ARG C 153 24.20 -18.60 31.95
N LEU C 154 23.30 -19.55 31.70
CA LEU C 154 23.19 -20.81 32.45
C LEU C 154 24.30 -21.86 32.20
N ARG C 155 24.93 -21.80 31.04
CA ARG C 155 26.01 -22.72 30.65
C ARG C 155 25.69 -24.21 30.67
N THR C 156 24.54 -24.57 30.13
CA THR C 156 24.13 -25.96 30.00
C THR C 156 24.58 -26.48 28.64
N ILE C 157 24.20 -27.70 28.29
CA ILE C 157 24.58 -28.27 27.01
C ILE C 157 23.86 -27.68 25.81
N LEU C 158 22.86 -26.84 26.06
CA LEU C 158 22.12 -26.13 25.00
C LEU C 158 23.08 -25.18 24.27
N ASP C 159 24.14 -24.71 24.97
CA ASP C 159 25.19 -23.83 24.44
C ASP C 159 25.90 -24.41 23.23
N LEU C 160 25.86 -25.75 23.07
CA LEU C 160 26.46 -26.49 21.95
C LEU C 160 25.84 -26.13 20.60
N VAL C 161 24.57 -25.68 20.59
CA VAL C 161 23.87 -25.25 19.38
C VAL C 161 24.60 -24.06 18.72
N GLU C 162 24.99 -23.06 19.54
CA GLU C 162 25.70 -21.86 19.07
C GLU C 162 27.18 -22.12 18.78
N LYS C 163 27.80 -23.04 19.55
CA LYS C 163 29.21 -23.40 19.48
C LYS C 163 29.64 -23.99 18.13
N GLU C 164 28.79 -24.88 17.57
CA GLU C 164 29.02 -25.55 16.28
C GLU C 164 28.73 -24.62 15.07
N SER C 165 27.80 -23.65 15.22
CA SER C 165 27.37 -22.69 14.20
C SER C 165 27.01 -21.32 14.82
N GLU C 170 20.89 -18.13 16.24
CA GLU C 170 19.60 -18.51 16.83
C GLU C 170 19.07 -17.52 17.89
N GLY C 171 17.91 -17.83 18.49
CA GLY C 171 17.29 -16.99 19.51
C GLY C 171 16.47 -17.72 20.55
N VAL C 172 16.85 -18.99 20.86
CA VAL C 172 16.20 -19.88 21.84
C VAL C 172 16.99 -19.92 23.14
N ASN C 173 18.21 -19.37 23.09
CA ASN C 173 19.12 -19.30 24.23
C ASN C 173 19.44 -17.84 24.51
N THR C 174 18.39 -17.07 24.81
CA THR C 174 18.46 -15.64 25.13
C THR C 174 17.42 -15.35 26.24
N PRO C 175 17.63 -14.41 27.18
CA PRO C 175 16.59 -14.17 28.21
C PRO C 175 15.46 -13.26 27.72
N TYR C 176 14.25 -13.49 28.24
CA TYR C 176 13.08 -12.69 27.93
C TYR C 176 12.38 -12.24 29.17
N LEU C 177 11.86 -11.02 29.11
CA LEU C 177 11.13 -10.37 30.21
C LEU C 177 9.65 -10.36 29.94
N TYR C 178 8.84 -10.58 30.99
CA TYR C 178 7.37 -10.59 30.94
C TYR C 178 6.79 -9.66 32.00
N PHE C 179 6.25 -8.53 31.56
CA PHE C 179 5.59 -7.57 32.41
C PHE C 179 4.11 -7.92 32.37
N GLY C 180 3.62 -8.47 33.47
CA GLY C 180 2.25 -8.92 33.58
C GLY C 180 1.34 -7.94 34.28
N MET C 181 0.05 -8.16 34.12
CA MET C 181 -1.01 -7.47 34.80
C MET C 181 -2.06 -8.53 35.09
N TRP C 182 -3.05 -8.20 35.88
CA TRP C 182 -4.10 -9.14 36.22
C TRP C 182 -4.72 -9.79 34.97
N LYS C 183 -4.91 -11.13 34.99
CA LYS C 183 -5.61 -11.85 33.95
C LYS C 183 -4.79 -12.07 32.66
N THR C 184 -3.51 -11.63 32.61
CA THR C 184 -2.66 -11.93 31.46
C THR C 184 -2.33 -13.41 31.58
N SER C 185 -2.25 -14.12 30.45
CA SER C 185 -2.06 -15.55 30.46
C SER C 185 -1.07 -16.15 29.50
N PHE C 186 -0.68 -17.38 29.82
CA PHE C 186 0.10 -18.20 28.92
C PHE C 186 -0.74 -19.46 28.73
N ALA C 187 -0.97 -19.80 27.48
CA ALA C 187 -1.78 -20.95 27.08
C ALA C 187 -1.07 -22.28 27.22
N TRP C 188 -1.81 -23.38 27.12
CA TRP C 188 -1.23 -24.71 27.27
C TRP C 188 -0.15 -24.98 26.24
N HIS C 189 1.04 -25.39 26.68
CA HIS C 189 2.14 -25.68 25.77
C HIS C 189 3.29 -26.38 26.49
N THR C 190 4.18 -26.97 25.71
CA THR C 190 5.47 -27.49 26.16
C THR C 190 6.44 -26.46 25.53
N GLU C 191 7.69 -26.44 25.94
CA GLU C 191 8.68 -25.54 25.37
C GLU C 191 9.00 -25.93 23.94
N ASP C 192 9.55 -25.00 23.18
CA ASP C 192 9.96 -25.30 21.81
C ASP C 192 11.08 -26.34 21.88
N MET C 193 11.02 -27.36 20.99
CA MET C 193 11.92 -28.50 20.91
C MET C 193 11.82 -29.38 22.18
N ASP C 194 10.72 -29.21 22.96
CA ASP C 194 10.44 -29.89 24.23
C ASP C 194 11.62 -29.77 25.22
N LEU C 195 12.18 -28.55 25.30
CA LEU C 195 13.31 -28.20 26.16
C LEU C 195 12.80 -27.93 27.57
N TYR C 196 13.73 -27.66 28.50
CA TYR C 196 13.41 -27.23 29.84
C TYR C 196 13.27 -25.72 29.77
N SER C 197 12.71 -25.12 30.82
CA SER C 197 12.70 -23.67 30.96
C SER C 197 12.89 -23.31 32.41
N ILE C 198 13.39 -22.09 32.64
CA ILE C 198 13.60 -21.49 33.95
C ILE C 198 12.84 -20.18 33.91
N ASN C 199 12.08 -19.89 34.96
CA ASN C 199 11.29 -18.68 35.10
C ASN C 199 11.50 -18.13 36.50
N TYR C 200 12.00 -16.89 36.58
CA TYR C 200 12.22 -16.19 37.85
C TYR C 200 11.26 -15.02 37.94
N LEU C 201 10.55 -14.89 39.07
CA LEU C 201 9.65 -13.76 39.24
C LEU C 201 10.44 -12.73 39.97
N HIS C 202 10.89 -11.69 39.23
CA HIS C 202 11.70 -10.60 39.78
C HIS C 202 10.96 -9.83 40.86
N PHE C 203 9.73 -9.42 40.56
CA PHE C 203 8.93 -8.64 41.51
C PHE C 203 7.46 -8.68 41.15
N GLY C 204 6.68 -8.15 42.07
CA GLY C 204 5.26 -7.94 41.86
C GLY C 204 4.34 -9.00 42.37
N GLU C 205 3.12 -8.99 41.81
CA GLU C 205 2.07 -9.88 42.18
C GLU C 205 2.33 -11.31 41.67
N PRO C 206 1.76 -12.35 42.32
CA PRO C 206 2.10 -13.72 41.93
C PRO C 206 1.73 -14.14 40.50
N LYS C 207 2.28 -15.29 40.09
CA LYS C 207 2.00 -15.96 38.84
C LYS C 207 1.56 -17.38 39.18
N SER C 208 0.34 -17.77 38.77
CA SER C 208 -0.22 -19.12 39.00
C SER C 208 -0.04 -20.00 37.79
N TRP C 209 0.28 -21.26 38.04
CA TRP C 209 0.64 -22.26 37.04
C TRP C 209 -0.18 -23.51 37.22
N TYR C 210 -0.45 -24.16 36.08
CA TYR C 210 -1.07 -25.48 35.96
C TYR C 210 -0.07 -26.32 35.20
N SER C 211 0.10 -27.57 35.63
CA SER C 211 1.05 -28.51 35.02
C SER C 211 0.39 -29.87 34.80
N VAL C 212 0.66 -30.51 33.63
CA VAL C 212 0.23 -31.88 33.30
C VAL C 212 1.53 -32.74 33.26
N PRO C 213 1.62 -33.83 34.06
CA PRO C 213 2.85 -34.65 34.04
C PRO C 213 3.24 -35.10 32.63
N PRO C 214 4.54 -35.06 32.25
CA PRO C 214 4.94 -35.54 30.92
C PRO C 214 4.39 -36.93 30.55
N GLU C 215 4.27 -37.84 31.53
CA GLU C 215 3.71 -39.20 31.31
C GLU C 215 2.22 -39.18 30.87
N HIS C 216 1.53 -38.02 31.02
CA HIS C 216 0.12 -37.86 30.65
C HIS C 216 -0.11 -36.80 29.56
N GLY C 217 0.98 -36.26 29.01
CA GLY C 217 0.96 -35.20 27.99
C GLY C 217 0.17 -35.53 26.73
N LYS C 218 0.23 -36.81 26.30
CA LYS C 218 -0.46 -37.29 25.10
C LYS C 218 -1.98 -37.32 25.30
N ARG C 219 -2.43 -37.46 26.56
CA ARG C 219 -3.84 -37.42 26.96
C ARG C 219 -4.34 -35.98 26.82
N LEU C 220 -3.51 -34.98 27.17
CA LEU C 220 -3.90 -33.58 27.00
C LEU C 220 -4.03 -33.25 25.51
N GLU C 221 -3.01 -33.62 24.70
CA GLU C 221 -3.01 -33.43 23.24
C GLU C 221 -4.27 -34.02 22.59
N ARG C 222 -4.62 -35.27 22.95
CA ARG C 222 -5.81 -35.95 22.42
C ARG C 222 -7.09 -35.21 22.79
N LEU C 223 -7.17 -34.70 24.02
CA LEU C 223 -8.32 -33.92 24.44
C LEU C 223 -8.46 -32.63 23.59
N ALA C 224 -7.36 -31.86 23.45
CA ALA C 224 -7.32 -30.62 22.69
C ALA C 224 -7.69 -30.82 21.23
N LYS C 225 -7.21 -31.94 20.63
CA LYS C 225 -7.50 -32.35 19.26
C LYS C 225 -9.01 -32.62 19.08
N GLY C 226 -9.62 -33.25 20.08
CA GLY C 226 -11.06 -33.53 20.09
C GLY C 226 -11.92 -32.28 20.13
N PHE C 227 -11.42 -31.22 20.83
CA PHE C 227 -12.11 -29.93 21.00
C PHE C 227 -11.85 -28.92 19.89
N PHE C 228 -10.67 -28.98 19.28
CA PHE C 228 -10.25 -28.06 18.24
C PHE C 228 -9.85 -28.90 17.02
N PRO C 229 -10.83 -29.58 16.35
CA PRO C 229 -10.47 -30.45 15.20
C PRO C 229 -10.02 -29.69 13.96
N GLY C 230 -10.49 -28.46 13.79
CA GLY C 230 -10.12 -27.58 12.69
C GLY C 230 -8.66 -27.16 12.76
N SER C 231 -8.21 -26.78 13.99
CA SER C 231 -6.83 -26.39 14.32
C SER C 231 -5.88 -27.58 14.18
N ALA C 232 -6.34 -28.78 14.59
CA ALA C 232 -5.59 -30.05 14.55
C ALA C 232 -5.33 -30.51 13.10
N GLN C 233 -6.34 -30.38 12.21
CA GLN C 233 -6.20 -30.74 10.79
C GLN C 233 -5.23 -29.78 10.09
N SER C 234 -5.25 -28.49 10.47
CA SER C 234 -4.39 -27.42 9.93
C SER C 234 -2.92 -27.60 10.35
N CYS C 235 -2.69 -28.00 11.62
CA CYS C 235 -1.39 -28.19 12.23
C CYS C 235 -1.46 -29.29 13.29
N GLU C 236 -0.62 -30.34 13.18
CA GLU C 236 -0.61 -31.42 14.17
C GLU C 236 -0.24 -30.89 15.57
N ALA C 237 0.79 -30.03 15.62
CA ALA C 237 1.32 -29.41 16.83
C ALA C 237 0.72 -27.99 17.10
N PHE C 238 -0.61 -27.84 16.96
CA PHE C 238 -1.32 -26.55 17.12
C PHE C 238 -1.19 -25.96 18.54
N LEU C 239 -0.92 -26.79 19.56
CA LEU C 239 -0.73 -26.27 20.92
C LEU C 239 0.52 -25.42 21.02
N ARG C 240 1.49 -25.60 20.10
CA ARG C 240 2.74 -24.83 20.00
C ARG C 240 2.48 -23.37 19.62
N HIS C 241 1.26 -23.06 19.08
CA HIS C 241 0.83 -21.70 18.74
C HIS C 241 0.57 -20.92 20.04
N LYS C 242 0.42 -21.65 21.18
CA LYS C 242 0.22 -21.11 22.54
C LYS C 242 -1.03 -20.19 22.57
N MET C 243 -2.15 -20.71 22.02
CA MET C 243 -3.43 -20.01 21.91
C MET C 243 -4.57 -20.71 22.62
N THR C 244 -4.36 -21.95 23.05
CA THR C 244 -5.39 -22.78 23.64
C THR C 244 -5.40 -22.75 25.17
N LEU C 245 -6.53 -22.29 25.76
N LEU C 245 -6.53 -22.28 25.75
CA LEU C 245 -6.76 -22.19 27.18
CA LEU C 245 -6.77 -22.17 27.20
C LEU C 245 -7.82 -23.21 27.59
C LEU C 245 -7.83 -23.20 27.60
N ILE C 246 -7.50 -24.09 28.54
CA ILE C 246 -8.38 -25.16 29.02
C ILE C 246 -8.47 -25.07 30.53
N SER C 247 -9.69 -24.87 31.07
CA SER C 247 -9.91 -24.71 32.51
C SER C 247 -9.66 -25.96 33.32
N PRO C 248 -9.25 -25.83 34.60
CA PRO C 248 -9.04 -27.03 35.42
C PRO C 248 -10.30 -27.90 35.53
N LEU C 249 -11.52 -27.31 35.53
CA LEU C 249 -12.77 -28.07 35.51
C LEU C 249 -12.88 -29.00 34.31
N MET C 250 -12.48 -28.52 33.13
CA MET C 250 -12.45 -29.29 31.90
C MET C 250 -11.46 -30.42 32.03
N LEU C 251 -10.21 -30.11 32.46
CA LEU C 251 -9.18 -31.13 32.71
C LEU C 251 -9.67 -32.26 33.64
N LYS C 252 -10.35 -31.87 34.75
CA LYS C 252 -10.94 -32.75 35.75
C LYS C 252 -12.05 -33.59 35.14
N LYS C 253 -12.95 -32.95 34.35
CA LYS C 253 -14.08 -33.62 33.69
C LYS C 253 -13.64 -34.77 32.78
N TYR C 254 -12.53 -34.59 32.05
CA TYR C 254 -12.02 -35.56 31.09
C TYR C 254 -10.87 -36.40 31.62
N GLY C 255 -10.73 -36.43 32.94
CA GLY C 255 -9.73 -37.23 33.65
C GLY C 255 -8.28 -36.94 33.33
N ILE C 256 -7.95 -35.70 32.95
CA ILE C 256 -6.57 -35.35 32.68
C ILE C 256 -5.90 -35.03 34.02
N PRO C 257 -4.88 -35.79 34.44
CA PRO C 257 -4.21 -35.49 35.72
C PRO C 257 -3.38 -34.22 35.58
N PHE C 258 -3.47 -33.34 36.61
CA PHE C 258 -2.75 -32.07 36.61
C PHE C 258 -2.52 -31.62 38.03
N ASP C 259 -1.65 -30.64 38.21
CA ASP C 259 -1.41 -30.00 39.50
C ASP C 259 -1.32 -28.49 39.34
N LYS C 260 -1.50 -27.75 40.43
CA LYS C 260 -1.40 -26.29 40.39
C LYS C 260 -0.47 -25.77 41.49
N VAL C 261 0.18 -24.64 41.20
CA VAL C 261 1.14 -23.98 42.09
C VAL C 261 1.14 -22.49 41.80
N THR C 262 1.35 -21.68 42.86
CA THR C 262 1.47 -20.23 42.77
C THR C 262 2.92 -19.86 43.05
N GLN C 263 3.52 -19.15 42.11
CA GLN C 263 4.90 -18.66 42.19
C GLN C 263 4.83 -17.23 42.73
N GLU C 264 5.62 -16.95 43.76
CA GLU C 264 5.65 -15.63 44.35
C GLU C 264 6.94 -14.94 44.02
N ALA C 265 6.98 -13.58 44.15
CA ALA C 265 8.17 -12.79 43.84
C ALA C 265 9.40 -13.36 44.55
N GLY C 266 10.46 -13.54 43.79
CA GLY C 266 11.74 -14.05 44.26
C GLY C 266 11.88 -15.56 44.18
N GLU C 267 10.97 -16.23 43.45
CA GLU C 267 11.01 -17.69 43.31
C GLU C 267 11.21 -18.08 41.87
N PHE C 268 11.78 -19.28 41.66
CA PHE C 268 12.03 -19.89 40.36
C PHE C 268 11.05 -21.01 40.11
N MET C 269 10.69 -21.22 38.83
CA MET C 269 9.89 -22.36 38.35
C MET C 269 10.70 -22.98 37.24
N ILE C 270 10.78 -24.32 37.25
CA ILE C 270 11.46 -25.13 36.24
C ILE C 270 10.39 -25.98 35.59
N THR C 271 10.37 -25.96 34.26
CA THR C 271 9.49 -26.80 33.44
C THR C 271 10.45 -27.82 32.84
N PHE C 272 9.97 -29.05 32.75
CA PHE C 272 10.77 -30.16 32.29
C PHE C 272 10.37 -30.58 30.89
N PRO C 273 11.25 -31.30 30.13
CA PRO C 273 10.88 -31.69 28.77
C PRO C 273 9.53 -32.39 28.68
N TYR C 274 8.70 -31.92 27.74
CA TYR C 274 7.35 -32.42 27.47
C TYR C 274 6.36 -32.21 28.66
N GLY C 275 6.68 -31.26 29.53
CA GLY C 275 5.83 -30.87 30.64
C GLY C 275 4.90 -29.75 30.18
N TYR C 276 3.62 -30.08 29.92
CA TYR C 276 2.61 -29.09 29.51
C TYR C 276 2.28 -28.19 30.67
N HIS C 277 2.28 -26.87 30.45
CA HIS C 277 1.94 -25.88 31.45
C HIS C 277 1.13 -24.75 30.85
N ALA C 278 0.38 -24.05 31.69
CA ALA C 278 -0.45 -22.89 31.39
C ALA C 278 -0.58 -22.11 32.69
N GLY C 279 -1.09 -20.91 32.60
CA GLY C 279 -1.27 -20.11 33.80
C GLY C 279 -1.63 -18.66 33.57
N PHE C 280 -1.64 -17.88 34.66
CA PHE C 280 -2.00 -16.47 34.64
C PHE C 280 -1.28 -15.68 35.73
N ASN C 281 -1.22 -14.35 35.54
CA ASN C 281 -0.66 -13.35 36.44
C ASN C 281 -1.76 -12.73 37.27
N HIS C 282 -1.48 -12.57 38.59
CA HIS C 282 -2.42 -12.01 39.55
C HIS C 282 -2.46 -10.52 39.47
N GLY C 283 -1.40 -9.93 38.96
CA GLY C 283 -1.34 -8.48 38.83
C GLY C 283 0.00 -7.98 38.36
N PHE C 284 0.26 -6.67 38.51
CA PHE C 284 1.51 -6.10 38.02
C PHE C 284 2.73 -6.84 38.54
N ASN C 285 3.52 -7.36 37.62
CA ASN C 285 4.70 -8.12 37.98
C ASN C 285 5.68 -8.18 36.84
N CYS C 286 6.87 -8.74 37.10
CA CYS C 286 7.88 -8.96 36.09
C CYS C 286 8.61 -10.31 36.28
N ALA C 287 8.66 -11.17 35.22
CA ALA C 287 9.35 -12.48 35.21
C ALA C 287 10.40 -12.55 34.13
N GLU C 288 11.48 -13.27 34.37
CA GLU C 288 12.55 -13.48 33.40
C GLU C 288 12.60 -14.96 33.07
N SER C 289 12.75 -15.30 31.78
CA SER C 289 12.77 -16.70 31.36
C SER C 289 13.76 -17.00 30.27
N THR C 290 14.12 -18.30 30.12
CA THR C 290 14.97 -18.87 29.08
C THR C 290 14.84 -20.40 29.03
N ASN C 291 15.38 -21.00 27.97
CA ASN C 291 15.38 -22.44 27.79
C ASN C 291 16.75 -22.94 28.14
N PHE C 292 16.82 -24.20 28.54
CA PHE C 292 18.07 -24.89 28.85
C PHE C 292 17.87 -26.37 28.59
N ALA C 293 18.96 -27.14 28.61
CA ALA C 293 18.94 -28.58 28.37
C ALA C 293 19.85 -29.34 29.30
N THR C 294 19.61 -30.65 29.41
CA THR C 294 20.44 -31.63 30.13
C THR C 294 20.61 -32.74 29.10
N ARG C 295 21.41 -33.78 29.40
CA ARG C 295 21.62 -34.92 28.52
C ARG C 295 20.29 -35.67 28.24
N ARG C 296 19.37 -35.73 29.23
CA ARG C 296 18.06 -36.37 29.14
C ARG C 296 17.21 -35.75 28.01
N TRP C 297 17.34 -34.43 27.78
CA TRP C 297 16.60 -33.67 26.75
C TRP C 297 16.85 -34.14 25.31
N ILE C 298 18.07 -34.58 24.98
CA ILE C 298 18.44 -34.97 23.60
C ILE C 298 17.35 -35.85 22.95
N GLU C 299 16.92 -36.94 23.62
CA GLU C 299 15.85 -37.81 23.11
C GLU C 299 14.53 -37.08 22.84
N TYR C 300 14.14 -36.14 23.73
CA TYR C 300 12.94 -35.30 23.58
C TYR C 300 13.07 -34.39 22.36
N GLY C 301 14.26 -33.82 22.14
CA GLY C 301 14.53 -32.94 21.00
C GLY C 301 14.42 -33.69 19.68
N LYS C 302 14.98 -34.93 19.67
CA LYS C 302 14.96 -35.85 18.52
C LYS C 302 13.54 -36.25 18.14
N GLN C 303 12.66 -36.46 19.14
CA GLN C 303 11.28 -36.93 18.96
C GLN C 303 10.20 -35.85 18.99
N ALA C 304 10.59 -34.58 19.22
CA ALA C 304 9.66 -33.45 19.33
C ALA C 304 8.78 -33.25 18.09
N VAL C 305 7.42 -33.29 18.26
CA VAL C 305 6.44 -33.05 17.17
C VAL C 305 6.33 -31.53 17.00
N LEU C 306 6.78 -31.02 15.86
CA LEU C 306 6.82 -29.60 15.61
C LEU C 306 5.66 -28.99 14.87
N CYS C 307 5.68 -27.66 14.80
CA CYS C 307 4.63 -26.92 14.14
C CYS C 307 4.97 -26.67 12.68
N SER C 308 4.11 -27.17 11.81
CA SER C 308 4.25 -27.02 10.37
C SER C 308 4.09 -25.59 9.81
N CYS C 309 3.19 -24.81 10.39
CA CYS C 309 2.93 -23.48 9.91
C CYS C 309 3.34 -22.18 10.58
N ARG C 310 2.77 -21.94 11.76
CA ARG C 310 3.08 -20.73 12.53
N VAL C 314 10.42 -22.20 16.70
CA VAL C 314 11.82 -22.58 16.94
C VAL C 314 12.11 -24.04 16.58
N LYS C 315 13.11 -24.25 15.71
CA LYS C 315 13.61 -25.56 15.30
C LYS C 315 15.12 -25.59 15.52
N ILE C 316 15.63 -26.69 16.08
CA ILE C 316 17.05 -26.90 16.37
C ILE C 316 17.51 -28.17 15.67
N SER C 317 18.68 -28.11 14.98
CA SER C 317 19.28 -29.29 14.32
C SER C 317 19.82 -30.16 15.46
N MET C 318 19.32 -31.40 15.54
CA MET C 318 19.66 -32.35 16.60
C MET C 318 21.00 -33.04 16.40
N ASP C 319 21.51 -33.00 15.16
CA ASP C 319 22.74 -33.63 14.70
C ASP C 319 23.95 -33.51 15.65
N VAL C 320 24.25 -32.28 16.12
CA VAL C 320 25.37 -32.00 17.03
C VAL C 320 25.24 -32.79 18.35
N PHE C 321 24.00 -32.92 18.89
CA PHE C 321 23.75 -33.62 20.16
C PHE C 321 23.89 -35.12 20.02
N VAL C 322 23.41 -35.66 18.88
CA VAL C 322 23.49 -37.07 18.56
C VAL C 322 24.97 -37.44 18.39
N ARG C 323 25.75 -36.64 17.63
CA ARG C 323 27.17 -36.88 17.39
C ARG C 323 27.97 -36.97 18.71
N LYS C 324 27.79 -35.99 19.61
CA LYS C 324 28.52 -35.88 20.86
C LYS C 324 28.10 -36.86 21.94
N PHE C 325 26.78 -37.00 22.22
CA PHE C 325 26.29 -37.81 23.34
C PHE C 325 25.74 -39.19 22.97
N GLN C 326 25.43 -39.41 21.68
CA GLN C 326 24.92 -40.70 21.20
C GLN C 326 25.69 -41.08 19.91
N PRO C 327 27.05 -41.15 19.87
CA PRO C 327 27.73 -41.47 18.60
C PRO C 327 27.36 -42.84 18.02
N GLU C 328 27.09 -43.82 18.90
CA GLU C 328 26.68 -45.19 18.57
C GLU C 328 25.35 -45.23 17.80
N ARG C 329 24.45 -44.25 18.05
CA ARG C 329 23.12 -44.16 17.46
C ARG C 329 23.08 -43.29 16.20
N TYR C 330 24.13 -42.47 15.96
CA TYR C 330 24.19 -41.50 14.85
C TYR C 330 23.78 -42.07 13.46
N LYS C 331 24.32 -43.25 13.07
CA LYS C 331 23.99 -43.86 11.78
C LYS C 331 22.51 -44.28 11.73
N LEU C 332 22.08 -45.03 12.76
CA LEU C 332 20.72 -45.53 12.95
C LEU C 332 19.68 -44.38 12.94
N TRP C 333 20.00 -43.26 13.62
CA TRP C 333 19.15 -42.07 13.74
C TRP C 333 19.03 -41.28 12.45
N LYS C 334 20.16 -41.05 11.75
CA LYS C 334 20.18 -40.34 10.47
C LYS C 334 19.37 -41.12 9.40
N ALA C 335 19.40 -42.47 9.48
CA ALA C 335 18.66 -43.37 8.60
C ALA C 335 17.15 -43.36 8.91
N GLY C 336 16.80 -43.14 10.18
CA GLY C 336 15.41 -43.11 10.64
C GLY C 336 15.00 -44.38 11.37
N LYS C 337 15.99 -45.27 11.64
CA LYS C 337 15.80 -46.55 12.32
C LYS C 337 15.88 -46.45 13.87
N ASP C 338 16.06 -45.23 14.42
CA ASP C 338 16.12 -45.01 15.87
C ASP C 338 14.73 -45.09 16.48
N ASN C 339 14.40 -46.27 17.03
CA ASN C 339 13.11 -46.60 17.63
C ASN C 339 13.04 -46.38 19.17
N THR C 340 14.02 -45.65 19.76
CA THR C 340 14.09 -45.34 21.21
C THR C 340 12.73 -44.82 21.74
N VAL C 341 12.24 -45.45 22.82
CA VAL C 341 10.97 -45.06 23.46
C VAL C 341 11.32 -44.33 24.76
N ILE C 342 10.82 -43.10 24.91
CA ILE C 342 11.09 -42.29 26.08
C ILE C 342 10.34 -42.77 27.32
N ASP C 343 11.09 -42.96 28.43
CA ASP C 343 10.53 -43.25 29.76
C ASP C 343 10.60 -41.92 30.51
N HIS C 344 9.44 -41.26 30.69
CA HIS C 344 9.33 -39.94 31.34
C HIS C 344 9.65 -39.95 32.86
N THR C 345 9.68 -41.15 33.49
CA THR C 345 9.94 -41.31 34.92
C THR C 345 11.46 -41.33 35.25
N LEU C 346 12.29 -41.64 34.23
CA LEU C 346 13.74 -41.70 34.40
C LEU C 346 14.39 -40.35 34.58
N PRO C 347 15.30 -40.19 35.56
CA PRO C 347 15.98 -38.90 35.72
C PRO C 347 17.10 -38.75 34.69
N THR C 348 17.74 -37.57 34.69
CA THR C 348 18.84 -37.25 33.79
C THR C 348 20.06 -38.10 34.18
N PRO C 349 20.86 -38.64 33.21
CA PRO C 349 22.04 -39.45 33.60
C PRO C 349 23.00 -38.77 34.58
N GLU C 350 22.94 -37.42 34.70
CA GLU C 350 23.75 -36.59 35.60
C GLU C 350 23.36 -36.80 37.07
N ALA C 351 22.11 -37.26 37.31
CA ALA C 351 21.56 -37.56 38.64
C ALA C 351 22.11 -38.88 39.24
N ALA C 352 23.02 -39.59 38.51
CA ALA C 352 23.65 -40.83 38.97
C ALA C 352 24.37 -40.68 40.32
N GLU C 353 25.11 -39.55 40.52
CA GLU C 353 25.85 -39.23 41.75
C GLU C 353 24.93 -39.09 43.00
N PHE C 354 23.61 -38.90 42.78
CA PHE C 354 22.59 -38.77 43.83
C PHE C 354 21.67 -40.00 43.96
N LEU C 355 21.98 -41.09 43.21
CA LEU C 355 21.19 -42.32 43.20
C LEU C 355 22.08 -43.54 43.42
N SER D 6 10.29 15.84 -35.24
CA SER D 6 9.10 16.72 -35.24
C SER D 6 9.38 18.14 -35.78
N GLU D 7 10.52 18.77 -35.37
CA GLU D 7 10.95 20.12 -35.81
C GLU D 7 11.21 20.20 -37.34
N THR D 8 11.13 19.04 -38.03
CA THR D 8 11.34 18.84 -39.45
C THR D 8 10.03 18.91 -40.29
N LEU D 9 8.84 18.55 -39.69
CA LEU D 9 7.53 18.61 -40.36
C LEU D 9 6.93 20.00 -40.17
N ASN D 10 6.56 20.69 -41.28
CA ASN D 10 6.06 22.08 -41.33
C ASN D 10 7.02 23.04 -40.56
N PRO D 11 8.34 23.07 -40.91
CA PRO D 11 9.29 23.92 -40.14
C PRO D 11 9.04 25.42 -40.27
N SER D 12 8.26 25.84 -41.30
N SER D 12 8.25 25.81 -41.29
CA SER D 12 7.95 27.24 -41.53
CA SER D 12 7.88 27.17 -41.66
C SER D 12 6.66 27.69 -40.83
C SER D 12 6.64 27.66 -40.89
N ALA D 13 5.92 26.74 -40.19
CA ALA D 13 4.67 26.96 -39.41
C ALA D 13 3.59 27.73 -40.20
N ARG D 14 3.45 27.33 -41.47
CA ARG D 14 2.50 27.89 -42.39
C ARG D 14 1.17 27.13 -42.26
N ILE D 15 0.06 27.81 -42.44
CA ILE D 15 -1.24 27.18 -42.36
C ILE D 15 -1.41 26.19 -43.51
N MET D 16 -1.87 24.99 -43.18
CA MET D 16 -2.09 23.92 -44.14
C MET D 16 -3.54 23.65 -44.41
N THR D 17 -3.82 23.18 -45.61
CA THR D 17 -5.17 22.86 -46.05
C THR D 17 -5.26 21.38 -46.36
N PHE D 18 -6.32 20.75 -45.88
CA PHE D 18 -6.56 19.31 -46.04
C PHE D 18 -7.84 19.03 -46.78
N TYR D 19 -7.82 18.01 -47.68
CA TYR D 19 -8.94 17.59 -48.51
C TYR D 19 -9.26 16.11 -48.26
N PRO D 20 -9.87 15.76 -47.08
CA PRO D 20 -10.14 14.34 -46.80
C PRO D 20 -11.20 13.74 -47.70
N THR D 21 -11.06 12.45 -47.99
CA THR D 21 -12.05 11.69 -48.73
C THR D 21 -13.19 11.43 -47.73
N MET D 22 -14.34 10.91 -48.20
CA MET D 22 -15.45 10.55 -47.33
C MET D 22 -15.02 9.54 -46.23
N GLU D 23 -14.13 8.57 -46.59
CA GLU D 23 -13.59 7.56 -45.67
C GLU D 23 -12.74 8.18 -44.54
N GLU D 24 -11.78 9.07 -44.91
CA GLU D 24 -10.89 9.76 -43.97
C GLU D 24 -11.68 10.70 -43.04
N PHE D 25 -12.69 11.37 -43.60
CA PHE D 25 -13.54 12.35 -42.93
C PHE D 25 -14.43 11.74 -41.83
N ARG D 26 -14.85 10.48 -41.96
CA ARG D 26 -15.75 9.82 -40.99
C ARG D 26 -15.25 9.79 -39.52
N ASN D 27 -13.93 9.63 -39.27
CA ASN D 27 -13.38 9.59 -37.91
C ASN D 27 -12.66 10.91 -37.60
N PHE D 28 -13.37 11.80 -36.88
CA PHE D 28 -12.92 13.14 -36.52
C PHE D 28 -11.59 13.16 -35.80
N SER D 29 -11.53 12.54 -34.60
CA SER D 29 -10.36 12.47 -33.73
C SER D 29 -9.13 11.89 -34.42
N ARG D 30 -9.32 10.85 -35.26
CA ARG D 30 -8.29 10.19 -36.04
C ARG D 30 -7.76 11.18 -37.07
N TYR D 31 -8.66 11.98 -37.69
CA TYR D 31 -8.24 12.94 -38.69
C TYR D 31 -7.46 14.09 -38.10
N ILE D 32 -7.76 14.47 -36.85
CA ILE D 32 -7.03 15.50 -36.11
C ILE D 32 -5.62 14.96 -35.88
N ALA D 33 -5.52 13.71 -35.40
CA ALA D 33 -4.24 13.00 -35.19
C ALA D 33 -3.41 12.95 -36.50
N TYR D 34 -4.08 12.67 -37.65
CA TYR D 34 -3.42 12.63 -38.94
C TYR D 34 -2.86 14.01 -39.34
N ILE D 35 -3.67 15.09 -39.24
CA ILE D 35 -3.20 16.43 -39.63
C ILE D 35 -2.03 16.89 -38.69
N GLU D 36 -2.03 16.44 -37.42
CA GLU D 36 -0.93 16.75 -36.51
C GLU D 36 0.34 15.98 -36.87
N SER D 37 0.20 14.77 -37.48
CA SER D 37 1.35 13.99 -37.94
C SER D 37 1.99 14.66 -39.18
N GLN D 38 1.25 15.59 -39.81
CA GLN D 38 1.66 16.34 -41.01
C GLN D 38 2.29 17.71 -40.65
N GLY D 39 2.25 18.05 -39.37
CA GLY D 39 2.75 19.32 -38.84
C GLY D 39 1.74 20.44 -38.84
N ALA D 40 0.43 20.14 -39.01
CA ALA D 40 -0.64 21.16 -39.07
C ALA D 40 -0.73 22.08 -37.85
N HIS D 41 -0.48 21.53 -36.67
CA HIS D 41 -0.57 22.19 -35.37
C HIS D 41 0.49 23.28 -35.17
N ARG D 42 1.62 23.18 -35.89
CA ARG D 42 2.72 24.12 -35.77
C ARG D 42 2.34 25.55 -36.13
N ALA D 43 1.40 25.72 -37.07
CA ALA D 43 0.91 27.02 -37.52
C ALA D 43 -0.08 27.56 -36.51
N GLY D 44 -0.72 26.63 -35.75
CA GLY D 44 -1.75 26.93 -34.77
C GLY D 44 -3.15 27.02 -35.33
N LEU D 45 -3.28 26.92 -36.65
CA LEU D 45 -4.52 26.98 -37.40
C LEU D 45 -4.37 26.13 -38.67
N ALA D 46 -5.41 25.33 -38.99
CA ALA D 46 -5.47 24.50 -40.20
C ALA D 46 -6.86 24.60 -40.80
N LYS D 47 -6.93 24.48 -42.15
CA LYS D 47 -8.18 24.44 -42.89
C LYS D 47 -8.46 23.00 -43.35
N VAL D 48 -9.72 22.57 -43.23
CA VAL D 48 -10.15 21.25 -43.67
C VAL D 48 -11.37 21.46 -44.60
N VAL D 49 -11.23 21.07 -45.89
CA VAL D 49 -12.29 21.12 -46.90
C VAL D 49 -12.98 19.75 -46.91
N PRO D 50 -14.24 19.63 -46.43
CA PRO D 50 -14.89 18.31 -46.37
C PRO D 50 -15.24 17.81 -47.76
N PRO D 51 -15.41 16.46 -47.95
CA PRO D 51 -15.83 15.95 -49.27
C PRO D 51 -17.08 16.67 -49.78
N LYS D 52 -17.16 16.88 -51.12
CA LYS D 52 -18.28 17.56 -51.79
C LYS D 52 -19.65 16.95 -51.46
N GLU D 53 -19.72 15.62 -51.36
CA GLU D 53 -20.95 14.86 -51.07
C GLU D 53 -21.52 15.17 -49.69
N TRP D 54 -20.66 15.61 -48.75
CA TRP D 54 -20.98 15.94 -47.36
C TRP D 54 -21.65 17.31 -47.20
N LYS D 55 -22.71 17.32 -46.40
CA LYS D 55 -23.54 18.48 -46.10
C LYS D 55 -24.05 18.33 -44.63
N PRO D 56 -23.94 19.34 -43.76
CA PRO D 56 -24.46 19.16 -42.39
C PRO D 56 -25.98 19.41 -42.24
N ARG D 57 -26.60 20.04 -43.25
CA ARG D 57 -28.01 20.45 -43.27
C ARG D 57 -28.40 20.58 -44.72
N ALA D 58 -29.60 20.13 -45.07
CA ALA D 58 -30.09 20.19 -46.43
C ALA D 58 -30.31 21.59 -47.01
N SER D 59 -30.86 22.50 -46.21
CA SER D 59 -31.08 23.87 -46.64
C SER D 59 -31.04 24.82 -45.44
N TYR D 60 -30.81 26.09 -45.71
CA TYR D 60 -30.72 27.09 -44.67
C TYR D 60 -31.85 28.11 -44.73
N ASP D 61 -32.97 27.72 -45.33
CA ASP D 61 -34.11 28.63 -45.47
C ASP D 61 -35.11 28.66 -44.32
N ASP D 62 -34.90 27.81 -43.33
CA ASP D 62 -35.79 27.77 -42.19
C ASP D 62 -35.27 28.53 -40.98
N ILE D 63 -34.21 29.31 -41.15
CA ILE D 63 -33.64 30.02 -40.01
C ILE D 63 -33.90 31.53 -39.84
N ASP D 64 -34.68 32.13 -40.72
CA ASP D 64 -34.95 33.57 -40.65
C ASP D 64 -35.60 34.02 -39.33
N ASP D 65 -36.35 33.10 -38.68
CA ASP D 65 -37.06 33.35 -37.42
C ASP D 65 -36.25 32.94 -36.19
N LEU D 66 -35.01 32.45 -36.41
CA LEU D 66 -34.11 32.07 -35.33
C LEU D 66 -33.73 33.36 -34.58
N VAL D 67 -33.84 33.32 -33.25
CA VAL D 67 -33.52 34.43 -32.39
C VAL D 67 -32.04 34.47 -32.01
N ILE D 68 -31.45 35.65 -32.16
CA ILE D 68 -30.09 36.01 -31.73
C ILE D 68 -30.39 36.76 -30.40
N PRO D 69 -30.27 36.08 -29.23
CA PRO D 69 -30.68 36.71 -27.96
C PRO D 69 -29.90 37.94 -27.50
N ALA D 70 -28.58 37.99 -27.78
CA ALA D 70 -27.73 39.08 -27.33
C ALA D 70 -26.77 39.58 -28.40
N PRO D 71 -27.25 40.31 -29.43
CA PRO D 71 -26.31 40.84 -30.45
C PRO D 71 -25.40 41.88 -29.83
N ILE D 72 -24.18 41.97 -30.32
CA ILE D 72 -23.21 42.91 -29.78
C ILE D 72 -22.76 43.94 -30.83
N GLN D 73 -22.86 45.21 -30.49
CA GLN D 73 -22.32 46.26 -31.35
C GLN D 73 -20.83 46.36 -30.95
N GLN D 74 -19.94 46.26 -31.93
CA GLN D 74 -18.50 46.22 -31.68
C GLN D 74 -17.87 47.55 -31.91
N LEU D 75 -17.57 48.22 -30.80
CA LEU D 75 -16.95 49.54 -30.84
C LEU D 75 -15.46 49.45 -30.65
N VAL D 76 -14.72 49.97 -31.60
CA VAL D 76 -13.27 49.85 -31.62
C VAL D 76 -12.64 51.22 -31.46
N THR D 77 -11.65 51.29 -30.56
CA THR D 77 -10.88 52.46 -30.26
C THR D 77 -9.40 52.17 -30.44
N GLY D 78 -8.69 53.08 -31.07
CA GLY D 78 -7.27 52.95 -31.28
C GLY D 78 -6.73 53.66 -32.48
N GLN D 79 -5.46 53.40 -32.74
CA GLN D 79 -4.68 53.96 -33.84
C GLN D 79 -3.39 53.18 -33.96
N SER D 80 -2.67 53.40 -35.06
CA SER D 80 -1.34 52.83 -35.37
C SER D 80 -1.27 51.31 -35.18
N GLY D 81 -2.31 50.62 -35.63
CA GLY D 81 -2.36 49.16 -35.62
C GLY D 81 -2.71 48.50 -34.30
N LEU D 82 -2.98 49.32 -33.24
CA LEU D 82 -3.33 48.84 -31.89
C LEU D 82 -4.70 49.36 -31.48
N PHE D 83 -5.62 48.43 -31.25
CA PHE D 83 -7.01 48.77 -30.95
C PHE D 83 -7.59 47.94 -29.81
N THR D 84 -8.63 48.50 -29.17
CA THR D 84 -9.40 47.86 -28.12
C THR D 84 -10.85 47.83 -28.59
N GLN D 85 -11.43 46.63 -28.56
CA GLN D 85 -12.80 46.41 -28.92
C GLN D 85 -13.69 46.31 -27.66
N TYR D 86 -14.76 47.09 -27.65
CA TYR D 86 -15.76 47.16 -26.59
C TYR D 86 -17.06 46.62 -27.15
N ASN D 87 -17.65 45.64 -26.47
CA ASN D 87 -18.90 45.02 -26.87
C ASN D 87 -20.08 45.68 -26.15
N ILE D 88 -21.08 46.12 -26.92
CA ILE D 88 -22.28 46.77 -26.39
C ILE D 88 -23.43 45.83 -26.70
N GLN D 89 -24.05 45.24 -25.68
CA GLN D 89 -25.17 44.33 -25.89
C GLN D 89 -26.39 45.12 -26.34
N LYS D 90 -26.94 44.69 -27.47
CA LYS D 90 -28.14 45.26 -28.08
C LYS D 90 -29.31 44.31 -27.77
N LYS D 91 -30.56 44.74 -27.99
CA LYS D 91 -31.69 43.85 -27.72
C LYS D 91 -31.77 42.68 -28.74
N ALA D 92 -32.47 41.59 -28.36
CA ALA D 92 -32.66 40.39 -29.20
C ALA D 92 -33.24 40.73 -30.57
N MET D 93 -32.81 40.00 -31.58
CA MET D 93 -33.28 40.19 -32.94
C MET D 93 -33.28 38.86 -33.69
N THR D 94 -34.10 38.75 -34.73
CA THR D 94 -34.15 37.54 -35.56
C THR D 94 -33.02 37.59 -36.59
N VAL D 95 -32.70 36.43 -37.22
CA VAL D 95 -31.71 36.32 -38.28
C VAL D 95 -32.17 37.23 -39.48
N ARG D 96 -33.48 37.36 -39.67
CA ARG D 96 -34.09 38.19 -40.70
C ARG D 96 -33.82 39.70 -40.45
N GLU D 97 -34.00 40.19 -39.19
CA GLU D 97 -33.73 41.59 -38.77
C GLU D 97 -32.22 41.88 -38.89
N PHE D 98 -31.38 40.86 -38.60
CA PHE D 98 -29.94 40.90 -38.65
C PHE D 98 -29.42 40.98 -40.09
N ARG D 99 -29.87 40.07 -40.96
CA ARG D 99 -29.51 40.02 -42.38
C ARG D 99 -29.88 41.36 -43.07
N LYS D 100 -30.99 41.99 -42.66
CA LYS D 100 -31.44 43.29 -43.18
C LYS D 100 -30.40 44.39 -42.90
N ILE D 101 -29.94 44.51 -41.64
CA ILE D 101 -28.93 45.49 -41.20
C ILE D 101 -27.59 45.19 -41.87
N ALA D 102 -27.20 43.91 -41.92
CA ALA D 102 -25.97 43.46 -42.54
C ALA D 102 -25.90 43.81 -44.03
N ASN D 103 -26.99 43.71 -44.75
CA ASN D 103 -26.97 43.96 -46.20
C ASN D 103 -27.36 45.39 -46.59
N SER D 104 -27.73 46.21 -45.62
CA SER D 104 -28.14 47.60 -45.80
C SER D 104 -26.93 48.45 -46.20
N ASP D 105 -27.17 49.57 -46.93
CA ASP D 105 -26.12 50.50 -47.40
C ASP D 105 -25.11 50.89 -46.31
N LYS D 106 -25.61 51.07 -45.08
CA LYS D 106 -24.84 51.47 -43.93
C LYS D 106 -23.77 50.43 -43.57
N TYR D 107 -24.14 49.13 -43.56
CA TYR D 107 -23.27 48.06 -43.10
C TYR D 107 -22.75 47.07 -44.13
N CYS D 108 -23.25 47.08 -45.36
CA CYS D 108 -22.79 46.15 -46.41
C CYS D 108 -21.28 46.22 -46.69
N THR D 109 -20.74 45.13 -47.25
CA THR D 109 -19.34 45.00 -47.64
C THR D 109 -19.03 46.02 -48.74
N PRO D 110 -17.87 46.72 -48.67
CA PRO D 110 -17.50 47.63 -49.77
C PRO D 110 -17.10 46.87 -51.03
N ARG D 111 -17.07 47.55 -52.20
CA ARG D 111 -16.66 46.91 -53.45
C ARG D 111 -15.15 46.66 -53.39
N TYR D 112 -14.71 45.50 -53.92
CA TYR D 112 -13.30 45.10 -53.89
C TYR D 112 -12.92 44.10 -54.97
N SER D 113 -11.65 44.17 -55.42
CA SER D 113 -11.06 43.29 -56.42
C SER D 113 -10.42 42.07 -55.70
N GLU D 114 -9.23 42.28 -55.11
CA GLU D 114 -8.48 41.24 -54.40
C GLU D 114 -8.74 41.30 -52.89
N PHE D 115 -8.36 40.23 -52.16
CA PHE D 115 -8.54 40.17 -50.70
C PHE D 115 -7.75 41.28 -50.00
N GLU D 116 -6.51 41.53 -50.49
CA GLU D 116 -5.57 42.51 -49.97
C GLU D 116 -6.22 43.85 -49.84
N GLU D 117 -7.10 44.20 -50.80
CA GLU D 117 -7.85 45.47 -50.84
C GLU D 117 -8.89 45.52 -49.72
N LEU D 118 -9.65 44.40 -49.54
CA LEU D 118 -10.64 44.25 -48.48
C LEU D 118 -9.96 44.27 -47.11
N GLU D 119 -8.82 43.57 -46.98
CA GLU D 119 -8.04 43.55 -45.76
C GLU D 119 -7.59 44.98 -45.40
N ARG D 120 -7.13 45.77 -46.40
CA ARG D 120 -6.73 47.16 -46.20
C ARG D 120 -7.91 48.02 -45.72
N LYS D 121 -9.12 47.82 -46.28
CA LYS D 121 -10.32 48.57 -45.91
C LYS D 121 -10.71 48.23 -44.50
N TYR D 122 -10.53 46.97 -44.11
CA TYR D 122 -10.86 46.56 -42.77
C TYR D 122 -10.00 47.29 -41.75
N TRP D 123 -8.66 47.25 -41.90
CA TRP D 123 -7.73 47.88 -40.96
C TRP D 123 -7.78 49.41 -41.00
N LYS D 124 -8.26 49.98 -42.10
CA LYS D 124 -8.40 51.43 -42.24
C LYS D 124 -9.72 51.89 -41.60
N ASN D 125 -10.76 51.03 -41.63
CA ASN D 125 -12.07 51.46 -41.16
C ASN D 125 -12.64 50.77 -39.93
N LEU D 126 -11.89 49.89 -39.26
CA LEU D 126 -12.45 49.12 -38.13
C LEU D 126 -12.99 49.96 -37.00
N THR D 127 -12.49 51.19 -36.82
CA THR D 127 -12.97 52.09 -35.76
C THR D 127 -14.22 52.87 -36.15
N PHE D 128 -14.58 52.87 -37.45
CA PHE D 128 -15.76 53.60 -37.94
C PHE D 128 -16.97 52.70 -38.09
N ASN D 129 -18.14 53.32 -38.04
CA ASN D 129 -19.44 52.68 -38.21
C ASN D 129 -19.52 51.31 -37.52
N PRO D 130 -19.51 51.27 -36.16
CA PRO D 130 -19.48 49.98 -35.45
C PRO D 130 -20.52 48.95 -35.91
N PRO D 131 -20.08 47.74 -36.34
CA PRO D 131 -21.05 46.76 -36.83
C PRO D 131 -21.71 45.98 -35.71
N ILE D 132 -22.78 45.22 -36.03
CA ILE D 132 -23.44 44.33 -35.07
C ILE D 132 -23.04 42.87 -35.34
N TYR D 133 -22.57 42.16 -34.30
CA TYR D 133 -22.17 40.75 -34.37
C TYR D 133 -23.21 39.91 -33.63
N GLY D 134 -23.88 38.98 -34.32
CA GLY D 134 -24.83 38.05 -33.73
C GLY D 134 -24.06 36.86 -33.20
N ALA D 135 -23.22 37.12 -32.18
CA ALA D 135 -22.27 36.18 -31.61
C ALA D 135 -22.79 35.35 -30.45
N ASP D 136 -22.14 34.17 -30.22
CA ASP D 136 -22.36 33.27 -29.07
C ASP D 136 -23.83 32.84 -28.87
N VAL D 137 -24.52 32.54 -29.98
CA VAL D 137 -25.92 32.08 -29.95
C VAL D 137 -25.83 30.60 -29.67
N ASN D 138 -26.34 30.13 -28.54
CA ASN D 138 -26.38 28.69 -28.21
C ASN D 138 -27.22 28.00 -29.24
N GLY D 139 -26.65 26.99 -29.87
CA GLY D 139 -27.35 26.24 -30.89
C GLY D 139 -26.47 25.66 -31.96
N THR D 140 -27.08 24.80 -32.76
CA THR D 140 -26.49 24.10 -33.89
C THR D 140 -27.36 24.26 -35.13
N LEU D 141 -26.75 24.19 -36.32
CA LEU D 141 -27.48 24.18 -37.58
C LEU D 141 -27.32 22.79 -38.21
N TYR D 142 -26.61 21.88 -37.51
CA TYR D 142 -26.47 20.50 -37.97
C TYR D 142 -27.79 19.75 -37.77
N GLU D 143 -28.11 18.86 -38.70
CA GLU D 143 -29.27 18.00 -38.59
C GLU D 143 -28.82 16.89 -37.64
N LYS D 144 -29.75 16.39 -36.80
CA LYS D 144 -29.49 15.38 -35.78
C LYS D 144 -28.77 14.13 -36.27
N HIS D 145 -29.16 13.56 -37.42
CA HIS D 145 -28.60 12.33 -37.99
C HIS D 145 -27.14 12.44 -38.55
N VAL D 146 -26.61 13.67 -38.74
CA VAL D 146 -25.27 13.90 -39.30
C VAL D 146 -24.15 13.48 -38.32
N ASP D 147 -23.56 12.30 -38.55
CA ASP D 147 -22.54 11.67 -37.71
C ASP D 147 -21.11 12.15 -37.93
N GLU D 148 -20.84 12.77 -39.11
CA GLU D 148 -19.49 13.22 -39.48
C GLU D 148 -19.23 14.68 -39.13
N TRP D 149 -18.21 14.92 -38.25
CA TRP D 149 -17.76 16.23 -37.77
C TRP D 149 -18.90 17.05 -37.19
N ASN D 150 -19.76 16.39 -36.40
CA ASN D 150 -20.89 17.05 -35.76
C ASN D 150 -20.42 17.88 -34.56
N ILE D 151 -20.43 19.19 -34.73
CA ILE D 151 -19.94 20.11 -33.71
C ILE D 151 -20.75 19.94 -32.42
N GLY D 152 -22.00 19.52 -32.56
CA GLY D 152 -22.84 19.27 -31.42
C GLY D 152 -22.32 18.12 -30.56
N ARG D 153 -21.81 17.08 -31.20
CA ARG D 153 -21.29 15.90 -30.51
C ARG D 153 -20.02 15.27 -31.07
N LEU D 154 -18.88 15.93 -30.93
CA LEU D 154 -17.61 15.41 -31.47
C LEU D 154 -17.06 14.13 -30.82
N ARG D 155 -17.39 13.95 -29.55
CA ARG D 155 -17.01 12.81 -28.69
C ARG D 155 -15.48 12.72 -28.50
N THR D 156 -14.88 13.82 -28.02
CA THR D 156 -13.46 13.84 -27.70
C THR D 156 -13.31 13.58 -26.18
N ILE D 157 -12.07 13.56 -25.68
CA ILE D 157 -11.82 13.37 -24.24
C ILE D 157 -12.34 14.58 -23.41
N LEU D 158 -12.71 15.71 -24.06
CA LEU D 158 -13.27 16.88 -23.39
C LEU D 158 -14.63 16.52 -22.74
N ASP D 159 -15.32 15.50 -23.28
CA ASP D 159 -16.59 14.95 -22.77
C ASP D 159 -16.48 14.46 -21.33
N LEU D 160 -15.25 14.18 -20.85
CA LEU D 160 -14.96 13.73 -19.48
C LEU D 160 -15.32 14.79 -18.42
N VAL D 161 -15.35 16.08 -18.81
CA VAL D 161 -15.74 17.21 -17.96
C VAL D 161 -17.21 17.02 -17.50
N GLU D 162 -18.11 16.68 -18.44
CA GLU D 162 -19.55 16.44 -18.18
C GLU D 162 -19.80 15.19 -17.32
N LYS D 163 -18.84 14.24 -17.24
CA LYS D 163 -18.95 13.01 -16.43
C LYS D 163 -17.90 13.00 -15.30
N GLU D 170 -21.27 24.34 -17.67
CA GLU D 170 -20.44 23.81 -18.74
C GLU D 170 -20.87 24.41 -20.06
N GLY D 171 -20.27 25.54 -20.41
CA GLY D 171 -20.59 26.22 -21.64
C GLY D 171 -19.60 25.97 -22.76
N VAL D 172 -18.66 25.05 -22.55
CA VAL D 172 -17.64 24.78 -23.55
C VAL D 172 -17.62 23.47 -24.35
N ASN D 173 -18.56 22.58 -24.13
CA ASN D 173 -18.62 21.34 -24.90
C ASN D 173 -19.83 21.46 -25.80
N THR D 174 -20.50 22.58 -25.60
CA THR D 174 -21.71 23.01 -26.32
C THR D 174 -21.37 23.85 -27.59
N PRO D 175 -22.19 23.80 -28.70
CA PRO D 175 -21.89 24.62 -29.89
C PRO D 175 -22.49 26.02 -29.81
N TYR D 176 -21.87 26.96 -30.51
CA TYR D 176 -22.31 28.34 -30.59
C TYR D 176 -22.35 28.76 -32.02
N LEU D 177 -23.37 29.61 -32.39
CA LEU D 177 -23.59 30.17 -33.73
C LEU D 177 -23.15 31.61 -33.77
N TYR D 178 -22.57 32.03 -34.88
CA TYR D 178 -22.07 33.39 -35.09
C TYR D 178 -22.58 33.87 -36.43
N PHE D 179 -23.44 34.88 -36.37
CA PHE D 179 -24.02 35.56 -37.51
C PHE D 179 -23.20 36.84 -37.69
N GLY D 180 -22.41 36.88 -38.75
CA GLY D 180 -21.53 38.00 -39.00
C GLY D 180 -22.06 38.95 -40.04
N MET D 181 -21.43 40.11 -40.10
CA MET D 181 -21.62 41.12 -41.13
C MET D 181 -20.26 41.69 -41.37
N TRP D 182 -20.12 42.53 -42.40
CA TRP D 182 -18.83 43.12 -42.75
C TRP D 182 -18.16 43.80 -41.56
N LYS D 183 -16.85 43.56 -41.37
CA LYS D 183 -16.06 44.27 -40.35
C LYS D 183 -16.28 43.78 -38.92
N THR D 184 -17.15 42.75 -38.69
CA THR D 184 -17.30 42.16 -37.36
C THR D 184 -16.00 41.38 -37.13
N SER D 185 -15.47 41.41 -35.92
CA SER D 185 -14.18 40.81 -35.63
C SER D 185 -14.04 39.96 -34.41
N PHE D 186 -13.03 39.10 -34.44
CA PHE D 186 -12.66 38.36 -33.25
C PHE D 186 -11.24 38.82 -32.93
N ALA D 187 -11.03 39.27 -31.71
CA ALA D 187 -9.75 39.78 -31.21
C ALA D 187 -8.70 38.69 -30.94
N TRP D 188 -7.45 39.09 -30.76
CA TRP D 188 -6.39 38.10 -30.50
C TRP D 188 -6.64 37.31 -29.24
N HIS D 189 -6.62 35.98 -29.37
CA HIS D 189 -6.82 35.12 -28.22
C HIS D 189 -6.47 33.67 -28.55
N THR D 190 -6.32 32.87 -27.50
CA THR D 190 -6.23 31.41 -27.56
C THR D 190 -7.58 30.99 -26.98
N GLU D 191 -7.94 29.74 -27.14
CA GLU D 191 -9.21 29.24 -26.58
C GLU D 191 -9.14 29.18 -25.07
N ASP D 192 -10.30 29.18 -24.41
CA ASP D 192 -10.34 29.06 -22.97
C ASP D 192 -9.75 27.68 -22.61
N MET D 193 -8.89 27.66 -21.56
CA MET D 193 -8.15 26.48 -21.07
C MET D 193 -7.13 25.99 -22.12
N ASP D 194 -6.82 26.85 -23.12
CA ASP D 194 -5.91 26.60 -24.26
C ASP D 194 -6.30 25.30 -25.00
N LEU D 195 -7.61 25.13 -25.23
CA LEU D 195 -8.21 23.98 -25.91
C LEU D 195 -8.11 24.17 -27.42
N TYR D 196 -8.57 23.18 -28.18
CA TYR D 196 -8.69 23.27 -29.62
C TYR D 196 -10.06 23.87 -29.88
N SER D 197 -10.30 24.28 -31.12
CA SER D 197 -11.62 24.69 -31.55
C SER D 197 -11.83 24.24 -32.97
N ILE D 198 -13.11 24.09 -33.32
CA ILE D 198 -13.58 23.75 -34.64
C ILE D 198 -14.55 24.85 -35.02
N ASN D 199 -14.39 25.36 -36.23
CA ASN D 199 -15.25 26.42 -36.76
C ASN D 199 -15.66 26.01 -38.17
N TYR D 200 -16.96 25.85 -38.38
CA TYR D 200 -17.52 25.54 -39.69
C TYR D 200 -18.29 26.76 -40.21
N LEU D 201 -18.03 27.16 -41.46
CA LEU D 201 -18.79 28.29 -42.03
C LEU D 201 -19.95 27.68 -42.76
N HIS D 202 -21.14 27.74 -42.16
CA HIS D 202 -22.36 27.17 -42.73
C HIS D 202 -22.70 27.79 -44.08
N PHE D 203 -22.73 29.12 -44.13
CA PHE D 203 -23.08 29.83 -45.35
C PHE D 203 -22.59 31.27 -45.32
N GLY D 204 -22.72 31.93 -46.46
CA GLY D 204 -22.44 33.36 -46.55
C GLY D 204 -21.08 33.76 -47.04
N GLU D 205 -20.76 35.02 -46.75
CA GLU D 205 -19.53 35.67 -47.14
C GLU D 205 -18.35 35.15 -46.33
N PRO D 206 -17.10 35.22 -46.86
CA PRO D 206 -15.98 34.61 -46.13
C PRO D 206 -15.65 35.18 -44.75
N LYS D 207 -14.80 34.45 -44.02
CA LYS D 207 -14.25 34.83 -42.72
C LYS D 207 -12.71 34.72 -42.86
N SER D 208 -12.00 35.85 -42.65
CA SER D 208 -10.52 35.88 -42.73
C SER D 208 -9.91 35.76 -41.34
N TRP D 209 -8.83 35.00 -41.27
CA TRP D 209 -8.12 34.65 -40.04
C TRP D 209 -6.66 35.00 -40.15
N TYR D 210 -6.09 35.33 -38.97
CA TYR D 210 -4.67 35.52 -38.72
C TYR D 210 -4.34 34.56 -37.61
N SER D 211 -3.17 33.96 -37.66
CA SER D 211 -2.73 33.06 -36.60
C SER D 211 -1.27 33.29 -36.30
N VAL D 212 -0.88 33.14 -35.02
CA VAL D 212 0.51 33.16 -34.57
C VAL D 212 0.87 31.70 -34.19
N PRO D 213 1.96 31.09 -34.69
CA PRO D 213 2.29 29.72 -34.25
C PRO D 213 2.37 29.57 -32.70
N PRO D 214 1.84 28.47 -32.07
CA PRO D 214 2.03 28.33 -30.60
C PRO D 214 3.47 28.53 -30.08
N GLU D 215 4.50 28.22 -30.89
CA GLU D 215 5.90 28.42 -30.44
C GLU D 215 6.32 29.89 -30.37
N HIS D 216 5.49 30.82 -30.89
CA HIS D 216 5.74 32.26 -30.87
C HIS D 216 4.74 33.05 -30.01
N GLY D 217 3.72 32.37 -29.48
CA GLY D 217 2.67 32.92 -28.63
C GLY D 217 3.12 33.75 -27.45
N LYS D 218 4.24 33.38 -26.79
CA LYS D 218 4.79 34.13 -25.66
C LYS D 218 5.36 35.47 -26.12
N ARG D 219 5.82 35.55 -27.38
CA ARG D 219 6.31 36.78 -28.01
C ARG D 219 5.14 37.71 -28.26
N LEU D 220 3.97 37.16 -28.65
CA LEU D 220 2.78 37.99 -28.86
C LEU D 220 2.32 38.56 -27.53
N GLU D 221 2.20 37.72 -26.48
CA GLU D 221 1.81 38.12 -25.12
C GLU D 221 2.73 39.26 -24.58
N ARG D 222 4.06 39.10 -24.74
CA ARG D 222 5.05 40.11 -24.32
C ARG D 222 4.86 41.43 -25.06
N LEU D 223 4.60 41.36 -26.35
CA LEU D 223 4.31 42.56 -27.14
C LEU D 223 3.05 43.31 -26.61
N ALA D 224 1.92 42.56 -26.45
CA ALA D 224 0.63 43.08 -26.00
C ALA D 224 0.75 43.72 -24.62
N LYS D 225 1.55 43.11 -23.72
CA LYS D 225 1.85 43.59 -22.37
C LYS D 225 2.59 44.94 -22.44
N GLY D 226 3.54 45.06 -23.37
CA GLY D 226 4.29 46.29 -23.60
C GLY D 226 3.41 47.44 -24.08
N PHE D 227 2.35 47.14 -24.87
CA PHE D 227 1.40 48.11 -25.43
C PHE D 227 0.24 48.46 -24.53
N PHE D 228 -0.21 47.50 -23.71
CA PHE D 228 -1.34 47.69 -22.79
C PHE D 228 -0.85 47.36 -21.38
N PRO D 229 0.06 48.20 -20.79
CA PRO D 229 0.58 47.91 -19.45
C PRO D 229 -0.46 48.04 -18.33
N GLY D 230 -1.46 48.90 -18.51
CA GLY D 230 -2.55 49.11 -17.56
C GLY D 230 -3.42 47.88 -17.43
N SER D 231 -3.79 47.27 -18.60
CA SER D 231 -4.58 46.04 -18.74
C SER D 231 -3.82 44.83 -18.17
N ALA D 232 -2.48 44.78 -18.41
CA ALA D 232 -1.58 43.72 -17.95
C ALA D 232 -1.44 43.69 -16.43
N GLN D 233 -1.31 44.88 -15.79
CA GLN D 233 -1.21 45.00 -14.33
C GLN D 233 -2.53 44.56 -13.67
N SER D 234 -3.67 44.92 -14.30
CA SER D 234 -5.05 44.60 -13.85
C SER D 234 -5.36 43.09 -13.95
N CYS D 235 -4.89 42.44 -15.05
CA CYS D 235 -5.11 41.03 -15.34
C CYS D 235 -3.92 40.50 -16.13
N GLU D 236 -3.26 39.43 -15.63
CA GLU D 236 -2.12 38.81 -16.33
C GLU D 236 -2.57 38.29 -17.71
N ALA D 237 -3.73 37.60 -17.74
CA ALA D 237 -4.30 37.00 -18.92
C ALA D 237 -5.34 37.90 -19.62
N PHE D 238 -5.04 39.21 -19.79
CA PHE D 238 -5.96 40.21 -20.36
C PHE D 238 -6.35 39.90 -21.82
N LEU D 239 -5.53 39.13 -22.58
CA LEU D 239 -5.89 38.78 -23.95
C LEU D 239 -7.12 37.87 -23.99
N ARG D 240 -7.39 37.15 -22.87
CA ARG D 240 -8.54 36.26 -22.68
C ARG D 240 -9.87 37.04 -22.67
N HIS D 241 -9.80 38.39 -22.46
CA HIS D 241 -10.97 39.28 -22.50
C HIS D 241 -11.44 39.42 -23.95
N LYS D 242 -10.57 39.04 -24.93
CA LYS D 242 -10.83 39.05 -26.38
C LYS D 242 -11.25 40.47 -26.84
N MET D 243 -10.45 41.46 -26.45
CA MET D 243 -10.68 42.88 -26.73
C MET D 243 -9.53 43.51 -27.49
N THR D 244 -8.41 42.84 -27.60
CA THR D 244 -7.20 43.40 -28.20
C THR D 244 -7.06 43.01 -29.66
N LEU D 245 -7.03 44.04 -30.53
CA LEU D 245 -6.86 43.91 -31.96
C LEU D 245 -5.51 44.48 -32.31
N ILE D 246 -4.70 43.71 -33.08
CA ILE D 246 -3.32 44.06 -33.48
C ILE D 246 -3.18 43.79 -34.97
N SER D 247 -2.87 44.82 -35.78
CA SER D 247 -2.77 44.70 -37.23
C SER D 247 -1.58 43.86 -37.71
N PRO D 248 -1.65 43.19 -38.91
CA PRO D 248 -0.50 42.39 -39.39
C PRO D 248 0.79 43.22 -39.55
N LEU D 249 0.67 44.52 -39.84
CA LEU D 249 1.78 45.47 -39.94
C LEU D 249 2.48 45.68 -38.60
N MET D 250 1.71 45.67 -37.46
CA MET D 250 2.31 45.82 -36.13
C MET D 250 3.05 44.54 -35.81
N LEU D 251 2.46 43.36 -36.14
CA LEU D 251 3.10 42.08 -35.91
C LEU D 251 4.44 42.04 -36.69
N LYS D 252 4.42 42.45 -38.00
CA LYS D 252 5.61 42.47 -38.86
C LYS D 252 6.68 43.38 -38.25
N LYS D 253 6.28 44.61 -37.83
CA LYS D 253 7.15 45.60 -37.22
C LYS D 253 7.92 45.04 -35.99
N TYR D 254 7.22 44.26 -35.15
CA TYR D 254 7.76 43.72 -33.92
C TYR D 254 8.20 42.25 -34.00
N GLY D 255 8.46 41.78 -35.23
CA GLY D 255 8.99 40.46 -35.49
C GLY D 255 8.18 39.26 -35.05
N ILE D 256 6.83 39.37 -34.96
CA ILE D 256 5.94 38.27 -34.61
C ILE D 256 5.60 37.42 -35.88
N PRO D 257 6.06 36.14 -36.00
CA PRO D 257 5.66 35.36 -37.17
C PRO D 257 4.16 35.09 -37.08
N PHE D 258 3.48 35.17 -38.20
CA PHE D 258 2.04 34.94 -38.33
C PHE D 258 1.77 34.53 -39.77
N ASP D 259 0.57 34.01 -39.99
CA ASP D 259 0.09 33.62 -41.30
C ASP D 259 -1.35 34.01 -41.41
N LYS D 260 -1.84 34.14 -42.64
CA LYS D 260 -3.25 34.47 -42.87
C LYS D 260 -3.90 33.48 -43.83
N VAL D 261 -5.21 33.32 -43.65
CA VAL D 261 -6.04 32.42 -44.46
C VAL D 261 -7.47 32.94 -44.47
N THR D 262 -8.17 32.72 -45.59
CA THR D 262 -9.58 33.06 -45.77
C THR D 262 -10.38 31.77 -45.81
N GLN D 263 -11.35 31.65 -44.93
CA GLN D 263 -12.25 30.53 -44.83
C GLN D 263 -13.51 30.89 -45.63
N GLU D 264 -13.92 29.97 -46.53
CA GLU D 264 -15.11 30.18 -47.34
C GLU D 264 -16.21 29.27 -46.88
N ALA D 265 -17.48 29.58 -47.28
CA ALA D 265 -18.64 28.78 -46.92
C ALA D 265 -18.42 27.30 -47.24
N GLY D 266 -18.70 26.45 -46.25
CA GLY D 266 -18.57 25.01 -46.32
C GLY D 266 -17.20 24.47 -45.97
N GLU D 267 -16.38 25.31 -45.31
CA GLU D 267 -15.03 24.90 -44.89
C GLU D 267 -14.91 24.96 -43.38
N PHE D 268 -14.02 24.12 -42.85
CA PHE D 268 -13.68 24.04 -41.43
C PHE D 268 -12.35 24.68 -41.17
N MET D 269 -12.20 25.27 -39.97
CA MET D 269 -10.95 25.81 -39.44
C MET D 269 -10.76 25.15 -38.07
N ILE D 270 -9.54 24.65 -37.81
CA ILE D 270 -9.13 24.04 -36.56
C ILE D 270 -8.08 24.93 -35.97
N THR D 271 -8.25 25.27 -34.69
CA THR D 271 -7.28 26.06 -33.91
C THR D 271 -6.74 25.06 -32.94
N PHE D 272 -5.44 25.13 -32.71
CA PHE D 272 -4.73 24.16 -31.88
C PHE D 272 -4.40 24.77 -30.53
N PRO D 273 -4.12 23.94 -29.49
CA PRO D 273 -3.81 24.50 -28.17
C PRO D 273 -2.72 25.57 -28.20
N TYR D 274 -3.00 26.71 -27.55
CA TYR D 274 -2.13 27.87 -27.43
C TYR D 274 -1.85 28.55 -28.82
N GLY D 275 -2.75 28.31 -29.79
CA GLY D 275 -2.71 28.93 -31.11
C GLY D 275 -3.43 30.25 -31.08
N TYR D 276 -2.71 31.40 -31.04
CA TYR D 276 -3.34 32.72 -31.02
C TYR D 276 -3.92 33.01 -32.38
N HIS D 277 -5.20 33.45 -32.43
CA HIS D 277 -5.86 33.80 -33.68
C HIS D 277 -6.72 35.02 -33.50
N ALA D 278 -7.02 35.69 -34.64
CA ALA D 278 -7.83 36.88 -34.78
C ALA D 278 -8.35 36.88 -36.18
N GLY D 279 -9.33 37.72 -36.43
CA GLY D 279 -9.88 37.84 -37.76
C GLY D 279 -11.13 38.66 -37.89
N PHE D 280 -11.71 38.65 -39.08
CA PHE D 280 -12.91 39.41 -39.43
C PHE D 280 -13.78 38.71 -40.47
N ASN D 281 -15.04 39.09 -40.54
CA ASN D 281 -16.05 38.65 -41.48
C ASN D 281 -16.14 39.62 -42.62
N HIS D 282 -16.23 39.09 -43.85
CA HIS D 282 -16.34 39.87 -45.08
C HIS D 282 -17.74 40.38 -45.29
N GLY D 283 -18.73 39.70 -44.72
CA GLY D 283 -20.11 40.06 -44.98
C GLY D 283 -21.05 39.13 -44.27
N PHE D 284 -22.35 39.20 -44.59
CA PHE D 284 -23.34 38.35 -43.96
C PHE D 284 -22.99 36.87 -44.06
N ASN D 285 -22.91 36.22 -42.91
CA ASN D 285 -22.52 34.81 -42.86
C ASN D 285 -22.90 34.11 -41.56
N CYS D 286 -22.66 32.82 -41.51
CA CYS D 286 -23.03 32.04 -40.33
C CYS D 286 -22.04 30.93 -40.07
N ALA D 287 -21.39 30.93 -38.89
CA ALA D 287 -20.40 29.94 -38.47
C ALA D 287 -20.84 29.23 -37.23
N GLU D 288 -20.46 27.94 -37.10
CA GLU D 288 -20.74 27.15 -35.90
C GLU D 288 -19.42 26.77 -35.28
N SER D 289 -19.34 26.87 -33.96
CA SER D 289 -18.09 26.61 -33.26
C SER D 289 -18.26 25.93 -31.93
N THR D 290 -17.19 25.21 -31.50
CA THR D 290 -17.08 24.53 -30.21
C THR D 290 -15.61 24.21 -29.91
N ASN D 291 -15.36 23.82 -28.67
CA ASN D 291 -14.05 23.43 -28.21
C ASN D 291 -14.01 21.91 -28.17
N PHE D 292 -12.79 21.36 -28.31
CA PHE D 292 -12.53 19.92 -28.22
C PHE D 292 -11.14 19.72 -27.72
N ALA D 293 -10.79 18.49 -27.37
CA ALA D 293 -9.47 18.13 -26.85
C ALA D 293 -8.96 16.82 -27.42
N THR D 294 -7.65 16.61 -27.30
CA THR D 294 -6.93 15.38 -27.63
C THR D 294 -6.09 15.15 -26.37
N ARG D 295 -5.36 14.04 -26.31
CA ARG D 295 -4.49 13.73 -25.18
C ARG D 295 -3.36 14.78 -25.01
N ARG D 296 -2.88 15.35 -26.13
CA ARG D 296 -1.84 16.39 -26.15
C ARG D 296 -2.28 17.65 -25.35
N TRP D 297 -3.58 17.99 -25.40
CA TRP D 297 -4.16 19.15 -24.72
C TRP D 297 -4.00 19.14 -23.18
N ILE D 298 -4.05 17.97 -22.53
CA ILE D 298 -4.02 17.89 -21.06
C ILE D 298 -2.92 18.81 -20.46
N GLU D 299 -1.67 18.71 -20.96
CA GLU D 299 -0.56 19.54 -20.49
C GLU D 299 -0.83 21.03 -20.63
N TYR D 300 -1.44 21.45 -21.76
CA TYR D 300 -1.84 22.83 -22.03
C TYR D 300 -2.89 23.31 -21.02
N GLY D 301 -3.87 22.45 -20.69
CA GLY D 301 -4.92 22.74 -19.72
C GLY D 301 -4.37 22.94 -18.32
N LYS D 302 -3.39 22.09 -17.95
CA LYS D 302 -2.68 22.12 -16.67
C LYS D 302 -1.87 23.40 -16.51
N GLN D 303 -1.26 23.91 -17.60
CA GLN D 303 -0.37 25.08 -17.61
C GLN D 303 -1.01 26.41 -18.06
N ALA D 304 -2.30 26.40 -18.50
CA ALA D 304 -2.99 27.60 -18.99
C ALA D 304 -3.09 28.72 -17.95
N VAL D 305 -2.57 29.91 -18.31
CA VAL D 305 -2.63 31.11 -17.46
C VAL D 305 -4.03 31.71 -17.68
N LEU D 306 -4.85 31.71 -16.64
CA LEU D 306 -6.24 32.11 -16.71
C LEU D 306 -6.53 33.52 -16.28
N CYS D 307 -7.70 34.03 -16.71
CA CYS D 307 -8.19 35.35 -16.40
C CYS D 307 -8.58 35.41 -14.92
N SER D 308 -7.94 36.31 -14.17
CA SER D 308 -8.12 36.54 -12.74
C SER D 308 -9.39 37.36 -12.36
N CYS D 309 -9.96 38.15 -13.32
CA CYS D 309 -11.11 39.01 -13.10
C CYS D 309 -12.35 38.56 -13.87
N ASP D 312 -17.90 35.44 -17.45
CA ASP D 312 -18.03 34.54 -18.60
C ASP D 312 -16.66 33.97 -19.00
N MET D 313 -15.82 33.68 -17.95
CA MET D 313 -14.46 33.10 -18.00
C MET D 313 -14.47 31.61 -17.66
N VAL D 314 -14.20 30.76 -18.68
CA VAL D 314 -14.24 29.30 -18.56
C VAL D 314 -13.03 28.73 -17.83
N LYS D 315 -13.31 27.97 -16.76
CA LYS D 315 -12.30 27.25 -15.99
C LYS D 315 -12.74 25.79 -15.91
N ILE D 316 -11.80 24.87 -16.13
CA ILE D 316 -12.05 23.43 -16.08
C ILE D 316 -11.12 22.83 -15.03
N SER D 317 -11.65 21.96 -14.13
CA SER D 317 -10.83 21.26 -13.15
C SER D 317 -10.05 20.19 -13.93
N MET D 318 -8.71 20.26 -13.87
CA MET D 318 -7.84 19.36 -14.63
C MET D 318 -7.68 17.98 -14.00
N ASP D 319 -8.06 17.84 -12.72
CA ASP D 319 -7.98 16.64 -11.89
C ASP D 319 -8.38 15.33 -12.58
N VAL D 320 -9.58 15.30 -13.19
CA VAL D 320 -10.12 14.14 -13.88
C VAL D 320 -9.20 13.65 -15.04
N PHE D 321 -8.60 14.60 -15.81
CA PHE D 321 -7.71 14.30 -16.94
C PHE D 321 -6.38 13.74 -16.48
N VAL D 322 -5.84 14.35 -15.40
CA VAL D 322 -4.57 13.96 -14.78
C VAL D 322 -4.71 12.56 -14.14
N ARG D 323 -5.86 12.23 -13.49
CA ARG D 323 -6.12 10.90 -12.93
C ARG D 323 -6.17 9.83 -14.03
N LYS D 324 -6.92 10.08 -15.12
CA LYS D 324 -7.11 9.12 -16.21
C LYS D 324 -5.90 8.95 -17.14
N PHE D 325 -5.30 10.05 -17.63
CA PHE D 325 -4.22 9.96 -18.63
C PHE D 325 -2.80 10.14 -18.11
N GLN D 326 -2.64 10.67 -16.88
CA GLN D 326 -1.32 10.84 -16.25
C GLN D 326 -1.40 10.36 -14.79
N PRO D 327 -1.83 9.09 -14.48
CA PRO D 327 -1.94 8.68 -13.07
C PRO D 327 -0.63 8.76 -12.29
N GLU D 328 0.49 8.46 -12.98
CA GLU D 328 1.85 8.49 -12.43
C GLU D 328 2.25 9.88 -11.92
N ARG D 329 1.73 10.95 -12.57
CA ARG D 329 2.02 12.35 -12.29
C ARG D 329 1.07 13.00 -11.28
N TYR D 330 -0.09 12.35 -11.00
CA TYR D 330 -1.14 12.87 -10.11
C TYR D 330 -0.64 13.42 -8.76
N LYS D 331 0.23 12.67 -8.04
CA LYS D 331 0.78 13.11 -6.75
C LYS D 331 1.63 14.39 -6.89
N LEU D 332 2.66 14.37 -7.73
CA LEU D 332 3.52 15.54 -7.91
C LEU D 332 2.78 16.73 -8.49
N TRP D 333 1.79 16.50 -9.39
CA TRP D 333 1.00 17.59 -9.97
C TRP D 333 0.15 18.30 -8.92
N LYS D 334 -0.54 17.52 -8.06
CA LYS D 334 -1.38 18.05 -6.99
C LYS D 334 -0.53 18.84 -5.99
N ALA D 335 0.72 18.36 -5.74
CA ALA D 335 1.70 18.98 -4.85
C ALA D 335 2.27 20.28 -5.46
N GLY D 336 2.36 20.35 -6.78
CA GLY D 336 2.88 21.51 -7.50
C GLY D 336 4.30 21.29 -8.02
N LYS D 337 4.80 20.04 -7.91
CA LYS D 337 6.13 19.62 -8.35
C LYS D 337 6.21 19.21 -9.84
N ASP D 338 5.08 19.25 -10.58
CA ASP D 338 5.05 18.91 -12.00
C ASP D 338 5.62 20.06 -12.84
N ASN D 339 6.92 19.93 -13.19
CA ASN D 339 7.67 20.92 -13.94
C ASN D 339 7.72 20.68 -15.48
N THR D 340 6.84 19.78 -16.01
CA THR D 340 6.77 19.42 -17.45
C THR D 340 6.83 20.64 -18.36
N VAL D 341 7.73 20.60 -19.36
CA VAL D 341 7.91 21.69 -20.34
C VAL D 341 7.26 21.27 -21.67
N ILE D 342 6.31 22.08 -22.16
CA ILE D 342 5.62 21.78 -23.41
C ILE D 342 6.49 22.02 -24.65
N ASP D 343 6.56 21.00 -25.55
CA ASP D 343 7.20 21.08 -26.86
C ASP D 343 6.03 21.23 -27.84
N HIS D 344 5.84 22.46 -28.39
CA HIS D 344 4.73 22.78 -29.29
C HIS D 344 4.84 22.11 -30.67
N THR D 345 6.01 21.57 -31.02
CA THR D 345 6.24 20.92 -32.32
C THR D 345 5.78 19.43 -32.34
N LEU D 346 5.65 18.83 -31.14
CA LEU D 346 5.26 17.44 -31.00
C LEU D 346 3.79 17.19 -31.35
N PRO D 347 3.51 16.15 -32.17
CA PRO D 347 2.10 15.82 -32.46
C PRO D 347 1.47 15.04 -31.30
N THR D 348 0.12 14.97 -31.28
CA THR D 348 -0.63 14.25 -30.25
C THR D 348 -0.23 12.76 -30.23
N PRO D 349 -0.22 12.05 -29.05
CA PRO D 349 0.16 10.61 -29.07
C PRO D 349 -0.64 9.71 -30.01
N GLU D 350 -1.90 10.11 -30.33
CA GLU D 350 -2.85 9.42 -31.23
C GLU D 350 -2.37 9.38 -32.72
N ALA D 351 -1.42 10.30 -33.06
CA ALA D 351 -0.80 10.41 -34.38
C ALA D 351 0.24 9.29 -34.64
N ALA D 352 0.47 8.38 -33.66
CA ALA D 352 1.43 7.27 -33.73
C ALA D 352 1.26 6.34 -34.93
N GLU D 353 0.00 5.98 -35.26
CA GLU D 353 -0.33 5.09 -36.39
C GLU D 353 0.08 5.68 -37.77
N PHE D 354 0.32 6.99 -37.84
CA PHE D 354 0.72 7.72 -39.06
C PHE D 354 2.24 8.09 -39.07
N LEU D 355 2.98 7.69 -38.01
CA LEU D 355 4.40 7.98 -37.82
ZN ZN E . -21.41 4.35 8.38
ZN ZN F . -10.07 9.02 19.41
N6 FOW G . -19.58 -2.20 6.83
C10 FOW G . -10.87 4.72 5.82
C11 FOW G . -11.97 5.41 4.98
C12 FOW G . -13.30 4.70 5.09
C14 FOW G . -15.63 3.91 7.97
C15 FOW G . -17.11 3.66 7.96
C16 FOW G . -17.75 2.46 7.87
C20 FOW G . -22.27 0.24 6.96
C21 FOW G . -21.00 -0.33 6.99
C22 FOW G . -19.88 0.41 7.38
C23 FOW G . -18.56 -1.43 7.23
C24 FOW G . -20.82 -1.73 6.68
C25 FOW G . -12.78 3.86 7.26
O FOW G . -21.73 -2.45 6.27
C19 FOW G . -22.37 1.54 7.36
N4 FOW G . -21.34 2.30 7.74
N5 FOW G . -18.64 -0.16 7.48
C18 FOW G . -20.12 1.76 7.69
N2 FOW G . -19.07 2.69 7.85
N3 FOW G . -19.35 4.02 7.94
C17 FOW G . -18.16 4.60 8.01
C13 FOW G . -15.08 4.03 6.56
N1 FOW G . -13.75 4.63 6.49
C26 FOW G . -11.41 4.52 7.25
C1 FOW G . -10.45 3.39 5.21
C2 FOW G . -9.57 5.50 5.82
C4 FOW G . -8.49 4.67 5.60
C5 FOW G . -8.94 3.25 5.39
C3 FOW G . -9.39 6.87 6.00
C6 FOW G . -7.21 5.22 5.58
C8 FOW G . -7.03 6.57 5.78
C9 FOW G . -8.11 7.39 5.99
CL CL H . -19.45 -14.01 -6.18
ZN ZN I . 26.11 -13.86 -5.87
ZN ZN J . 19.28 -25.88 -14.77
N6 FOW K . 31.40 -16.88 -2.54
C10 FOW K . 21.93 -22.63 -1.09
C11 FOW K . 21.58 -21.20 -0.66
C12 FOW K . 22.70 -20.23 -0.92
C14 FOW K . 24.64 -19.20 -4.00
C15 FOW K . 25.34 -17.92 -4.34
C16 FOW K . 26.66 -17.63 -4.15
C20 FOW K . 29.99 -13.82 -3.80
C21 FOW K . 30.14 -15.14 -3.43
C22 FOW K . 29.16 -16.09 -3.74
C23 FOW K . 30.44 -17.74 -2.91
C24 FOW K . 31.34 -15.59 -2.76
C25 FOW K . 23.56 -21.55 -2.72
O FOW K . 32.21 -14.84 -2.37
C19 FOW K . 28.87 -13.46 -4.49
N4 FOW K . 27.88 -14.31 -4.78
N5 FOW K . 29.33 -17.41 -3.47
C18 FOW K . 28.02 -15.58 -4.38
N2 FOW K . 26.85 -16.35 -4.51
N3 FOW K . 25.70 -15.79 -4.97
C17 FOW K . 24.81 -16.74 -4.86
C13 FOW K . 24.09 -19.20 -2.59
N1 FOW K . 23.08 -20.22 -2.34
C26 FOW K . 22.48 -22.60 -2.54
C1 FOW K . 22.92 -23.27 -0.11
C2 FOW K . 20.73 -23.55 -0.98
C4 FOW K . 21.02 -24.70 -0.25
C5 FOW K . 22.45 -24.68 0.23
C3 FOW K . 19.48 -23.38 -1.53
C6 FOW K . 20.04 -25.68 -0.09
C8 FOW K . 18.79 -25.50 -0.65
C9 FOW K . 18.52 -24.36 -1.37
C1 GOL L . 43.63 -29.21 -15.31
O1 GOL L . 44.73 -28.37 -15.63
C2 GOL L . 42.31 -28.60 -15.73
O2 GOL L . 41.23 -29.39 -15.24
C3 GOL L . 42.26 -28.49 -17.24
O3 GOL L . 41.24 -27.66 -17.75
CL CL M . 40.71 -15.32 12.44
S DMS N . 30.61 -36.17 1.35
O DMS N . 31.84 -36.98 1.56
C1 DMS N . 29.84 -36.79 -0.12
C2 DMS N . 29.40 -36.70 2.53
S DMS O . 37.40 -2.74 -16.49
O DMS O . 36.70 -2.50 -17.77
C1 DMS O . 39.08 -3.04 -16.95
C2 DMS O . 37.53 -1.17 -15.68
ZN ZN P . 6.56 -22.19 28.81
ZN ZN Q . 1.39 -24.82 13.48
N6 FOW R . 4.39 -15.74 30.29
C10 FOW R . 9.86 -16.03 20.54
C11 FOW R . 10.90 -16.77 21.39
C12 FOW R . 10.41 -16.98 22.83
C14 FOW R . 7.37 -18.66 24.31
C15 FOW R . 7.09 -19.24 25.67
C16 FOW R . 6.35 -18.70 26.66
C20 FOW R . 5.38 -18.96 31.65
C21 FOW R . 5.19 -17.90 30.77
C22 FOW R . 5.44 -18.05 29.40
C23 FOW R . 4.65 -15.96 28.99
C24 FOW R . 4.65 -16.64 31.24
C25 FOW R . 8.13 -16.94 22.17
O FOW R . 4.47 -16.37 32.42
C19 FOW R . 5.79 -20.16 31.12
N4 FOW R . 6.04 -20.37 29.83
N5 FOW R . 5.17 -17.06 28.51
C18 FOW R . 5.91 -19.32 29.02
N2 FOW R . 6.42 -19.52 27.72
N3 FOW R . 7.17 -20.63 27.46
C17 FOW R . 7.57 -20.44 26.22
C13 FOW R . 8.76 -18.04 24.22
N1 FOW R . 9.16 -17.72 22.85
C26 FOW R . 8.48 -16.71 20.72
C1 FOW R . 9.81 -14.54 20.92
C2 FOW R . 10.26 -15.96 19.09
C4 FOW R . 10.12 -14.69 18.56
C5 FOW R . 9.69 -13.72 19.63
C3 FOW R . 10.69 -17.00 18.28
C6 FOW R . 10.40 -14.45 17.23
C8 FOW R . 10.83 -15.49 16.42
C9 FOW R . 10.97 -16.76 16.94
CL CL S . 8.21 -0.88 39.72
S DMS T . 16.16 -37.84 10.16
O DMS T . 15.82 -39.08 10.87
C1 DMS T . 15.12 -36.59 10.86
C2 DMS T . 17.73 -37.34 10.82
ZN ZN U . -11.10 31.28 -30.98
ZN ZN V . -9.00 39.13 -16.70
N6 FOW W . -16.21 34.85 -34.24
C10 FOW W . -19.24 32.00 -23.82
C11 FOW W . -18.84 30.68 -24.50
C12 FOW W . -18.22 30.90 -25.87
C14 FOW W . -15.34 32.95 -27.20
C15 FOW W . -14.48 32.73 -28.41
C16 FOW W . -14.65 33.25 -29.67
C20 FOW W . -13.40 32.60 -34.57
C21 FOW W . -14.43 33.36 -34.02
C22 FOW W . -14.54 33.51 -32.64
C23 FOW W . -16.25 34.96 -32.92
C24 FOW W . -15.36 34.06 -34.88
C25 FOW W . -17.47 33.08 -25.28
O FOW W . -15.41 33.90 -36.09
C19 FOW W . -12.50 32.02 -33.71
N4 FOW W . -12.58 32.11 -32.39
N5 FOW W . -15.48 34.33 -32.08
C18 FOW W . -13.59 32.80 -31.87
N2 FOW W . -13.74 32.68 -30.47
N3 FOW W . -12.92 31.82 -29.79
C17 FOW W . -13.39 31.86 -28.55
C13 FOW W . -16.42 31.88 -27.09
N1 FOW W . -17.06 31.77 -25.78
C26 FOW W . -18.05 32.98 -23.89
C1 FOW W . -20.49 32.63 -24.46
C2 FOW W . -19.70 31.77 -22.39
C4 FOW W . -20.82 32.54 -22.11
C5 FOW W . -21.27 33.30 -23.33
C3 FOW W . -19.16 30.95 -21.42
C6 FOW W . -21.37 32.50 -20.83
C8 FOW W . -20.82 31.69 -19.86
C9 FOW W . -19.71 30.90 -20.16
CL CL X . -29.17 31.87 -46.39
S DMS Y . -10.92 36.07 -50.76
O DMS Y . -9.86 35.83 -49.74
C1 DMS Y . -12.28 34.96 -50.55
C2 DMS Y . -11.67 37.62 -50.43
S DMS Z . 1.39 27.16 -22.13
O DMS Z . 1.10 28.60 -21.93
C1 DMS Z . -0.18 26.31 -22.19
C2 DMS Z . 1.90 26.96 -23.78
S DMS AA . -30.02 45.49 -23.62
O DMS AA . -29.21 44.55 -22.83
C1 DMS AA . -31.64 44.77 -23.65
C2 DMS AA . -30.32 46.84 -22.51
#